data_7BY2
# 
_entry.id   7BY2 
# 
_audit_conform.dict_name       mmcif_pdbx.dic 
_audit_conform.dict_version    5.397 
_audit_conform.dict_location   http://mmcif.pdb.org/dictionaries/ascii/mmcif_pdbx.dic 
# 
loop_
_database_2.database_id 
_database_2.database_code 
_database_2.pdbx_database_accession 
_database_2.pdbx_DOI 
PDB   7BY2         pdb_00007by2 10.2210/pdb7by2/pdb 
WWPDB D_1300016695 ?            ?                   
# 
loop_
_pdbx_audit_revision_history.ordinal 
_pdbx_audit_revision_history.data_content_type 
_pdbx_audit_revision_history.major_revision 
_pdbx_audit_revision_history.minor_revision 
_pdbx_audit_revision_history.revision_date 
1 'Structure model' 1 0 2021-04-28 
2 'Structure model' 1 1 2024-10-23 
# 
_pdbx_audit_revision_details.ordinal             1 
_pdbx_audit_revision_details.revision_ordinal    1 
_pdbx_audit_revision_details.data_content_type   'Structure model' 
_pdbx_audit_revision_details.provider            repository 
_pdbx_audit_revision_details.type                'Initial release' 
_pdbx_audit_revision_details.description         ? 
_pdbx_audit_revision_details.details             ? 
# 
loop_
_pdbx_audit_revision_group.ordinal 
_pdbx_audit_revision_group.revision_ordinal 
_pdbx_audit_revision_group.data_content_type 
_pdbx_audit_revision_group.group 
1 2 'Structure model' 'Data collection'     
2 2 'Structure model' 'Database references' 
3 2 'Structure model' 'Structure summary'   
# 
loop_
_pdbx_audit_revision_category.ordinal 
_pdbx_audit_revision_category.revision_ordinal 
_pdbx_audit_revision_category.data_content_type 
_pdbx_audit_revision_category.category 
1 2 'Structure model' chem_comp_atom            
2 2 'Structure model' chem_comp_bond            
3 2 'Structure model' database_2                
4 2 'Structure model' pdbx_entry_details        
5 2 'Structure model' pdbx_modification_feature 
# 
loop_
_pdbx_audit_revision_item.ordinal 
_pdbx_audit_revision_item.revision_ordinal 
_pdbx_audit_revision_item.data_content_type 
_pdbx_audit_revision_item.item 
1 2 'Structure model' '_database_2.pdbx_DOI'                         
2 2 'Structure model' '_database_2.pdbx_database_accession'          
3 2 'Structure model' '_pdbx_entry_details.has_protein_modification' 
# 
_pdbx_database_status.status_code                     REL 
_pdbx_database_status.status_code_sf                  REL 
_pdbx_database_status.status_code_mr                  ? 
_pdbx_database_status.entry_id                        7BY2 
_pdbx_database_status.recvd_initial_deposition_date   2020-04-21 
_pdbx_database_status.SG_entry                        N 
_pdbx_database_status.deposit_site                    PDBJ 
_pdbx_database_status.process_site                    PDBJ 
_pdbx_database_status.status_code_cs                  ? 
_pdbx_database_status.status_code_nmr_data            ? 
_pdbx_database_status.methods_development_category    ? 
_pdbx_database_status.pdb_format_compatible           Y 
# 
_audit_author.name               'Kang, S.M.' 
_audit_author.pdbx_ordinal       1 
_audit_author.identifier_ORCID   ? 
# 
_citation.abstract                  ? 
_citation.abstract_id_CAS           ? 
_citation.book_id_ISBN              ? 
_citation.book_publisher            ? 
_citation.book_publisher_city       ? 
_citation.book_title                ? 
_citation.coordinate_linkage        ? 
_citation.country                   ? 
_citation.database_id_Medline       ? 
_citation.details                   ? 
_citation.id                        primary 
_citation.journal_abbrev            'To Be Published' 
_citation.journal_id_ASTM           ? 
_citation.journal_id_CSD            0353 
_citation.journal_id_ISSN           ? 
_citation.journal_full              ? 
_citation.journal_issue             ? 
_citation.journal_volume            ? 
_citation.language                  ? 
_citation.page_first                ? 
_citation.page_last                 ? 
_citation.title                     'Toxin-antitoxin complex from Klebsiella pneumoniae' 
_citation.year                      ? 
_citation.database_id_CSD           ? 
_citation.pdbx_database_id_DOI      ? 
_citation.pdbx_database_id_PubMed   ? 
_citation.unpublished_flag          ? 
# 
_citation_author.citation_id        primary 
_citation_author.name               'Kang, S.M.' 
_citation_author.ordinal            1 
_citation_author.identifier_ORCID   ? 
# 
loop_
_entity.id 
_entity.type 
_entity.src_method 
_entity.pdbx_description 
_entity.formula_weight 
_entity.pdbx_number_of_molecules 
_entity.pdbx_ec 
_entity.pdbx_mutation 
_entity.pdbx_fragment 
_entity.details 
1 polymer man 'CopG family transcriptional regulator' 9799.104  1 ?       ? ? ? 
2 polymer man 'Ribonuclease VapC'                     14582.157 1 3.1.-.- ? ? ? 
3 water   nat water                                   18.015    9 ?       ? ? ? 
# 
loop_
_entity_name_com.entity_id 
_entity_name_com.name 
1 'Putative CopG-family DNA-binding protein,Ribbon-helix-helix domain-containing protein,YiiF protein' 
2 'RNase VapC,Toxin VapC'                                                                              
# 
loop_
_entity_poly.entity_id 
_entity_poly.type 
_entity_poly.nstd_linkage 
_entity_poly.nstd_monomer 
_entity_poly.pdbx_seq_one_letter_code 
_entity_poly.pdbx_seq_one_letter_code_can 
_entity_poly.pdbx_strand_id 
_entity_poly.pdbx_target_identifier 
1 'polypeptide(L)' no no  
;MSMMAERDMGRILLDLSDDVIQRLDDLKVQRNIPRAELLREAVEQYLEKQDRAKDTISSALGLWQDCEEDGMEYQRQLRK
EW
;
;MSMMAERDMGRILLDLSDDVIQRLDDLKVQRNIPRAELLREAVEQYLEKQDRAKDTISSALGLWQDCEEDGMEYQRQLRK
EW
;
A ? 
2 'polypeptide(L)' no yes 
;(MSE)TSGSALFDTNILIDLFSGRREAKQALEAWPPQNAISLITW(MSE)EV(MSE)VGAKKYHQEQRTR(MSE)ALSTF
NIINISQDIAERSVALRQEYKLKLPDAIILATAQLHRLELITRNTKDFAGIPGVVTPYEIHPE
;
;MTSGSALFDTNILIDLFSGRREAKQALEAWPPQNAISLITWMEVMVGAKKYHQEQRTRMALSTFNIINISQDIAERSVAL
RQEYKLKLPDAIILATAQLHRLELITRNTKDFAGIPGVVTPYEIHPE
;
B ? 
# 
_pdbx_entity_nonpoly.entity_id   3 
_pdbx_entity_nonpoly.name        water 
_pdbx_entity_nonpoly.comp_id     HOH 
# 
loop_
_entity_poly_seq.entity_id 
_entity_poly_seq.num 
_entity_poly_seq.mon_id 
_entity_poly_seq.hetero 
1 1   MET n 
1 2   SER n 
1 3   MET n 
1 4   MET n 
1 5   ALA n 
1 6   GLU n 
1 7   ARG n 
1 8   ASP n 
1 9   MET n 
1 10  GLY n 
1 11  ARG n 
1 12  ILE n 
1 13  LEU n 
1 14  LEU n 
1 15  ASP n 
1 16  LEU n 
1 17  SER n 
1 18  ASP n 
1 19  ASP n 
1 20  VAL n 
1 21  ILE n 
1 22  GLN n 
1 23  ARG n 
1 24  LEU n 
1 25  ASP n 
1 26  ASP n 
1 27  LEU n 
1 28  LYS n 
1 29  VAL n 
1 30  GLN n 
1 31  ARG n 
1 32  ASN n 
1 33  ILE n 
1 34  PRO n 
1 35  ARG n 
1 36  ALA n 
1 37  GLU n 
1 38  LEU n 
1 39  LEU n 
1 40  ARG n 
1 41  GLU n 
1 42  ALA n 
1 43  VAL n 
1 44  GLU n 
1 45  GLN n 
1 46  TYR n 
1 47  LEU n 
1 48  GLU n 
1 49  LYS n 
1 50  GLN n 
1 51  ASP n 
1 52  ARG n 
1 53  ALA n 
1 54  LYS n 
1 55  ASP n 
1 56  THR n 
1 57  ILE n 
1 58  SER n 
1 59  SER n 
1 60  ALA n 
1 61  LEU n 
1 62  GLY n 
1 63  LEU n 
1 64  TRP n 
1 65  GLN n 
1 66  ASP n 
1 67  CYS n 
1 68  GLU n 
1 69  GLU n 
1 70  ASP n 
1 71  GLY n 
1 72  MET n 
1 73  GLU n 
1 74  TYR n 
1 75  GLN n 
1 76  ARG n 
1 77  GLN n 
1 78  LEU n 
1 79  ARG n 
1 80  LYS n 
1 81  GLU n 
1 82  TRP n 
2 1   MSE n 
2 2   THR n 
2 3   SER n 
2 4   GLY n 
2 5   SER n 
2 6   ALA n 
2 7   LEU n 
2 8   PHE n 
2 9   ASP n 
2 10  THR n 
2 11  ASN n 
2 12  ILE n 
2 13  LEU n 
2 14  ILE n 
2 15  ASP n 
2 16  LEU n 
2 17  PHE n 
2 18  SER n 
2 19  GLY n 
2 20  ARG n 
2 21  ARG n 
2 22  GLU n 
2 23  ALA n 
2 24  LYS n 
2 25  GLN n 
2 26  ALA n 
2 27  LEU n 
2 28  GLU n 
2 29  ALA n 
2 30  TRP n 
2 31  PRO n 
2 32  PRO n 
2 33  GLN n 
2 34  ASN n 
2 35  ALA n 
2 36  ILE n 
2 37  SER n 
2 38  LEU n 
2 39  ILE n 
2 40  THR n 
2 41  TRP n 
2 42  MSE n 
2 43  GLU n 
2 44  VAL n 
2 45  MSE n 
2 46  VAL n 
2 47  GLY n 
2 48  ALA n 
2 49  LYS n 
2 50  LYS n 
2 51  TYR n 
2 52  HIS n 
2 53  GLN n 
2 54  GLU n 
2 55  GLN n 
2 56  ARG n 
2 57  THR n 
2 58  ARG n 
2 59  MSE n 
2 60  ALA n 
2 61  LEU n 
2 62  SER n 
2 63  THR n 
2 64  PHE n 
2 65  ASN n 
2 66  ILE n 
2 67  ILE n 
2 68  ASN n 
2 69  ILE n 
2 70  SER n 
2 71  GLN n 
2 72  ASP n 
2 73  ILE n 
2 74  ALA n 
2 75  GLU n 
2 76  ARG n 
2 77  SER n 
2 78  VAL n 
2 79  ALA n 
2 80  LEU n 
2 81  ARG n 
2 82  GLN n 
2 83  GLU n 
2 84  TYR n 
2 85  LYS n 
2 86  LEU n 
2 87  LYS n 
2 88  LEU n 
2 89  PRO n 
2 90  ASP n 
2 91  ALA n 
2 92  ILE n 
2 93  ILE n 
2 94  LEU n 
2 95  ALA n 
2 96  THR n 
2 97  ALA n 
2 98  GLN n 
2 99  LEU n 
2 100 HIS n 
2 101 ARG n 
2 102 LEU n 
2 103 GLU n 
2 104 LEU n 
2 105 ILE n 
2 106 THR n 
2 107 ARG n 
2 108 ASN n 
2 109 THR n 
2 110 LYS n 
2 111 ASP n 
2 112 PHE n 
2 113 ALA n 
2 114 GLY n 
2 115 ILE n 
2 116 PRO n 
2 117 GLY n 
2 118 VAL n 
2 119 VAL n 
2 120 THR n 
2 121 PRO n 
2 122 TYR n 
2 123 GLU n 
2 124 ILE n 
2 125 HIS n 
2 126 PRO n 
2 127 GLU n 
# 
loop_
_entity_src_gen.entity_id 
_entity_src_gen.pdbx_src_id 
_entity_src_gen.pdbx_alt_source_flag 
_entity_src_gen.pdbx_seq_type 
_entity_src_gen.pdbx_beg_seq_num 
_entity_src_gen.pdbx_end_seq_num 
_entity_src_gen.gene_src_common_name 
_entity_src_gen.gene_src_genus 
_entity_src_gen.pdbx_gene_src_gene 
_entity_src_gen.gene_src_species 
_entity_src_gen.gene_src_strain 
_entity_src_gen.gene_src_tissue 
_entity_src_gen.gene_src_tissue_fraction 
_entity_src_gen.gene_src_details 
_entity_src_gen.pdbx_gene_src_fragment 
_entity_src_gen.pdbx_gene_src_scientific_name 
_entity_src_gen.pdbx_gene_src_ncbi_taxonomy_id 
_entity_src_gen.pdbx_gene_src_variant 
_entity_src_gen.pdbx_gene_src_cell_line 
_entity_src_gen.pdbx_gene_src_atcc 
_entity_src_gen.pdbx_gene_src_organ 
_entity_src_gen.pdbx_gene_src_organelle 
_entity_src_gen.pdbx_gene_src_cell 
_entity_src_gen.pdbx_gene_src_cellular_location 
_entity_src_gen.host_org_common_name 
_entity_src_gen.pdbx_host_org_scientific_name 
_entity_src_gen.pdbx_host_org_ncbi_taxonomy_id 
_entity_src_gen.host_org_genus 
_entity_src_gen.pdbx_host_org_gene 
_entity_src_gen.pdbx_host_org_organ 
_entity_src_gen.host_org_species 
_entity_src_gen.pdbx_host_org_tissue 
_entity_src_gen.pdbx_host_org_tissue_fraction 
_entity_src_gen.pdbx_host_org_strain 
_entity_src_gen.pdbx_host_org_variant 
_entity_src_gen.pdbx_host_org_cell_line 
_entity_src_gen.pdbx_host_org_atcc 
_entity_src_gen.pdbx_host_org_culture_collection 
_entity_src_gen.pdbx_host_org_cell 
_entity_src_gen.pdbx_host_org_organelle 
_entity_src_gen.pdbx_host_org_cellular_location 
_entity_src_gen.pdbx_host_org_vector_type 
_entity_src_gen.pdbx_host_org_vector 
_entity_src_gen.host_org_details 
_entity_src_gen.expression_system_id 
_entity_src_gen.plasmid_name 
_entity_src_gen.plasmid_details 
_entity_src_gen.pdbx_description 
1 1 sample 'Biological sequence' 1 82  ? ? 
;yiiF, B4U21_30180, B4U25_36990, B4U61_14815, B6R99_17700, BANRA_02143, BANRA_02521, BANRA_02705, BL124_00012815, BN49_4676, C2U49_19540, C3F39_14645, C4Y50_020990, C7V41_25295, CK508_014375, DD581_07355, DD583_18720, DM059_31040, DM060_29565, DM062_35665, DM078_20205, EAO17_14145, EXT45_23360, F0330_15215, F1D54_19805, F3G17_14565, F3G25_25430, FAM29_17470, FAT93_13335, FCH06_017260, FXN60_10800, FXN67_21280, FZ928_20910, FZ929_16080, NCTC11679_05637, NCTC13443_00678, NCTC13635_03530, NCTC204_01866, NCTC8849_00074, NCTC9128_03825, NCTC9140_00751, NCTC9617_03579, NCTC9637_06504, SAMEA104567806_05449, SAMEA104567903_04890, SAMEA1712987_04768, SAMEA24002668_04178, SAMEA3531867_04820, SAMEA3649709_04060, SAMEA3673128_04237, SAMEA4364603_04577, SAMEA4873575_05060, SK89_02101
;
? ? ? ? ? ? 'Klebsiella pneumoniae' 573 ? ? ? ? ? ? ? ? 'Escherichia coli' 562 ? ? ? ? ? ? ? ? ? ? ? ? ? ? ? ? ? ? ? ? ? 
2 1 sample 'Biological sequence' 1 127 ? ? 
;vapC, B4U21_30185, B4U61_14820, B6R99_17695, BANRA_02522, BL124_00012810, BN49_4675, C1459_03020, C2U49_19545, C3F39_14640, C4Y50_020995, C7V41_25300, CK508_014380, DD581_07360, DM060_29570, DM078_20200, EAO17_14150, F1D54_19800, F3G25_25425, FAT93_13340, FCH06_017265, FXN60_10805, NCTC11679_05636, NCTC13443_00679, NCTC13465_05507, NCTC1936_00156, NCTC204_01865, NCTC8849_00075, NCTC9128_03826, SAMEA104567806_05448, SAMEA1712987_04767, SAMEA24002668_04177, SAMEA3531867_04819, SAMEA3649709_04059, SAMEA3673128_04238, SK89_02102
;
? ? ? ? ? ? 'Klebsiella pneumoniae' 573 ? ? ? ? ? ? ? ? 'Escherichia coli' 562 ? ? ? ? ? ? ? ? ? ? ? ? ? ? ? ? ? ? ? ? ? 
# 
loop_
_chem_comp.id 
_chem_comp.type 
_chem_comp.mon_nstd_flag 
_chem_comp.name 
_chem_comp.pdbx_synonyms 
_chem_comp.formula 
_chem_comp.formula_weight 
ALA 'L-peptide linking' y ALANINE          ? 'C3 H7 N O2'     89.093  
ARG 'L-peptide linking' y ARGININE         ? 'C6 H15 N4 O2 1' 175.209 
ASN 'L-peptide linking' y ASPARAGINE       ? 'C4 H8 N2 O3'    132.118 
ASP 'L-peptide linking' y 'ASPARTIC ACID'  ? 'C4 H7 N O4'     133.103 
CYS 'L-peptide linking' y CYSTEINE         ? 'C3 H7 N O2 S'   121.158 
GLN 'L-peptide linking' y GLUTAMINE        ? 'C5 H10 N2 O3'   146.144 
GLU 'L-peptide linking' y 'GLUTAMIC ACID'  ? 'C5 H9 N O4'     147.129 
GLY 'peptide linking'   y GLYCINE          ? 'C2 H5 N O2'     75.067  
HIS 'L-peptide linking' y HISTIDINE        ? 'C6 H10 N3 O2 1' 156.162 
HOH non-polymer         . WATER            ? 'H2 O'           18.015  
ILE 'L-peptide linking' y ISOLEUCINE       ? 'C6 H13 N O2'    131.173 
LEU 'L-peptide linking' y LEUCINE          ? 'C6 H13 N O2'    131.173 
LYS 'L-peptide linking' y LYSINE           ? 'C6 H15 N2 O2 1' 147.195 
MET 'L-peptide linking' y METHIONINE       ? 'C5 H11 N O2 S'  149.211 
MSE 'L-peptide linking' n SELENOMETHIONINE ? 'C5 H11 N O2 Se' 196.106 
PHE 'L-peptide linking' y PHENYLALANINE    ? 'C9 H11 N O2'    165.189 
PRO 'L-peptide linking' y PROLINE          ? 'C5 H9 N O2'     115.130 
SER 'L-peptide linking' y SERINE           ? 'C3 H7 N O3'     105.093 
THR 'L-peptide linking' y THREONINE        ? 'C4 H9 N O3'     119.119 
TRP 'L-peptide linking' y TRYPTOPHAN       ? 'C11 H12 N2 O2'  204.225 
TYR 'L-peptide linking' y TYROSINE         ? 'C9 H11 N O3'    181.189 
VAL 'L-peptide linking' y VALINE           ? 'C5 H11 N O2'    117.146 
# 
loop_
_pdbx_poly_seq_scheme.asym_id 
_pdbx_poly_seq_scheme.entity_id 
_pdbx_poly_seq_scheme.seq_id 
_pdbx_poly_seq_scheme.mon_id 
_pdbx_poly_seq_scheme.ndb_seq_num 
_pdbx_poly_seq_scheme.pdb_seq_num 
_pdbx_poly_seq_scheme.auth_seq_num 
_pdbx_poly_seq_scheme.pdb_mon_id 
_pdbx_poly_seq_scheme.auth_mon_id 
_pdbx_poly_seq_scheme.pdb_strand_id 
_pdbx_poly_seq_scheme.pdb_ins_code 
_pdbx_poly_seq_scheme.hetero 
A 1 1   MET 1   1   ?   ?   ?   A . n 
A 1 2   SER 2   2   ?   ?   ?   A . n 
A 1 3   MET 3   3   ?   ?   ?   A . n 
A 1 4   MET 4   4   ?   ?   ?   A . n 
A 1 5   ALA 5   5   ?   ?   ?   A . n 
A 1 6   GLU 6   6   ?   ?   ?   A . n 
A 1 7   ARG 7   7   ?   ?   ?   A . n 
A 1 8   ASP 8   8   ?   ?   ?   A . n 
A 1 9   MET 9   9   ?   ?   ?   A . n 
A 1 10  GLY 10  10  ?   ?   ?   A . n 
A 1 11  ARG 11  11  ?   ?   ?   A . n 
A 1 12  ILE 12  12  ?   ?   ?   A . n 
A 1 13  LEU 13  13  ?   ?   ?   A . n 
A 1 14  LEU 14  14  ?   ?   ?   A . n 
A 1 15  ASP 15  15  ?   ?   ?   A . n 
A 1 16  LEU 16  16  ?   ?   ?   A . n 
A 1 17  SER 17  17  ?   ?   ?   A . n 
A 1 18  ASP 18  18  ?   ?   ?   A . n 
A 1 19  ASP 19  19  ?   ?   ?   A . n 
A 1 20  VAL 20  20  ?   ?   ?   A . n 
A 1 21  ILE 21  21  ?   ?   ?   A . n 
A 1 22  GLN 22  22  ?   ?   ?   A . n 
A 1 23  ARG 23  23  ?   ?   ?   A . n 
A 1 24  LEU 24  24  ?   ?   ?   A . n 
A 1 25  ASP 25  25  ?   ?   ?   A . n 
A 1 26  ASP 26  26  ?   ?   ?   A . n 
A 1 27  LEU 27  27  ?   ?   ?   A . n 
A 1 28  LYS 28  28  ?   ?   ?   A . n 
A 1 29  VAL 29  29  ?   ?   ?   A . n 
A 1 30  GLN 30  30  ?   ?   ?   A . n 
A 1 31  ARG 31  31  ?   ?   ?   A . n 
A 1 32  ASN 32  32  ?   ?   ?   A . n 
A 1 33  ILE 33  33  ?   ?   ?   A . n 
A 1 34  PRO 34  34  ?   ?   ?   A . n 
A 1 35  ARG 35  35  35  ARG ARG A . n 
A 1 36  ALA 36  36  36  ALA ALA A . n 
A 1 37  GLU 37  37  37  GLU GLU A . n 
A 1 38  LEU 38  38  38  LEU LEU A . n 
A 1 39  LEU 39  39  39  LEU LEU A . n 
A 1 40  ARG 40  40  40  ARG ARG A . n 
A 1 41  GLU 41  41  41  GLU GLU A . n 
A 1 42  ALA 42  42  42  ALA ALA A . n 
A 1 43  VAL 43  43  43  VAL VAL A . n 
A 1 44  GLU 44  44  44  GLU GLU A . n 
A 1 45  GLN 45  45  45  GLN GLN A . n 
A 1 46  TYR 46  46  46  TYR TYR A . n 
A 1 47  LEU 47  47  47  LEU LEU A . n 
A 1 48  GLU 48  48  48  GLU GLU A . n 
A 1 49  LYS 49  49  49  LYS LYS A . n 
A 1 50  GLN 50  50  50  GLN GLN A . n 
A 1 51  ASP 51  51  51  ASP ASP A . n 
A 1 52  ARG 52  52  52  ARG ARG A . n 
A 1 53  ALA 53  53  53  ALA ALA A . n 
A 1 54  LYS 54  54  54  LYS LYS A . n 
A 1 55  ASP 55  55  55  ASP ASP A . n 
A 1 56  THR 56  56  56  THR THR A . n 
A 1 57  ILE 57  57  57  ILE ILE A . n 
A 1 58  SER 58  58  58  SER SER A . n 
A 1 59  SER 59  59  59  SER SER A . n 
A 1 60  ALA 60  60  60  ALA ALA A . n 
A 1 61  LEU 61  61  61  LEU LEU A . n 
A 1 62  GLY 62  62  62  GLY GLY A . n 
A 1 63  LEU 63  63  63  LEU LEU A . n 
A 1 64  TRP 64  64  64  TRP TRP A . n 
A 1 65  GLN 65  65  ?   ?   ?   A . n 
A 1 66  ASP 66  66  ?   ?   ?   A . n 
A 1 67  CYS 67  67  ?   ?   ?   A . n 
A 1 68  GLU 68  68  ?   ?   ?   A . n 
A 1 69  GLU 69  69  ?   ?   ?   A . n 
A 1 70  ASP 70  70  ?   ?   ?   A . n 
A 1 71  GLY 71  71  ?   ?   ?   A . n 
A 1 72  MET 72  72  ?   ?   ?   A . n 
A 1 73  GLU 73  73  ?   ?   ?   A . n 
A 1 74  TYR 74  74  ?   ?   ?   A . n 
A 1 75  GLN 75  75  ?   ?   ?   A . n 
A 1 76  ARG 76  76  ?   ?   ?   A . n 
A 1 77  GLN 77  77  ?   ?   ?   A . n 
A 1 78  LEU 78  78  ?   ?   ?   A . n 
A 1 79  ARG 79  79  ?   ?   ?   A . n 
A 1 80  LYS 80  80  ?   ?   ?   A . n 
A 1 81  GLU 81  81  ?   ?   ?   A . n 
A 1 82  TRP 82  82  ?   ?   ?   A . n 
B 2 1   MSE 1   1   ?   ?   ?   B . n 
B 2 2   THR 2   2   ?   ?   ?   B . n 
B 2 3   SER 3   3   ?   ?   ?   B . n 
B 2 4   GLY 4   4   ?   ?   ?   B . n 
B 2 5   SER 5   5   5   SER SER B . n 
B 2 6   ALA 6   6   6   ALA ALA B . n 
B 2 7   LEU 7   7   7   LEU LEU B . n 
B 2 8   PHE 8   8   8   PHE PHE B . n 
B 2 9   ASP 9   9   9   ASP ASP B . n 
B 2 10  THR 10  10  10  THR THR B . n 
B 2 11  ASN 11  11  11  ASN ASN B . n 
B 2 12  ILE 12  12  12  ILE ILE B . n 
B 2 13  LEU 13  13  13  LEU LEU B . n 
B 2 14  ILE 14  14  14  ILE ILE B . n 
B 2 15  ASP 15  15  15  ASP ASP B . n 
B 2 16  LEU 16  16  16  LEU LEU B . n 
B 2 17  PHE 17  17  17  PHE PHE B . n 
B 2 18  SER 18  18  18  SER SER B . n 
B 2 19  GLY 19  19  19  GLY GLY B . n 
B 2 20  ARG 20  20  20  ARG ARG B . n 
B 2 21  ARG 21  21  21  ARG ARG B . n 
B 2 22  GLU 22  22  22  GLU GLU B . n 
B 2 23  ALA 23  23  23  ALA ALA B . n 
B 2 24  LYS 24  24  24  LYS LYS B . n 
B 2 25  GLN 25  25  25  GLN GLN B . n 
B 2 26  ALA 26  26  26  ALA ALA B . n 
B 2 27  LEU 27  27  27  LEU LEU B . n 
B 2 28  GLU 28  28  28  GLU GLU B . n 
B 2 29  ALA 29  29  29  ALA ALA B . n 
B 2 30  TRP 30  30  30  TRP TRP B . n 
B 2 31  PRO 31  31  31  PRO PRO B . n 
B 2 32  PRO 32  32  32  PRO PRO B . n 
B 2 33  GLN 33  33  33  GLN GLN B . n 
B 2 34  ASN 34  34  34  ASN ASN B . n 
B 2 35  ALA 35  35  35  ALA ALA B . n 
B 2 36  ILE 36  36  36  ILE ILE B . n 
B 2 37  SER 37  37  37  SER SER B . n 
B 2 38  LEU 38  38  38  LEU LEU B . n 
B 2 39  ILE 39  39  39  ILE ILE B . n 
B 2 40  THR 40  40  40  THR THR B . n 
B 2 41  TRP 41  41  41  TRP TRP B . n 
B 2 42  MSE 42  42  42  MSE MSE B . n 
B 2 43  GLU 43  43  43  GLU GLU B . n 
B 2 44  VAL 44  44  44  VAL VAL B . n 
B 2 45  MSE 45  45  45  MSE MSE B . n 
B 2 46  VAL 46  46  46  VAL VAL B . n 
B 2 47  GLY 47  47  47  GLY GLY B . n 
B 2 48  ALA 48  48  48  ALA ALA B . n 
B 2 49  LYS 49  49  49  LYS LYS B . n 
B 2 50  LYS 50  50  50  LYS LYS B . n 
B 2 51  TYR 51  51  51  TYR TYR B . n 
B 2 52  HIS 52  52  52  HIS HIS B . n 
B 2 53  GLN 53  53  53  GLN GLN B . n 
B 2 54  GLU 54  54  54  GLU GLU B . n 
B 2 55  GLN 55  55  55  GLN GLN B . n 
B 2 56  ARG 56  56  56  ARG ARG B . n 
B 2 57  THR 57  57  57  THR THR B . n 
B 2 58  ARG 58  58  58  ARG ARG B . n 
B 2 59  MSE 59  59  59  MSE MSE B . n 
B 2 60  ALA 60  60  60  ALA ALA B . n 
B 2 61  LEU 61  61  61  LEU LEU B . n 
B 2 62  SER 62  62  62  SER SER B . n 
B 2 63  THR 63  63  63  THR THR B . n 
B 2 64  PHE 64  64  64  PHE PHE B . n 
B 2 65  ASN 65  65  65  ASN ASN B . n 
B 2 66  ILE 66  66  66  ILE ILE B . n 
B 2 67  ILE 67  67  67  ILE ILE B . n 
B 2 68  ASN 68  68  68  ASN ASN B . n 
B 2 69  ILE 69  69  69  ILE ILE B . n 
B 2 70  SER 70  70  70  SER SER B . n 
B 2 71  GLN 71  71  71  GLN GLN B . n 
B 2 72  ASP 72  72  72  ASP ASP B . n 
B 2 73  ILE 73  73  73  ILE ILE B . n 
B 2 74  ALA 74  74  74  ALA ALA B . n 
B 2 75  GLU 75  75  75  GLU GLU B . n 
B 2 76  ARG 76  76  76  ARG ARG B . n 
B 2 77  SER 77  77  77  SER SER B . n 
B 2 78  VAL 78  78  78  VAL VAL B . n 
B 2 79  ALA 79  79  79  ALA ALA B . n 
B 2 80  LEU 80  80  80  LEU LEU B . n 
B 2 81  ARG 81  81  81  ARG ARG B . n 
B 2 82  GLN 82  82  82  GLN GLN B . n 
B 2 83  GLU 83  83  83  GLU GLU B . n 
B 2 84  TYR 84  84  84  TYR TYR B . n 
B 2 85  LYS 85  85  85  LYS LYS B . n 
B 2 86  LEU 86  86  86  LEU LEU B . n 
B 2 87  LYS 87  87  87  LYS LYS B . n 
B 2 88  LEU 88  88  88  LEU LEU B . n 
B 2 89  PRO 89  89  89  PRO PRO B . n 
B 2 90  ASP 90  90  90  ASP ASP B . n 
B 2 91  ALA 91  91  91  ALA ALA B . n 
B 2 92  ILE 92  92  92  ILE ILE B . n 
B 2 93  ILE 93  93  93  ILE ILE B . n 
B 2 94  LEU 94  94  94  LEU LEU B . n 
B 2 95  ALA 95  95  95  ALA ALA B . n 
B 2 96  THR 96  96  96  THR THR B . n 
B 2 97  ALA 97  97  97  ALA ALA B . n 
B 2 98  GLN 98  98  98  GLN GLN B . n 
B 2 99  LEU 99  99  99  LEU LEU B . n 
B 2 100 HIS 100 100 100 HIS HIS B . n 
B 2 101 ARG 101 101 101 ARG ARG B . n 
B 2 102 LEU 102 102 102 LEU LEU B . n 
B 2 103 GLU 103 103 103 GLU GLU B . n 
B 2 104 LEU 104 104 104 LEU LEU B . n 
B 2 105 ILE 105 105 105 ILE ILE B . n 
B 2 106 THR 106 106 106 THR THR B . n 
B 2 107 ARG 107 107 107 ARG ARG B . n 
B 2 108 ASN 108 108 108 ASN ASN B . n 
B 2 109 THR 109 109 109 THR THR B . n 
B 2 110 LYS 110 110 110 LYS LYS B . n 
B 2 111 ASP 111 111 111 ASP ASP B . n 
B 2 112 PHE 112 112 112 PHE PHE B . n 
B 2 113 ALA 113 113 113 ALA ALA B . n 
B 2 114 GLY 114 114 114 GLY GLY B . n 
B 2 115 ILE 115 115 115 ILE ILE B . n 
B 2 116 PRO 116 116 116 PRO PRO B . n 
B 2 117 GLY 117 117 117 GLY GLY B . n 
B 2 118 VAL 118 118 118 VAL VAL B . n 
B 2 119 VAL 119 119 119 VAL VAL B . n 
B 2 120 THR 120 120 120 THR THR B . n 
B 2 121 PRO 121 121 121 PRO PRO B . n 
B 2 122 TYR 122 122 122 TYR TYR B . n 
B 2 123 GLU 123 123 123 GLU GLU B . n 
B 2 124 ILE 124 124 124 ILE ILE B . n 
B 2 125 HIS 125 125 ?   ?   ?   B . n 
B 2 126 PRO 126 126 ?   ?   ?   B . n 
B 2 127 GLU 127 127 ?   ?   ?   B . n 
# 
loop_
_pdbx_nonpoly_scheme.asym_id 
_pdbx_nonpoly_scheme.entity_id 
_pdbx_nonpoly_scheme.mon_id 
_pdbx_nonpoly_scheme.ndb_seq_num 
_pdbx_nonpoly_scheme.pdb_seq_num 
_pdbx_nonpoly_scheme.auth_seq_num 
_pdbx_nonpoly_scheme.pdb_mon_id 
_pdbx_nonpoly_scheme.auth_mon_id 
_pdbx_nonpoly_scheme.pdb_strand_id 
_pdbx_nonpoly_scheme.pdb_ins_code 
C 3 HOH 1 101 9  HOH HOH A . 
D 3 HOH 1 201 15 HOH HOH B . 
D 3 HOH 2 202 13 HOH HOH B . 
D 3 HOH 3 203 6  HOH HOH B . 
D 3 HOH 4 204 14 HOH HOH B . 
D 3 HOH 5 205 1  HOH HOH B . 
D 3 HOH 6 206 2  HOH HOH B . 
D 3 HOH 7 207 7  HOH HOH B . 
D 3 HOH 8 209 12 HOH HOH B . 
# 
loop_
_software.citation_id 
_software.classification 
_software.compiler_name 
_software.compiler_version 
_software.contact_author 
_software.contact_author_email 
_software.date 
_software.description 
_software.dependencies 
_software.hardware 
_software.language 
_software.location 
_software.mods 
_software.name 
_software.os 
_software.os_version 
_software.type 
_software.version 
_software.pdbx_ordinal 
? refinement       ? ? ? ? ? ? ? ? ? ? ? PHENIX   ? ? ? 1.18 1 
? 'data reduction' ? ? ? ? ? ? ? ? ? ? ? HKL-2000 ? ? ? .    2 
? 'data scaling'   ? ? ? ? ? ? ? ? ? ? ? HKL-2000 ? ? ? .    3 
? phasing          ? ? ? ? ? ? ? ? ? ? ? PHENIX   ? ? ? .    4 
# 
_cell.angle_alpha                  90.000 
_cell.angle_alpha_esd              ? 
_cell.angle_beta                   90.000 
_cell.angle_beta_esd               ? 
_cell.angle_gamma                  90.000 
_cell.angle_gamma_esd              ? 
_cell.entry_id                     7BY2 
_cell.details                      ? 
_cell.formula_units_Z              ? 
_cell.length_a                     79.200 
_cell.length_a_esd                 ? 
_cell.length_b                     110.323 
_cell.length_b_esd                 ? 
_cell.length_c                     59.703 
_cell.length_c_esd                 ? 
_cell.volume                       521659.834 
_cell.volume_esd                   ? 
_cell.Z_PDB                        8 
_cell.reciprocal_angle_alpha       ? 
_cell.reciprocal_angle_beta        ? 
_cell.reciprocal_angle_gamma       ? 
_cell.reciprocal_angle_alpha_esd   ? 
_cell.reciprocal_angle_beta_esd    ? 
_cell.reciprocal_angle_gamma_esd   ? 
_cell.reciprocal_length_a          ? 
_cell.reciprocal_length_b          ? 
_cell.reciprocal_length_c          ? 
_cell.reciprocal_length_a_esd      ? 
_cell.reciprocal_length_b_esd      ? 
_cell.reciprocal_length_c_esd      ? 
_cell.pdbx_unique_axis             ? 
# 
_symmetry.entry_id                         7BY2 
_symmetry.cell_setting                     ? 
_symmetry.Int_Tables_number                20 
_symmetry.space_group_name_Hall            'C 2c 2' 
_symmetry.space_group_name_H-M             'C 2 2 21' 
_symmetry.pdbx_full_space_group_name_H-M   ? 
# 
_exptl.absorpt_coefficient_mu     ? 
_exptl.absorpt_correction_T_max   ? 
_exptl.absorpt_correction_T_min   ? 
_exptl.absorpt_correction_type    ? 
_exptl.absorpt_process_details    ? 
_exptl.entry_id                   7BY2 
_exptl.crystals_number            1 
_exptl.details                    ? 
_exptl.method                     'X-RAY DIFFRACTION' 
_exptl.method_details             ? 
# 
_exptl_crystal.colour                      ? 
_exptl_crystal.density_diffrn              ? 
_exptl_crystal.density_Matthews            2.68 
_exptl_crystal.density_method              ? 
_exptl_crystal.density_percent_sol         54.10 
_exptl_crystal.description                 ? 
_exptl_crystal.F_000                       ? 
_exptl_crystal.id                          1 
_exptl_crystal.preparation                 ? 
_exptl_crystal.size_max                    ? 
_exptl_crystal.size_mid                    ? 
_exptl_crystal.size_min                    ? 
_exptl_crystal.size_rad                    ? 
_exptl_crystal.colour_lustre               ? 
_exptl_crystal.colour_modifier             ? 
_exptl_crystal.colour_primary              ? 
_exptl_crystal.density_meas                ? 
_exptl_crystal.density_meas_esd            ? 
_exptl_crystal.density_meas_gt             ? 
_exptl_crystal.density_meas_lt             ? 
_exptl_crystal.density_meas_temp           ? 
_exptl_crystal.density_meas_temp_esd       ? 
_exptl_crystal.density_meas_temp_gt        ? 
_exptl_crystal.density_meas_temp_lt        ? 
_exptl_crystal.pdbx_crystal_image_url      ? 
_exptl_crystal.pdbx_crystal_image_format   ? 
_exptl_crystal.pdbx_mosaicity              ? 
_exptl_crystal.pdbx_mosaicity_esd          ? 
# 
_exptl_crystal_grow.apparatus       ? 
_exptl_crystal_grow.atmosphere      ? 
_exptl_crystal_grow.crystal_id      1 
_exptl_crystal_grow.details         ? 
_exptl_crystal_grow.method          'VAPOR DIFFUSION, SITTING DROP' 
_exptl_crystal_grow.method_ref      ? 
_exptl_crystal_grow.pH              ? 
_exptl_crystal_grow.pressure        ? 
_exptl_crystal_grow.pressure_esd    ? 
_exptl_crystal_grow.seeding         ? 
_exptl_crystal_grow.seeding_ref     ? 
_exptl_crystal_grow.temp            293 
_exptl_crystal_grow.temp_details    ? 
_exptl_crystal_grow.temp_esd        ? 
_exptl_crystal_grow.time            ? 
_exptl_crystal_grow.pdbx_details    Tris 
_exptl_crystal_grow.pdbx_pH_range   ? 
# 
_diffrn.ambient_environment              ? 
_diffrn.ambient_temp                     193 
_diffrn.ambient_temp_details             ? 
_diffrn.ambient_temp_esd                 ? 
_diffrn.crystal_id                       1 
_diffrn.crystal_support                  ? 
_diffrn.crystal_treatment                ? 
_diffrn.details                          ? 
_diffrn.id                               1 
_diffrn.ambient_pressure                 ? 
_diffrn.ambient_pressure_esd             ? 
_diffrn.ambient_pressure_gt              ? 
_diffrn.ambient_pressure_lt              ? 
_diffrn.ambient_temp_gt                  ? 
_diffrn.ambient_temp_lt                  ? 
_diffrn.pdbx_serial_crystal_experiment   N 
# 
_diffrn_detector.details                      ? 
_diffrn_detector.detector                     CCD 
_diffrn_detector.diffrn_id                    1 
_diffrn_detector.type                         'ADSC QUANTUM 270' 
_diffrn_detector.area_resol_mean              ? 
_diffrn_detector.dtime                        ? 
_diffrn_detector.pdbx_frames_total            ? 
_diffrn_detector.pdbx_collection_time_total   ? 
_diffrn_detector.pdbx_collection_date         2017-11-03 
_diffrn_detector.pdbx_frequency               ? 
# 
_diffrn_radiation.collimation                      ? 
_diffrn_radiation.diffrn_id                        1 
_diffrn_radiation.filter_edge                      ? 
_diffrn_radiation.inhomogeneity                    ? 
_diffrn_radiation.monochromator                    ? 
_diffrn_radiation.polarisn_norm                    ? 
_diffrn_radiation.polarisn_ratio                   ? 
_diffrn_radiation.probe                            ? 
_diffrn_radiation.type                             ? 
_diffrn_radiation.xray_symbol                      ? 
_diffrn_radiation.wavelength_id                    1 
_diffrn_radiation.pdbx_monochromatic_or_laue_m_l   M 
_diffrn_radiation.pdbx_wavelength_list             ? 
_diffrn_radiation.pdbx_wavelength                  ? 
_diffrn_radiation.pdbx_diffrn_protocol             'SINGLE WAVELENGTH' 
_diffrn_radiation.pdbx_analyzer                    ? 
_diffrn_radiation.pdbx_scattering_type             x-ray 
# 
_diffrn_radiation_wavelength.id           1 
_diffrn_radiation_wavelength.wavelength   0.9794 
_diffrn_radiation_wavelength.wt           1.0 
# 
_diffrn_source.current                     ? 
_diffrn_source.details                     ? 
_diffrn_source.diffrn_id                   1 
_diffrn_source.power                       ? 
_diffrn_source.size                        ? 
_diffrn_source.source                      SYNCHROTRON 
_diffrn_source.target                      ? 
_diffrn_source.type                        'PAL/PLS BEAMLINE 5C (4A)' 
_diffrn_source.voltage                     ? 
_diffrn_source.take-off_angle              ? 
_diffrn_source.pdbx_wavelength_list        0.9794 
_diffrn_source.pdbx_wavelength             ? 
_diffrn_source.pdbx_synchrotron_beamline   '5C (4A)' 
_diffrn_source.pdbx_synchrotron_site       PAL/PLS 
# 
_reflns.B_iso_Wilson_estimate            ? 
_reflns.entry_id                         7BY2 
_reflns.data_reduction_details           ? 
_reflns.data_reduction_method            ? 
_reflns.d_resolution_high                2.6 
_reflns.d_resolution_low                 50 
_reflns.details                          ? 
_reflns.limit_h_max                      ? 
_reflns.limit_h_min                      ? 
_reflns.limit_k_max                      ? 
_reflns.limit_k_min                      ? 
_reflns.limit_l_max                      ? 
_reflns.limit_l_min                      ? 
_reflns.number_all                       ? 
_reflns.number_obs                       8245 
_reflns.observed_criterion               ? 
_reflns.observed_criterion_F_max         ? 
_reflns.observed_criterion_F_min         ? 
_reflns.observed_criterion_I_max         ? 
_reflns.observed_criterion_I_min         ? 
_reflns.observed_criterion_sigma_F       ? 
_reflns.observed_criterion_sigma_I       ? 
_reflns.percent_possible_obs             99.9 
_reflns.R_free_details                   ? 
_reflns.Rmerge_F_all                     ? 
_reflns.Rmerge_F_obs                     ? 
_reflns.Friedel_coverage                 ? 
_reflns.number_gt                        ? 
_reflns.threshold_expression             ? 
_reflns.pdbx_redundancy                  13.4 
_reflns.pdbx_Rmerge_I_obs                ? 
_reflns.pdbx_Rmerge_I_all                ? 
_reflns.pdbx_Rsym_value                  ? 
_reflns.pdbx_netI_over_av_sigmaI         ? 
_reflns.pdbx_netI_over_sigmaI            57.8 
_reflns.pdbx_res_netI_over_av_sigmaI_2   ? 
_reflns.pdbx_res_netI_over_sigmaI_2      ? 
_reflns.pdbx_chi_squared                 ? 
_reflns.pdbx_scaling_rejects             ? 
_reflns.pdbx_d_res_high_opt              ? 
_reflns.pdbx_d_res_low_opt               ? 
_reflns.pdbx_d_res_opt_method            ? 
_reflns.phase_calculation_details        ? 
_reflns.pdbx_Rrim_I_all                  ? 
_reflns.pdbx_Rpim_I_all                  0.054 
_reflns.pdbx_d_opt                       ? 
_reflns.pdbx_number_measured_all         ? 
_reflns.pdbx_diffrn_id                   1 
_reflns.pdbx_ordinal                     1 
_reflns.pdbx_CC_half                     ? 
_reflns.pdbx_CC_star                     ? 
_reflns.pdbx_R_split                     ? 
# 
_reflns_shell.d_res_high                  2.60 
_reflns_shell.d_res_low                   2.64 
_reflns_shell.meanI_over_sigI_all         ? 
_reflns_shell.meanI_over_sigI_obs         ? 
_reflns_shell.number_measured_all         ? 
_reflns_shell.number_measured_obs         ? 
_reflns_shell.number_possible             ? 
_reflns_shell.number_unique_all           ? 
_reflns_shell.number_unique_obs           397 
_reflns_shell.percent_possible_all        ? 
_reflns_shell.percent_possible_obs        ? 
_reflns_shell.Rmerge_F_all                ? 
_reflns_shell.Rmerge_F_obs                ? 
_reflns_shell.Rmerge_I_all                ? 
_reflns_shell.Rmerge_I_obs                ? 
_reflns_shell.meanI_over_sigI_gt          ? 
_reflns_shell.meanI_over_uI_all           ? 
_reflns_shell.meanI_over_uI_gt            ? 
_reflns_shell.number_measured_gt          ? 
_reflns_shell.number_unique_gt            ? 
_reflns_shell.percent_possible_gt         ? 
_reflns_shell.Rmerge_F_gt                 ? 
_reflns_shell.Rmerge_I_gt                 ? 
_reflns_shell.pdbx_redundancy             ? 
_reflns_shell.pdbx_Rsym_value             ? 
_reflns_shell.pdbx_chi_squared            ? 
_reflns_shell.pdbx_netI_over_sigmaI_all   ? 
_reflns_shell.pdbx_netI_over_sigmaI_obs   ? 
_reflns_shell.pdbx_Rrim_I_all             ? 
_reflns_shell.pdbx_Rpim_I_all             0.0632 
_reflns_shell.pdbx_rejects                ? 
_reflns_shell.pdbx_ordinal                1 
_reflns_shell.pdbx_diffrn_id              1 
_reflns_shell.pdbx_CC_half                ? 
_reflns_shell.pdbx_CC_star                ? 
_reflns_shell.pdbx_R_split                ? 
# 
_refine.aniso_B[1][1]                            ? 
_refine.aniso_B[1][2]                            ? 
_refine.aniso_B[1][3]                            ? 
_refine.aniso_B[2][2]                            ? 
_refine.aniso_B[2][3]                            ? 
_refine.aniso_B[3][3]                            ? 
_refine.B_iso_max                                ? 
_refine.B_iso_mean                               75.43 
_refine.B_iso_min                                ? 
_refine.correlation_coeff_Fo_to_Fc               ? 
_refine.correlation_coeff_Fo_to_Fc_free          ? 
_refine.details                                  ? 
_refine.diff_density_max                         ? 
_refine.diff_density_max_esd                     ? 
_refine.diff_density_min                         ? 
_refine.diff_density_min_esd                     ? 
_refine.diff_density_rms                         ? 
_refine.diff_density_rms_esd                     ? 
_refine.entry_id                                 7BY2 
_refine.pdbx_refine_id                           'X-RAY DIFFRACTION' 
_refine.ls_abs_structure_details                 ? 
_refine.ls_abs_structure_Flack                   ? 
_refine.ls_abs_structure_Flack_esd               ? 
_refine.ls_abs_structure_Rogers                  ? 
_refine.ls_abs_structure_Rogers_esd              ? 
_refine.ls_d_res_high                            2.6 
_refine.ls_d_res_low                             50 
_refine.ls_extinction_coef                       ? 
_refine.ls_extinction_coef_esd                   ? 
_refine.ls_extinction_expression                 ? 
_refine.ls_extinction_method                     ? 
_refine.ls_goodness_of_fit_all                   ? 
_refine.ls_goodness_of_fit_all_esd               ? 
_refine.ls_goodness_of_fit_obs                   ? 
_refine.ls_goodness_of_fit_obs_esd               ? 
_refine.ls_hydrogen_treatment                    ? 
_refine.ls_matrix_type                           ? 
_refine.ls_number_constraints                    ? 
_refine.ls_number_parameters                     ? 
_refine.ls_number_reflns_all                     ? 
_refine.ls_number_reflns_obs                     8227 
_refine.ls_number_reflns_R_free                  382 
_refine.ls_number_reflns_R_work                  ? 
_refine.ls_number_restraints                     ? 
_refine.ls_percent_reflns_obs                    99.37 
_refine.ls_percent_reflns_R_free                 ? 
_refine.ls_R_factor_all                          ? 
_refine.ls_R_factor_obs                          ? 
_refine.ls_R_factor_R_free                       0.3201 
_refine.ls_R_factor_R_free_error                 ? 
_refine.ls_R_factor_R_free_error_details         ? 
_refine.ls_R_factor_R_work                       0.269 
_refine.ls_R_Fsqd_factor_obs                     ? 
_refine.ls_R_I_factor_obs                        ? 
_refine.ls_redundancy_reflns_all                 ? 
_refine.ls_redundancy_reflns_obs                 ? 
_refine.ls_restrained_S_all                      ? 
_refine.ls_restrained_S_obs                      ? 
_refine.ls_shift_over_esd_max                    ? 
_refine.ls_shift_over_esd_mean                   ? 
_refine.ls_structure_factor_coef                 ? 
_refine.ls_weighting_details                     ? 
_refine.ls_weighting_scheme                      ? 
_refine.ls_wR_factor_all                         ? 
_refine.ls_wR_factor_obs                         ? 
_refine.ls_wR_factor_R_free                      ? 
_refine.ls_wR_factor_R_work                      ? 
_refine.occupancy_max                            ? 
_refine.occupancy_min                            ? 
_refine.solvent_model_details                    ? 
_refine.solvent_model_param_bsol                 ? 
_refine.solvent_model_param_ksol                 ? 
_refine.pdbx_R_complete                          ? 
_refine.ls_R_factor_gt                           ? 
_refine.ls_goodness_of_fit_gt                    ? 
_refine.ls_goodness_of_fit_ref                   ? 
_refine.ls_shift_over_su_max                     ? 
_refine.ls_shift_over_su_max_lt                  ? 
_refine.ls_shift_over_su_mean                    ? 
_refine.ls_shift_over_su_mean_lt                 ? 
_refine.pdbx_ls_sigma_I                          ? 
_refine.pdbx_ls_sigma_F                          ? 
_refine.pdbx_ls_sigma_Fsqd                       ? 
_refine.pdbx_data_cutoff_high_absF               ? 
_refine.pdbx_data_cutoff_high_rms_absF           ? 
_refine.pdbx_data_cutoff_low_absF                ? 
_refine.pdbx_isotropic_thermal_model             ? 
_refine.pdbx_ls_cross_valid_method               'FREE R-VALUE' 
_refine.pdbx_method_to_determine_struct          SAD 
_refine.pdbx_starting_model                      ? 
_refine.pdbx_stereochemistry_target_values       ? 
_refine.pdbx_R_Free_selection_details            ? 
_refine.pdbx_stereochem_target_val_spec_case     ? 
_refine.pdbx_overall_ESU_R                       ? 
_refine.pdbx_overall_ESU_R_Free                  ? 
_refine.pdbx_solvent_vdw_probe_radii             ? 
_refine.pdbx_solvent_ion_probe_radii             ? 
_refine.pdbx_solvent_shrinkage_radii             ? 
_refine.pdbx_real_space_R                        ? 
_refine.pdbx_density_correlation                 ? 
_refine.pdbx_pd_number_of_powder_patterns        ? 
_refine.pdbx_pd_number_of_points                 ? 
_refine.pdbx_pd_meas_number_of_points            ? 
_refine.pdbx_pd_proc_ls_prof_R_factor            ? 
_refine.pdbx_pd_proc_ls_prof_wR_factor           ? 
_refine.pdbx_pd_Marquardt_correlation_coeff      ? 
_refine.pdbx_pd_Fsqrd_R_factor                   ? 
_refine.pdbx_pd_ls_matrix_band_width             ? 
_refine.pdbx_overall_phase_error                 ? 
_refine.pdbx_overall_SU_R_free_Cruickshank_DPI   ? 
_refine.pdbx_overall_SU_R_free_Blow_DPI          ? 
_refine.pdbx_overall_SU_R_Blow_DPI               ? 
_refine.pdbx_TLS_residual_ADP_flag               ? 
_refine.pdbx_diffrn_id                           1 
_refine.overall_SU_B                             ? 
_refine.overall_SU_ML                            ? 
_refine.overall_SU_R_Cruickshank_DPI             ? 
_refine.overall_SU_R_free                        ? 
_refine.overall_FOM_free_R_set                   ? 
_refine.overall_FOM_work_R_set                   ? 
_refine.pdbx_average_fsc_overall                 ? 
_refine.pdbx_average_fsc_work                    ? 
_refine.pdbx_average_fsc_free                    ? 
# 
_refine_hist.pdbx_refine_id                   'X-RAY DIFFRACTION' 
_refine_hist.cycle_id                         LAST 
_refine_hist.pdbx_number_atoms_protein        1205 
_refine_hist.pdbx_number_atoms_nucleic_acid   0 
_refine_hist.pdbx_number_atoms_ligand         0 
_refine_hist.number_atoms_solvent             15 
_refine_hist.number_atoms_total               1220 
_refine_hist.d_res_high                       2.6 
_refine_hist.d_res_low                        50 
# 
loop_
_refine_ls_restr.pdbx_refine_id 
_refine_ls_restr.criterion 
_refine_ls_restr.dev_ideal 
_refine_ls_restr.dev_ideal_target 
_refine_ls_restr.number 
_refine_ls_restr.rejects 
_refine_ls_restr.type 
_refine_ls_restr.weight 
_refine_ls_restr.pdbx_restraint_function 
'X-RAY DIFFRACTION' ? 0.0063  ? 1224 ? f_bond_d           ? ? 
'X-RAY DIFFRACTION' ? 1.4807  ? 1655 ? f_angle_d          ? ? 
'X-RAY DIFFRACTION' ? 0.0547  ? 192  ? f_chiral_restr     ? ? 
'X-RAY DIFFRACTION' ? 0.0041  ? 210  ? f_plane_restr      ? ? 
'X-RAY DIFFRACTION' ? 12.3553 ? 753  ? f_dihedral_angle_d ? ? 
# 
_refine_ls_shell.R_factor_R_free                  ? 
_refine_ls_shell.R_factor_R_free_error            ? 
_refine_ls_shell.R_factor_R_work                  ? 
_refine_ls_shell.R_factor_all                     ? 
_refine_ls_shell.R_factor_obs                     ? 
_refine_ls_shell.d_res_high                       2.60 
_refine_ls_shell.d_res_low                        2.64 
_refine_ls_shell.number_reflns_R_free             ? 
_refine_ls_shell.number_reflns_R_work             ? 
_refine_ls_shell.number_reflns_all                ? 
_refine_ls_shell.number_reflns_obs                397 
_refine_ls_shell.pdbx_R_complete                  ? 
_refine_ls_shell.pdbx_fsc_free                    ? 
_refine_ls_shell.pdbx_fsc_work                    ? 
_refine_ls_shell.pdbx_phase_error                 ? 
_refine_ls_shell.pdbx_refine_id                   'X-RAY DIFFRACTION' 
_refine_ls_shell.pdbx_total_number_of_bins_used   ? 
_refine_ls_shell.percent_reflns_R_free            ? 
_refine_ls_shell.percent_reflns_obs               100 
_refine_ls_shell.redundancy_reflns_all            ? 
_refine_ls_shell.redundancy_reflns_obs            ? 
_refine_ls_shell.wR_factor_R_free                 ? 
_refine_ls_shell.wR_factor_R_work                 ? 
_refine_ls_shell.wR_factor_all                    ? 
_refine_ls_shell.wR_factor_obs                    ? 
# 
_struct.entry_id                     7BY2 
_struct.title                        'Toxin-antitoxin complex from Klebsiella pneumoniae' 
_struct.pdbx_model_details           ? 
_struct.pdbx_formula_weight          ? 
_struct.pdbx_formula_weight_method   ? 
_struct.pdbx_model_type_details      ? 
_struct.pdbx_CASP_flag               N 
# 
_struct_keywords.entry_id        7BY2 
_struct_keywords.text            'protein complex, HYDROLASE' 
_struct_keywords.pdbx_keywords   HYDROLASE 
# 
loop_
_struct_asym.id 
_struct_asym.pdbx_blank_PDB_chainid_flag 
_struct_asym.pdbx_modified 
_struct_asym.entity_id 
_struct_asym.details 
A N N 1 ? 
B N N 2 ? 
C N N 3 ? 
D N N 3 ? 
# 
loop_
_struct_ref.id 
_struct_ref.db_name 
_struct_ref.db_code 
_struct_ref.pdbx_db_accession 
_struct_ref.pdbx_db_isoform 
_struct_ref.entity_id 
_struct_ref.pdbx_seq_one_letter_code 
_struct_ref.pdbx_align_begin 
1 UNP W9BQC4_KLEPN     W9BQC4     ? 1 
;MSMMAERDMGRILLDLSDDVIQRLDDLKVQRNIPRAELLREAVEQYLEKQDRAKDTISSALGLWQDCEEDGMEYQRQLRK
EW
;
1 
2 UNP A0A0W8AM92_KLEPN A0A0W8AM92 ? 2 
;MTSGSALFDTNILIDLFSGRREAKQALEAWPPQNAISLITWMEVMVGAKKYHQEQRTRMALSTFNIINISQDIAERSVAL
RQEYKLKLPDAIILATAQLHRLELITRNTKDFAGIPGVVTPYEIHPE
;
1 
# 
loop_
_struct_ref_seq.align_id 
_struct_ref_seq.ref_id 
_struct_ref_seq.pdbx_PDB_id_code 
_struct_ref_seq.pdbx_strand_id 
_struct_ref_seq.seq_align_beg 
_struct_ref_seq.pdbx_seq_align_beg_ins_code 
_struct_ref_seq.seq_align_end 
_struct_ref_seq.pdbx_seq_align_end_ins_code 
_struct_ref_seq.pdbx_db_accession 
_struct_ref_seq.db_align_beg 
_struct_ref_seq.pdbx_db_align_beg_ins_code 
_struct_ref_seq.db_align_end 
_struct_ref_seq.pdbx_db_align_end_ins_code 
_struct_ref_seq.pdbx_auth_seq_align_beg 
_struct_ref_seq.pdbx_auth_seq_align_end 
1 1 7BY2 A 1 ? 82  ? W9BQC4     1 ? 82  ? 1 82  
2 2 7BY2 B 1 ? 127 ? A0A0W8AM92 1 ? 127 ? 1 127 
# 
_pdbx_struct_assembly.id                   1 
_pdbx_struct_assembly.details              author_and_software_defined_assembly 
_pdbx_struct_assembly.method_details       PISA 
_pdbx_struct_assembly.oligomeric_details   tetrameric 
_pdbx_struct_assembly.oligomeric_count     4 
# 
loop_
_pdbx_struct_assembly_prop.biol_id 
_pdbx_struct_assembly_prop.type 
_pdbx_struct_assembly_prop.value 
_pdbx_struct_assembly_prop.details 
1 'ABSA (A^2)' 4840  ? 
1 MORE         -46   ? 
1 'SSA (A^2)'  16260 ? 
# 
_pdbx_struct_assembly_gen.assembly_id       1 
_pdbx_struct_assembly_gen.oper_expression   1,2 
_pdbx_struct_assembly_gen.asym_id_list      A,B,C,D 
# 
_pdbx_struct_assembly_auth_evidence.id                     1 
_pdbx_struct_assembly_auth_evidence.assembly_id            1 
_pdbx_struct_assembly_auth_evidence.experimental_support   none 
_pdbx_struct_assembly_auth_evidence.details                ? 
# 
loop_
_pdbx_struct_oper_list.id 
_pdbx_struct_oper_list.type 
_pdbx_struct_oper_list.name 
_pdbx_struct_oper_list.symmetry_operation 
_pdbx_struct_oper_list.matrix[1][1] 
_pdbx_struct_oper_list.matrix[1][2] 
_pdbx_struct_oper_list.matrix[1][3] 
_pdbx_struct_oper_list.vector[1] 
_pdbx_struct_oper_list.matrix[2][1] 
_pdbx_struct_oper_list.matrix[2][2] 
_pdbx_struct_oper_list.matrix[2][3] 
_pdbx_struct_oper_list.vector[2] 
_pdbx_struct_oper_list.matrix[3][1] 
_pdbx_struct_oper_list.matrix[3][2] 
_pdbx_struct_oper_list.matrix[3][3] 
_pdbx_struct_oper_list.vector[3] 
1 'identity operation'         1_555 x,y,z       1.0000000000  0.0000000000  0.0000000000 0.0000000000 0.0000000000  1.0000000000  0.0000000000  0.0000000000  0.0000000000 0.0000000000  1.0000000000 0.0000000000 
2 'crystal symmetry operation' 3_555 -x,y,-z+1/2 -0.4847644904 -0.0874449772 0.8702624689 1.3895085794 -0.0874449772 -0.9851589731 -0.1476996061 32.1131899825 0.8702624689 -0.1476996061 0.4699234636 2.4041172419 
# 
loop_
_struct_conf.conf_type_id 
_struct_conf.id 
_struct_conf.pdbx_PDB_helix_id 
_struct_conf.beg_label_comp_id 
_struct_conf.beg_label_asym_id 
_struct_conf.beg_label_seq_id 
_struct_conf.pdbx_beg_PDB_ins_code 
_struct_conf.end_label_comp_id 
_struct_conf.end_label_asym_id 
_struct_conf.end_label_seq_id 
_struct_conf.pdbx_end_PDB_ins_code 
_struct_conf.beg_auth_comp_id 
_struct_conf.beg_auth_asym_id 
_struct_conf.beg_auth_seq_id 
_struct_conf.end_auth_comp_id 
_struct_conf.end_auth_asym_id 
_struct_conf.end_auth_seq_id 
_struct_conf.pdbx_PDB_helix_class 
_struct_conf.details 
_struct_conf.pdbx_PDB_helix_length 
HELX_P HELX_P1 AA1 ALA A 42  ? LEU A 47  ? ALA A 42  LEU A 47  1 ? 6  
HELX_P HELX_P2 AA2 ASP A 51  ? LEU A 61  ? ASP A 51  LEU A 61  1 ? 11 
HELX_P HELX_P3 AA3 ASP B 9   ? SER B 18  ? ASP B 9   SER B 18  1 ? 10 
HELX_P HELX_P4 AA4 ARG B 20  ? ALA B 29  ? ARG B 20  ALA B 29  1 ? 10 
HELX_P HELX_P5 AA5 LEU B 38  ? TYR B 51  ? LEU B 38  TYR B 51  1 ? 14 
HELX_P HELX_P6 AA6 GLN B 53  ? SER B 62  ? GLN B 53  SER B 62  1 ? 10 
HELX_P HELX_P7 AA7 SER B 70  ? LYS B 85  ? SER B 70  LYS B 85  1 ? 16 
HELX_P HELX_P8 AA8 LYS B 87  ? HIS B 100 ? LYS B 87  HIS B 100 1 ? 14 
HELX_P HELX_P9 AA9 ASN B 108 ? ALA B 113 ? ASN B 108 ALA B 113 1 ? 6  
# 
_struct_conf_type.id          HELX_P 
_struct_conf_type.criteria    ? 
_struct_conf_type.reference   ? 
# 
loop_
_struct_conn.id 
_struct_conn.conn_type_id 
_struct_conn.pdbx_leaving_atom_flag 
_struct_conn.pdbx_PDB_id 
_struct_conn.ptnr1_label_asym_id 
_struct_conn.ptnr1_label_comp_id 
_struct_conn.ptnr1_label_seq_id 
_struct_conn.ptnr1_label_atom_id 
_struct_conn.pdbx_ptnr1_label_alt_id 
_struct_conn.pdbx_ptnr1_PDB_ins_code 
_struct_conn.pdbx_ptnr1_standard_comp_id 
_struct_conn.ptnr1_symmetry 
_struct_conn.ptnr2_label_asym_id 
_struct_conn.ptnr2_label_comp_id 
_struct_conn.ptnr2_label_seq_id 
_struct_conn.ptnr2_label_atom_id 
_struct_conn.pdbx_ptnr2_label_alt_id 
_struct_conn.pdbx_ptnr2_PDB_ins_code 
_struct_conn.ptnr1_auth_asym_id 
_struct_conn.ptnr1_auth_comp_id 
_struct_conn.ptnr1_auth_seq_id 
_struct_conn.ptnr2_auth_asym_id 
_struct_conn.ptnr2_auth_comp_id 
_struct_conn.ptnr2_auth_seq_id 
_struct_conn.ptnr2_symmetry 
_struct_conn.pdbx_ptnr3_label_atom_id 
_struct_conn.pdbx_ptnr3_label_seq_id 
_struct_conn.pdbx_ptnr3_label_comp_id 
_struct_conn.pdbx_ptnr3_label_asym_id 
_struct_conn.pdbx_ptnr3_label_alt_id 
_struct_conn.pdbx_ptnr3_PDB_ins_code 
_struct_conn.details 
_struct_conn.pdbx_dist_value 
_struct_conn.pdbx_value_order 
_struct_conn.pdbx_role 
covale1 covale both ? B TRP 41 C ? ? ? 1_555 B MSE 42 N ? ? B TRP 41 B MSE 42 1_555 ? ? ? ? ? ? ? 1.330 ? ? 
covale2 covale both ? B MSE 42 C ? ? ? 1_555 B GLU 43 N ? ? B MSE 42 B GLU 43 1_555 ? ? ? ? ? ? ? 1.331 ? ? 
covale3 covale both ? B VAL 44 C ? ? ? 1_555 B MSE 45 N ? ? B VAL 44 B MSE 45 1_555 ? ? ? ? ? ? ? 1.331 ? ? 
covale4 covale both ? B MSE 45 C ? ? ? 1_555 B VAL 46 N ? ? B MSE 45 B VAL 46 1_555 ? ? ? ? ? ? ? 1.330 ? ? 
covale5 covale both ? B ARG 58 C ? ? ? 1_555 B MSE 59 N ? ? B ARG 58 B MSE 59 1_555 ? ? ? ? ? ? ? 1.329 ? ? 
covale6 covale both ? B MSE 59 C ? ? ? 1_555 B ALA 60 N ? ? B MSE 59 B ALA 60 1_555 ? ? ? ? ? ? ? 1.329 ? ? 
# 
_struct_conn_type.id          covale 
_struct_conn_type.criteria    ? 
_struct_conn_type.reference   ? 
# 
loop_
_pdbx_modification_feature.ordinal 
_pdbx_modification_feature.label_comp_id 
_pdbx_modification_feature.label_asym_id 
_pdbx_modification_feature.label_seq_id 
_pdbx_modification_feature.label_alt_id 
_pdbx_modification_feature.modified_residue_label_comp_id 
_pdbx_modification_feature.modified_residue_label_asym_id 
_pdbx_modification_feature.modified_residue_label_seq_id 
_pdbx_modification_feature.modified_residue_label_alt_id 
_pdbx_modification_feature.auth_comp_id 
_pdbx_modification_feature.auth_asym_id 
_pdbx_modification_feature.auth_seq_id 
_pdbx_modification_feature.PDB_ins_code 
_pdbx_modification_feature.symmetry 
_pdbx_modification_feature.modified_residue_auth_comp_id 
_pdbx_modification_feature.modified_residue_auth_asym_id 
_pdbx_modification_feature.modified_residue_auth_seq_id 
_pdbx_modification_feature.modified_residue_PDB_ins_code 
_pdbx_modification_feature.modified_residue_symmetry 
_pdbx_modification_feature.comp_id_linking_atom 
_pdbx_modification_feature.modified_residue_id_linking_atom 
_pdbx_modification_feature.modified_residue_id 
_pdbx_modification_feature.ref_pcm_id 
_pdbx_modification_feature.ref_comp_id 
_pdbx_modification_feature.type 
_pdbx_modification_feature.category 
1 MSE B 42 ? . . . . MSE B 42 ? 1_555 . . . . . . . MET 1 MSE Selenomethionine 'Named protein modification' 
2 MSE B 45 ? . . . . MSE B 45 ? 1_555 . . . . . . . MET 1 MSE Selenomethionine 'Named protein modification' 
3 MSE B 59 ? . . . . MSE B 59 ? 1_555 . . . . . . . MET 1 MSE Selenomethionine 'Named protein modification' 
# 
loop_
_struct_mon_prot_cis.pdbx_id 
_struct_mon_prot_cis.label_comp_id 
_struct_mon_prot_cis.label_seq_id 
_struct_mon_prot_cis.label_asym_id 
_struct_mon_prot_cis.label_alt_id 
_struct_mon_prot_cis.pdbx_PDB_ins_code 
_struct_mon_prot_cis.auth_comp_id 
_struct_mon_prot_cis.auth_seq_id 
_struct_mon_prot_cis.auth_asym_id 
_struct_mon_prot_cis.pdbx_label_comp_id_2 
_struct_mon_prot_cis.pdbx_label_seq_id_2 
_struct_mon_prot_cis.pdbx_label_asym_id_2 
_struct_mon_prot_cis.pdbx_PDB_ins_code_2 
_struct_mon_prot_cis.pdbx_auth_comp_id_2 
_struct_mon_prot_cis.pdbx_auth_seq_id_2 
_struct_mon_prot_cis.pdbx_auth_asym_id_2 
_struct_mon_prot_cis.pdbx_PDB_model_num 
_struct_mon_prot_cis.pdbx_omega_angle 
1 ALA 36 A . ? ALA 36 A GLU 37 A ? GLU 37 A 1 -26.54 
2 LEU 47 A . ? LEU 47 A GLU 48 A ? GLU 48 A 1 -14.53 
3 GLU 48 A . ? GLU 48 A LYS 49 A ? LYS 49 A 1 25.59  
# 
loop_
_struct_sheet.id 
_struct_sheet.type 
_struct_sheet.number_strands 
_struct_sheet.details 
AA1 ? 3 ? 
AA2 ? 2 ? 
# 
loop_
_struct_sheet_order.sheet_id 
_struct_sheet_order.range_id_1 
_struct_sheet_order.range_id_2 
_struct_sheet_order.offset 
_struct_sheet_order.sense 
AA1 1 2 ? parallel 
AA1 2 3 ? parallel 
AA2 1 2 ? parallel 
# 
loop_
_struct_sheet_range.sheet_id 
_struct_sheet_range.id 
_struct_sheet_range.beg_label_comp_id 
_struct_sheet_range.beg_label_asym_id 
_struct_sheet_range.beg_label_seq_id 
_struct_sheet_range.pdbx_beg_PDB_ins_code 
_struct_sheet_range.end_label_comp_id 
_struct_sheet_range.end_label_asym_id 
_struct_sheet_range.end_label_seq_id 
_struct_sheet_range.pdbx_end_PDB_ins_code 
_struct_sheet_range.beg_auth_comp_id 
_struct_sheet_range.beg_auth_asym_id 
_struct_sheet_range.beg_auth_seq_id 
_struct_sheet_range.end_auth_comp_id 
_struct_sheet_range.end_auth_asym_id 
_struct_sheet_range.end_auth_seq_id 
AA1 1 ALA B 6   ? PHE B 8   ? ALA B 6   PHE B 8   
AA1 2 GLU B 103 ? ILE B 105 ? GLU B 103 ILE B 105 
AA1 3 VAL B 118 ? VAL B 119 ? VAL B 118 VAL B 119 
AA2 1 ALA B 35  ? SER B 37  ? ALA B 35  SER B 37  
AA2 2 ASN B 65  ? ILE B 67  ? ASN B 65  ILE B 67  
# 
loop_
_pdbx_struct_sheet_hbond.sheet_id 
_pdbx_struct_sheet_hbond.range_id_1 
_pdbx_struct_sheet_hbond.range_id_2 
_pdbx_struct_sheet_hbond.range_1_label_atom_id 
_pdbx_struct_sheet_hbond.range_1_label_comp_id 
_pdbx_struct_sheet_hbond.range_1_label_asym_id 
_pdbx_struct_sheet_hbond.range_1_label_seq_id 
_pdbx_struct_sheet_hbond.range_1_PDB_ins_code 
_pdbx_struct_sheet_hbond.range_1_auth_atom_id 
_pdbx_struct_sheet_hbond.range_1_auth_comp_id 
_pdbx_struct_sheet_hbond.range_1_auth_asym_id 
_pdbx_struct_sheet_hbond.range_1_auth_seq_id 
_pdbx_struct_sheet_hbond.range_2_label_atom_id 
_pdbx_struct_sheet_hbond.range_2_label_comp_id 
_pdbx_struct_sheet_hbond.range_2_label_asym_id 
_pdbx_struct_sheet_hbond.range_2_label_seq_id 
_pdbx_struct_sheet_hbond.range_2_PDB_ins_code 
_pdbx_struct_sheet_hbond.range_2_auth_atom_id 
_pdbx_struct_sheet_hbond.range_2_auth_comp_id 
_pdbx_struct_sheet_hbond.range_2_auth_asym_id 
_pdbx_struct_sheet_hbond.range_2_auth_seq_id 
AA1 1 2 N LEU B 7   ? N LEU B 7   O ILE B 105 ? O ILE B 105 
AA1 2 3 N LEU B 104 ? N LEU B 104 O VAL B 119 ? O VAL B 119 
AA2 1 2 N ILE B 36  ? N ILE B 36  O ASN B 65  ? O ASN B 65  
# 
_pdbx_entry_details.entry_id                   7BY2 
_pdbx_entry_details.has_ligand_of_interest     N 
_pdbx_entry_details.compound_details           ? 
_pdbx_entry_details.source_details             ? 
_pdbx_entry_details.nonpolymer_details         ? 
_pdbx_entry_details.sequence_details           ? 
_pdbx_entry_details.has_protein_modification   Y 
# 
loop_
_pdbx_validate_torsion.id 
_pdbx_validate_torsion.PDB_model_num 
_pdbx_validate_torsion.auth_comp_id 
_pdbx_validate_torsion.auth_asym_id 
_pdbx_validate_torsion.auth_seq_id 
_pdbx_validate_torsion.PDB_ins_code 
_pdbx_validate_torsion.label_alt_id 
_pdbx_validate_torsion.phi 
_pdbx_validate_torsion.psi 
1 1 GLU A 37  ? ? 74.64   -19.28 
2 1 ARG A 40  ? ? 75.68   -19.64 
3 1 GLN A 50  ? ? 91.56   -20.53 
4 1 GLU B 123 ? ? -115.63 -72.57 
# 
_pdbx_validate_peptide_omega.id               1 
_pdbx_validate_peptide_omega.PDB_model_num    1 
_pdbx_validate_peptide_omega.auth_comp_id_1   GLU 
_pdbx_validate_peptide_omega.auth_asym_id_1   A 
_pdbx_validate_peptide_omega.auth_seq_id_1    44 
_pdbx_validate_peptide_omega.PDB_ins_code_1   ? 
_pdbx_validate_peptide_omega.label_alt_id_1   ? 
_pdbx_validate_peptide_omega.auth_comp_id_2   GLN 
_pdbx_validate_peptide_omega.auth_asym_id_2   A 
_pdbx_validate_peptide_omega.auth_seq_id_2    45 
_pdbx_validate_peptide_omega.PDB_ins_code_2   ? 
_pdbx_validate_peptide_omega.label_alt_id_2   ? 
_pdbx_validate_peptide_omega.omega            36.38 
# 
loop_
_pdbx_struct_mod_residue.id 
_pdbx_struct_mod_residue.label_asym_id 
_pdbx_struct_mod_residue.label_comp_id 
_pdbx_struct_mod_residue.label_seq_id 
_pdbx_struct_mod_residue.auth_asym_id 
_pdbx_struct_mod_residue.auth_comp_id 
_pdbx_struct_mod_residue.auth_seq_id 
_pdbx_struct_mod_residue.PDB_ins_code 
_pdbx_struct_mod_residue.parent_comp_id 
_pdbx_struct_mod_residue.details 
1 B MSE 42 B MSE 42 ? MET 'modified residue' 
2 B MSE 45 B MSE 45 ? MET 'modified residue' 
3 B MSE 59 B MSE 59 ? MET 'modified residue' 
# 
loop_
_space_group_symop.id 
_space_group_symop.operation_xyz 
1 x,y,z               
2 x,-y,-z             
3 -x,y,-z+1/2         
4 -x,-y,z+1/2         
5 x+1/2,y+1/2,z       
6 x+1/2,-y+1/2,-z     
7 -x+1/2,y+1/2,-z+1/2 
8 -x+1/2,-y+1/2,z+1/2 
# 
loop_
_pdbx_unobs_or_zero_occ_residues.id 
_pdbx_unobs_or_zero_occ_residues.PDB_model_num 
_pdbx_unobs_or_zero_occ_residues.polymer_flag 
_pdbx_unobs_or_zero_occ_residues.occupancy_flag 
_pdbx_unobs_or_zero_occ_residues.auth_asym_id 
_pdbx_unobs_or_zero_occ_residues.auth_comp_id 
_pdbx_unobs_or_zero_occ_residues.auth_seq_id 
_pdbx_unobs_or_zero_occ_residues.PDB_ins_code 
_pdbx_unobs_or_zero_occ_residues.label_asym_id 
_pdbx_unobs_or_zero_occ_residues.label_comp_id 
_pdbx_unobs_or_zero_occ_residues.label_seq_id 
1  1 Y 1 A MET 1   ? A MET 1   
2  1 Y 1 A SER 2   ? A SER 2   
3  1 Y 1 A MET 3   ? A MET 3   
4  1 Y 1 A MET 4   ? A MET 4   
5  1 Y 1 A ALA 5   ? A ALA 5   
6  1 Y 1 A GLU 6   ? A GLU 6   
7  1 Y 1 A ARG 7   ? A ARG 7   
8  1 Y 1 A ASP 8   ? A ASP 8   
9  1 Y 1 A MET 9   ? A MET 9   
10 1 Y 1 A GLY 10  ? A GLY 10  
11 1 Y 1 A ARG 11  ? A ARG 11  
12 1 Y 1 A ILE 12  ? A ILE 12  
13 1 Y 1 A LEU 13  ? A LEU 13  
14 1 Y 1 A LEU 14  ? A LEU 14  
15 1 Y 1 A ASP 15  ? A ASP 15  
16 1 Y 1 A LEU 16  ? A LEU 16  
17 1 Y 1 A SER 17  ? A SER 17  
18 1 Y 1 A ASP 18  ? A ASP 18  
19 1 Y 1 A ASP 19  ? A ASP 19  
20 1 Y 1 A VAL 20  ? A VAL 20  
21 1 Y 1 A ILE 21  ? A ILE 21  
22 1 Y 1 A GLN 22  ? A GLN 22  
23 1 Y 1 A ARG 23  ? A ARG 23  
24 1 Y 1 A LEU 24  ? A LEU 24  
25 1 Y 1 A ASP 25  ? A ASP 25  
26 1 Y 1 A ASP 26  ? A ASP 26  
27 1 Y 1 A LEU 27  ? A LEU 27  
28 1 Y 1 A LYS 28  ? A LYS 28  
29 1 Y 1 A VAL 29  ? A VAL 29  
30 1 Y 1 A GLN 30  ? A GLN 30  
31 1 Y 1 A ARG 31  ? A ARG 31  
32 1 Y 1 A ASN 32  ? A ASN 32  
33 1 Y 1 A ILE 33  ? A ILE 33  
34 1 Y 1 A PRO 34  ? A PRO 34  
35 1 Y 1 A GLN 65  ? A GLN 65  
36 1 Y 1 A ASP 66  ? A ASP 66  
37 1 Y 1 A CYS 67  ? A CYS 67  
38 1 Y 1 A GLU 68  ? A GLU 68  
39 1 Y 1 A GLU 69  ? A GLU 69  
40 1 Y 1 A ASP 70  ? A ASP 70  
41 1 Y 1 A GLY 71  ? A GLY 71  
42 1 Y 1 A MET 72  ? A MET 72  
43 1 Y 1 A GLU 73  ? A GLU 73  
44 1 Y 1 A TYR 74  ? A TYR 74  
45 1 Y 1 A GLN 75  ? A GLN 75  
46 1 Y 1 A ARG 76  ? A ARG 76  
47 1 Y 1 A GLN 77  ? A GLN 77  
48 1 Y 1 A LEU 78  ? A LEU 78  
49 1 Y 1 A ARG 79  ? A ARG 79  
50 1 Y 1 A LYS 80  ? A LYS 80  
51 1 Y 1 A GLU 81  ? A GLU 81  
52 1 Y 1 A TRP 82  ? A TRP 82  
53 1 Y 1 B MSE 1   ? B MSE 1   
54 1 Y 1 B THR 2   ? B THR 2   
55 1 Y 1 B SER 3   ? B SER 3   
56 1 Y 1 B GLY 4   ? B GLY 4   
57 1 Y 1 B HIS 125 ? B HIS 125 
58 1 Y 1 B PRO 126 ? B PRO 126 
59 1 Y 1 B GLU 127 ? B GLU 127 
# 
loop_
_chem_comp_atom.comp_id 
_chem_comp_atom.atom_id 
_chem_comp_atom.type_symbol 
_chem_comp_atom.pdbx_aromatic_flag 
_chem_comp_atom.pdbx_stereo_config 
_chem_comp_atom.pdbx_ordinal 
ALA N    N  N N 1   
ALA CA   C  N S 2   
ALA C    C  N N 3   
ALA O    O  N N 4   
ALA CB   C  N N 5   
ALA OXT  O  N N 6   
ALA H    H  N N 7   
ALA H2   H  N N 8   
ALA HA   H  N N 9   
ALA HB1  H  N N 10  
ALA HB2  H  N N 11  
ALA HB3  H  N N 12  
ALA HXT  H  N N 13  
ARG N    N  N N 14  
ARG CA   C  N S 15  
ARG C    C  N N 16  
ARG O    O  N N 17  
ARG CB   C  N N 18  
ARG CG   C  N N 19  
ARG CD   C  N N 20  
ARG NE   N  N N 21  
ARG CZ   C  N N 22  
ARG NH1  N  N N 23  
ARG NH2  N  N N 24  
ARG OXT  O  N N 25  
ARG H    H  N N 26  
ARG H2   H  N N 27  
ARG HA   H  N N 28  
ARG HB2  H  N N 29  
ARG HB3  H  N N 30  
ARG HG2  H  N N 31  
ARG HG3  H  N N 32  
ARG HD2  H  N N 33  
ARG HD3  H  N N 34  
ARG HE   H  N N 35  
ARG HH11 H  N N 36  
ARG HH12 H  N N 37  
ARG HH21 H  N N 38  
ARG HH22 H  N N 39  
ARG HXT  H  N N 40  
ASN N    N  N N 41  
ASN CA   C  N S 42  
ASN C    C  N N 43  
ASN O    O  N N 44  
ASN CB   C  N N 45  
ASN CG   C  N N 46  
ASN OD1  O  N N 47  
ASN ND2  N  N N 48  
ASN OXT  O  N N 49  
ASN H    H  N N 50  
ASN H2   H  N N 51  
ASN HA   H  N N 52  
ASN HB2  H  N N 53  
ASN HB3  H  N N 54  
ASN HD21 H  N N 55  
ASN HD22 H  N N 56  
ASN HXT  H  N N 57  
ASP N    N  N N 58  
ASP CA   C  N S 59  
ASP C    C  N N 60  
ASP O    O  N N 61  
ASP CB   C  N N 62  
ASP CG   C  N N 63  
ASP OD1  O  N N 64  
ASP OD2  O  N N 65  
ASP OXT  O  N N 66  
ASP H    H  N N 67  
ASP H2   H  N N 68  
ASP HA   H  N N 69  
ASP HB2  H  N N 70  
ASP HB3  H  N N 71  
ASP HD2  H  N N 72  
ASP HXT  H  N N 73  
CYS N    N  N N 74  
CYS CA   C  N R 75  
CYS C    C  N N 76  
CYS O    O  N N 77  
CYS CB   C  N N 78  
CYS SG   S  N N 79  
CYS OXT  O  N N 80  
CYS H    H  N N 81  
CYS H2   H  N N 82  
CYS HA   H  N N 83  
CYS HB2  H  N N 84  
CYS HB3  H  N N 85  
CYS HG   H  N N 86  
CYS HXT  H  N N 87  
GLN N    N  N N 88  
GLN CA   C  N S 89  
GLN C    C  N N 90  
GLN O    O  N N 91  
GLN CB   C  N N 92  
GLN CG   C  N N 93  
GLN CD   C  N N 94  
GLN OE1  O  N N 95  
GLN NE2  N  N N 96  
GLN OXT  O  N N 97  
GLN H    H  N N 98  
GLN H2   H  N N 99  
GLN HA   H  N N 100 
GLN HB2  H  N N 101 
GLN HB3  H  N N 102 
GLN HG2  H  N N 103 
GLN HG3  H  N N 104 
GLN HE21 H  N N 105 
GLN HE22 H  N N 106 
GLN HXT  H  N N 107 
GLU N    N  N N 108 
GLU CA   C  N S 109 
GLU C    C  N N 110 
GLU O    O  N N 111 
GLU CB   C  N N 112 
GLU CG   C  N N 113 
GLU CD   C  N N 114 
GLU OE1  O  N N 115 
GLU OE2  O  N N 116 
GLU OXT  O  N N 117 
GLU H    H  N N 118 
GLU H2   H  N N 119 
GLU HA   H  N N 120 
GLU HB2  H  N N 121 
GLU HB3  H  N N 122 
GLU HG2  H  N N 123 
GLU HG3  H  N N 124 
GLU HE2  H  N N 125 
GLU HXT  H  N N 126 
GLY N    N  N N 127 
GLY CA   C  N N 128 
GLY C    C  N N 129 
GLY O    O  N N 130 
GLY OXT  O  N N 131 
GLY H    H  N N 132 
GLY H2   H  N N 133 
GLY HA2  H  N N 134 
GLY HA3  H  N N 135 
GLY HXT  H  N N 136 
HIS N    N  N N 137 
HIS CA   C  N S 138 
HIS C    C  N N 139 
HIS O    O  N N 140 
HIS CB   C  N N 141 
HIS CG   C  Y N 142 
HIS ND1  N  Y N 143 
HIS CD2  C  Y N 144 
HIS CE1  C  Y N 145 
HIS NE2  N  Y N 146 
HIS OXT  O  N N 147 
HIS H    H  N N 148 
HIS H2   H  N N 149 
HIS HA   H  N N 150 
HIS HB2  H  N N 151 
HIS HB3  H  N N 152 
HIS HD1  H  N N 153 
HIS HD2  H  N N 154 
HIS HE1  H  N N 155 
HIS HE2  H  N N 156 
HIS HXT  H  N N 157 
HOH O    O  N N 158 
HOH H1   H  N N 159 
HOH H2   H  N N 160 
ILE N    N  N N 161 
ILE CA   C  N S 162 
ILE C    C  N N 163 
ILE O    O  N N 164 
ILE CB   C  N S 165 
ILE CG1  C  N N 166 
ILE CG2  C  N N 167 
ILE CD1  C  N N 168 
ILE OXT  O  N N 169 
ILE H    H  N N 170 
ILE H2   H  N N 171 
ILE HA   H  N N 172 
ILE HB   H  N N 173 
ILE HG12 H  N N 174 
ILE HG13 H  N N 175 
ILE HG21 H  N N 176 
ILE HG22 H  N N 177 
ILE HG23 H  N N 178 
ILE HD11 H  N N 179 
ILE HD12 H  N N 180 
ILE HD13 H  N N 181 
ILE HXT  H  N N 182 
LEU N    N  N N 183 
LEU CA   C  N S 184 
LEU C    C  N N 185 
LEU O    O  N N 186 
LEU CB   C  N N 187 
LEU CG   C  N N 188 
LEU CD1  C  N N 189 
LEU CD2  C  N N 190 
LEU OXT  O  N N 191 
LEU H    H  N N 192 
LEU H2   H  N N 193 
LEU HA   H  N N 194 
LEU HB2  H  N N 195 
LEU HB3  H  N N 196 
LEU HG   H  N N 197 
LEU HD11 H  N N 198 
LEU HD12 H  N N 199 
LEU HD13 H  N N 200 
LEU HD21 H  N N 201 
LEU HD22 H  N N 202 
LEU HD23 H  N N 203 
LEU HXT  H  N N 204 
LYS N    N  N N 205 
LYS CA   C  N S 206 
LYS C    C  N N 207 
LYS O    O  N N 208 
LYS CB   C  N N 209 
LYS CG   C  N N 210 
LYS CD   C  N N 211 
LYS CE   C  N N 212 
LYS NZ   N  N N 213 
LYS OXT  O  N N 214 
LYS H    H  N N 215 
LYS H2   H  N N 216 
LYS HA   H  N N 217 
LYS HB2  H  N N 218 
LYS HB3  H  N N 219 
LYS HG2  H  N N 220 
LYS HG3  H  N N 221 
LYS HD2  H  N N 222 
LYS HD3  H  N N 223 
LYS HE2  H  N N 224 
LYS HE3  H  N N 225 
LYS HZ1  H  N N 226 
LYS HZ2  H  N N 227 
LYS HZ3  H  N N 228 
LYS HXT  H  N N 229 
MET N    N  N N 230 
MET CA   C  N S 231 
MET C    C  N N 232 
MET O    O  N N 233 
MET CB   C  N N 234 
MET CG   C  N N 235 
MET SD   S  N N 236 
MET CE   C  N N 237 
MET OXT  O  N N 238 
MET H    H  N N 239 
MET H2   H  N N 240 
MET HA   H  N N 241 
MET HB2  H  N N 242 
MET HB3  H  N N 243 
MET HG2  H  N N 244 
MET HG3  H  N N 245 
MET HE1  H  N N 246 
MET HE2  H  N N 247 
MET HE3  H  N N 248 
MET HXT  H  N N 249 
MSE N    N  N N 250 
MSE CA   C  N S 251 
MSE C    C  N N 252 
MSE O    O  N N 253 
MSE OXT  O  N N 254 
MSE CB   C  N N 255 
MSE CG   C  N N 256 
MSE SE   SE N N 257 
MSE CE   C  N N 258 
MSE H    H  N N 259 
MSE H2   H  N N 260 
MSE HA   H  N N 261 
MSE HXT  H  N N 262 
MSE HB2  H  N N 263 
MSE HB3  H  N N 264 
MSE HG2  H  N N 265 
MSE HG3  H  N N 266 
MSE HE1  H  N N 267 
MSE HE2  H  N N 268 
MSE HE3  H  N N 269 
PHE N    N  N N 270 
PHE CA   C  N S 271 
PHE C    C  N N 272 
PHE O    O  N N 273 
PHE CB   C  N N 274 
PHE CG   C  Y N 275 
PHE CD1  C  Y N 276 
PHE CD2  C  Y N 277 
PHE CE1  C  Y N 278 
PHE CE2  C  Y N 279 
PHE CZ   C  Y N 280 
PHE OXT  O  N N 281 
PHE H    H  N N 282 
PHE H2   H  N N 283 
PHE HA   H  N N 284 
PHE HB2  H  N N 285 
PHE HB3  H  N N 286 
PHE HD1  H  N N 287 
PHE HD2  H  N N 288 
PHE HE1  H  N N 289 
PHE HE2  H  N N 290 
PHE HZ   H  N N 291 
PHE HXT  H  N N 292 
PRO N    N  N N 293 
PRO CA   C  N S 294 
PRO C    C  N N 295 
PRO O    O  N N 296 
PRO CB   C  N N 297 
PRO CG   C  N N 298 
PRO CD   C  N N 299 
PRO OXT  O  N N 300 
PRO H    H  N N 301 
PRO HA   H  N N 302 
PRO HB2  H  N N 303 
PRO HB3  H  N N 304 
PRO HG2  H  N N 305 
PRO HG3  H  N N 306 
PRO HD2  H  N N 307 
PRO HD3  H  N N 308 
PRO HXT  H  N N 309 
SER N    N  N N 310 
SER CA   C  N S 311 
SER C    C  N N 312 
SER O    O  N N 313 
SER CB   C  N N 314 
SER OG   O  N N 315 
SER OXT  O  N N 316 
SER H    H  N N 317 
SER H2   H  N N 318 
SER HA   H  N N 319 
SER HB2  H  N N 320 
SER HB3  H  N N 321 
SER HG   H  N N 322 
SER HXT  H  N N 323 
THR N    N  N N 324 
THR CA   C  N S 325 
THR C    C  N N 326 
THR O    O  N N 327 
THR CB   C  N R 328 
THR OG1  O  N N 329 
THR CG2  C  N N 330 
THR OXT  O  N N 331 
THR H    H  N N 332 
THR H2   H  N N 333 
THR HA   H  N N 334 
THR HB   H  N N 335 
THR HG1  H  N N 336 
THR HG21 H  N N 337 
THR HG22 H  N N 338 
THR HG23 H  N N 339 
THR HXT  H  N N 340 
TRP N    N  N N 341 
TRP CA   C  N S 342 
TRP C    C  N N 343 
TRP O    O  N N 344 
TRP CB   C  N N 345 
TRP CG   C  Y N 346 
TRP CD1  C  Y N 347 
TRP CD2  C  Y N 348 
TRP NE1  N  Y N 349 
TRP CE2  C  Y N 350 
TRP CE3  C  Y N 351 
TRP CZ2  C  Y N 352 
TRP CZ3  C  Y N 353 
TRP CH2  C  Y N 354 
TRP OXT  O  N N 355 
TRP H    H  N N 356 
TRP H2   H  N N 357 
TRP HA   H  N N 358 
TRP HB2  H  N N 359 
TRP HB3  H  N N 360 
TRP HD1  H  N N 361 
TRP HE1  H  N N 362 
TRP HE3  H  N N 363 
TRP HZ2  H  N N 364 
TRP HZ3  H  N N 365 
TRP HH2  H  N N 366 
TRP HXT  H  N N 367 
TYR N    N  N N 368 
TYR CA   C  N S 369 
TYR C    C  N N 370 
TYR O    O  N N 371 
TYR CB   C  N N 372 
TYR CG   C  Y N 373 
TYR CD1  C  Y N 374 
TYR CD2  C  Y N 375 
TYR CE1  C  Y N 376 
TYR CE2  C  Y N 377 
TYR CZ   C  Y N 378 
TYR OH   O  N N 379 
TYR OXT  O  N N 380 
TYR H    H  N N 381 
TYR H2   H  N N 382 
TYR HA   H  N N 383 
TYR HB2  H  N N 384 
TYR HB3  H  N N 385 
TYR HD1  H  N N 386 
TYR HD2  H  N N 387 
TYR HE1  H  N N 388 
TYR HE2  H  N N 389 
TYR HH   H  N N 390 
TYR HXT  H  N N 391 
VAL N    N  N N 392 
VAL CA   C  N S 393 
VAL C    C  N N 394 
VAL O    O  N N 395 
VAL CB   C  N N 396 
VAL CG1  C  N N 397 
VAL CG2  C  N N 398 
VAL OXT  O  N N 399 
VAL H    H  N N 400 
VAL H2   H  N N 401 
VAL HA   H  N N 402 
VAL HB   H  N N 403 
VAL HG11 H  N N 404 
VAL HG12 H  N N 405 
VAL HG13 H  N N 406 
VAL HG21 H  N N 407 
VAL HG22 H  N N 408 
VAL HG23 H  N N 409 
VAL HXT  H  N N 410 
# 
loop_
_chem_comp_bond.comp_id 
_chem_comp_bond.atom_id_1 
_chem_comp_bond.atom_id_2 
_chem_comp_bond.value_order 
_chem_comp_bond.pdbx_aromatic_flag 
_chem_comp_bond.pdbx_stereo_config 
_chem_comp_bond.pdbx_ordinal 
ALA N   CA   sing N N 1   
ALA N   H    sing N N 2   
ALA N   H2   sing N N 3   
ALA CA  C    sing N N 4   
ALA CA  CB   sing N N 5   
ALA CA  HA   sing N N 6   
ALA C   O    doub N N 7   
ALA C   OXT  sing N N 8   
ALA CB  HB1  sing N N 9   
ALA CB  HB2  sing N N 10  
ALA CB  HB3  sing N N 11  
ALA OXT HXT  sing N N 12  
ARG N   CA   sing N N 13  
ARG N   H    sing N N 14  
ARG N   H2   sing N N 15  
ARG CA  C    sing N N 16  
ARG CA  CB   sing N N 17  
ARG CA  HA   sing N N 18  
ARG C   O    doub N N 19  
ARG C   OXT  sing N N 20  
ARG CB  CG   sing N N 21  
ARG CB  HB2  sing N N 22  
ARG CB  HB3  sing N N 23  
ARG CG  CD   sing N N 24  
ARG CG  HG2  sing N N 25  
ARG CG  HG3  sing N N 26  
ARG CD  NE   sing N N 27  
ARG CD  HD2  sing N N 28  
ARG CD  HD3  sing N N 29  
ARG NE  CZ   sing N N 30  
ARG NE  HE   sing N N 31  
ARG CZ  NH1  sing N N 32  
ARG CZ  NH2  doub N N 33  
ARG NH1 HH11 sing N N 34  
ARG NH1 HH12 sing N N 35  
ARG NH2 HH21 sing N N 36  
ARG NH2 HH22 sing N N 37  
ARG OXT HXT  sing N N 38  
ASN N   CA   sing N N 39  
ASN N   H    sing N N 40  
ASN N   H2   sing N N 41  
ASN CA  C    sing N N 42  
ASN CA  CB   sing N N 43  
ASN CA  HA   sing N N 44  
ASN C   O    doub N N 45  
ASN C   OXT  sing N N 46  
ASN CB  CG   sing N N 47  
ASN CB  HB2  sing N N 48  
ASN CB  HB3  sing N N 49  
ASN CG  OD1  doub N N 50  
ASN CG  ND2  sing N N 51  
ASN ND2 HD21 sing N N 52  
ASN ND2 HD22 sing N N 53  
ASN OXT HXT  sing N N 54  
ASP N   CA   sing N N 55  
ASP N   H    sing N N 56  
ASP N   H2   sing N N 57  
ASP CA  C    sing N N 58  
ASP CA  CB   sing N N 59  
ASP CA  HA   sing N N 60  
ASP C   O    doub N N 61  
ASP C   OXT  sing N N 62  
ASP CB  CG   sing N N 63  
ASP CB  HB2  sing N N 64  
ASP CB  HB3  sing N N 65  
ASP CG  OD1  doub N N 66  
ASP CG  OD2  sing N N 67  
ASP OD2 HD2  sing N N 68  
ASP OXT HXT  sing N N 69  
CYS N   CA   sing N N 70  
CYS N   H    sing N N 71  
CYS N   H2   sing N N 72  
CYS CA  C    sing N N 73  
CYS CA  CB   sing N N 74  
CYS CA  HA   sing N N 75  
CYS C   O    doub N N 76  
CYS C   OXT  sing N N 77  
CYS CB  SG   sing N N 78  
CYS CB  HB2  sing N N 79  
CYS CB  HB3  sing N N 80  
CYS SG  HG   sing N N 81  
CYS OXT HXT  sing N N 82  
GLN N   CA   sing N N 83  
GLN N   H    sing N N 84  
GLN N   H2   sing N N 85  
GLN CA  C    sing N N 86  
GLN CA  CB   sing N N 87  
GLN CA  HA   sing N N 88  
GLN C   O    doub N N 89  
GLN C   OXT  sing N N 90  
GLN CB  CG   sing N N 91  
GLN CB  HB2  sing N N 92  
GLN CB  HB3  sing N N 93  
GLN CG  CD   sing N N 94  
GLN CG  HG2  sing N N 95  
GLN CG  HG3  sing N N 96  
GLN CD  OE1  doub N N 97  
GLN CD  NE2  sing N N 98  
GLN NE2 HE21 sing N N 99  
GLN NE2 HE22 sing N N 100 
GLN OXT HXT  sing N N 101 
GLU N   CA   sing N N 102 
GLU N   H    sing N N 103 
GLU N   H2   sing N N 104 
GLU CA  C    sing N N 105 
GLU CA  CB   sing N N 106 
GLU CA  HA   sing N N 107 
GLU C   O    doub N N 108 
GLU C   OXT  sing N N 109 
GLU CB  CG   sing N N 110 
GLU CB  HB2  sing N N 111 
GLU CB  HB3  sing N N 112 
GLU CG  CD   sing N N 113 
GLU CG  HG2  sing N N 114 
GLU CG  HG3  sing N N 115 
GLU CD  OE1  doub N N 116 
GLU CD  OE2  sing N N 117 
GLU OE2 HE2  sing N N 118 
GLU OXT HXT  sing N N 119 
GLY N   CA   sing N N 120 
GLY N   H    sing N N 121 
GLY N   H2   sing N N 122 
GLY CA  C    sing N N 123 
GLY CA  HA2  sing N N 124 
GLY CA  HA3  sing N N 125 
GLY C   O    doub N N 126 
GLY C   OXT  sing N N 127 
GLY OXT HXT  sing N N 128 
HIS N   CA   sing N N 129 
HIS N   H    sing N N 130 
HIS N   H2   sing N N 131 
HIS CA  C    sing N N 132 
HIS CA  CB   sing N N 133 
HIS CA  HA   sing N N 134 
HIS C   O    doub N N 135 
HIS C   OXT  sing N N 136 
HIS CB  CG   sing N N 137 
HIS CB  HB2  sing N N 138 
HIS CB  HB3  sing N N 139 
HIS CG  ND1  sing Y N 140 
HIS CG  CD2  doub Y N 141 
HIS ND1 CE1  doub Y N 142 
HIS ND1 HD1  sing N N 143 
HIS CD2 NE2  sing Y N 144 
HIS CD2 HD2  sing N N 145 
HIS CE1 NE2  sing Y N 146 
HIS CE1 HE1  sing N N 147 
HIS NE2 HE2  sing N N 148 
HIS OXT HXT  sing N N 149 
HOH O   H1   sing N N 150 
HOH O   H2   sing N N 151 
ILE N   CA   sing N N 152 
ILE N   H    sing N N 153 
ILE N   H2   sing N N 154 
ILE CA  C    sing N N 155 
ILE CA  CB   sing N N 156 
ILE CA  HA   sing N N 157 
ILE C   O    doub N N 158 
ILE C   OXT  sing N N 159 
ILE CB  CG1  sing N N 160 
ILE CB  CG2  sing N N 161 
ILE CB  HB   sing N N 162 
ILE CG1 CD1  sing N N 163 
ILE CG1 HG12 sing N N 164 
ILE CG1 HG13 sing N N 165 
ILE CG2 HG21 sing N N 166 
ILE CG2 HG22 sing N N 167 
ILE CG2 HG23 sing N N 168 
ILE CD1 HD11 sing N N 169 
ILE CD1 HD12 sing N N 170 
ILE CD1 HD13 sing N N 171 
ILE OXT HXT  sing N N 172 
LEU N   CA   sing N N 173 
LEU N   H    sing N N 174 
LEU N   H2   sing N N 175 
LEU CA  C    sing N N 176 
LEU CA  CB   sing N N 177 
LEU CA  HA   sing N N 178 
LEU C   O    doub N N 179 
LEU C   OXT  sing N N 180 
LEU CB  CG   sing N N 181 
LEU CB  HB2  sing N N 182 
LEU CB  HB3  sing N N 183 
LEU CG  CD1  sing N N 184 
LEU CG  CD2  sing N N 185 
LEU CG  HG   sing N N 186 
LEU CD1 HD11 sing N N 187 
LEU CD1 HD12 sing N N 188 
LEU CD1 HD13 sing N N 189 
LEU CD2 HD21 sing N N 190 
LEU CD2 HD22 sing N N 191 
LEU CD2 HD23 sing N N 192 
LEU OXT HXT  sing N N 193 
LYS N   CA   sing N N 194 
LYS N   H    sing N N 195 
LYS N   H2   sing N N 196 
LYS CA  C    sing N N 197 
LYS CA  CB   sing N N 198 
LYS CA  HA   sing N N 199 
LYS C   O    doub N N 200 
LYS C   OXT  sing N N 201 
LYS CB  CG   sing N N 202 
LYS CB  HB2  sing N N 203 
LYS CB  HB3  sing N N 204 
LYS CG  CD   sing N N 205 
LYS CG  HG2  sing N N 206 
LYS CG  HG3  sing N N 207 
LYS CD  CE   sing N N 208 
LYS CD  HD2  sing N N 209 
LYS CD  HD3  sing N N 210 
LYS CE  NZ   sing N N 211 
LYS CE  HE2  sing N N 212 
LYS CE  HE3  sing N N 213 
LYS NZ  HZ1  sing N N 214 
LYS NZ  HZ2  sing N N 215 
LYS NZ  HZ3  sing N N 216 
LYS OXT HXT  sing N N 217 
MET N   CA   sing N N 218 
MET N   H    sing N N 219 
MET N   H2   sing N N 220 
MET CA  C    sing N N 221 
MET CA  CB   sing N N 222 
MET CA  HA   sing N N 223 
MET C   O    doub N N 224 
MET C   OXT  sing N N 225 
MET CB  CG   sing N N 226 
MET CB  HB2  sing N N 227 
MET CB  HB3  sing N N 228 
MET CG  SD   sing N N 229 
MET CG  HG2  sing N N 230 
MET CG  HG3  sing N N 231 
MET SD  CE   sing N N 232 
MET CE  HE1  sing N N 233 
MET CE  HE2  sing N N 234 
MET CE  HE3  sing N N 235 
MET OXT HXT  sing N N 236 
MSE N   CA   sing N N 237 
MSE N   H    sing N N 238 
MSE N   H2   sing N N 239 
MSE CA  C    sing N N 240 
MSE CA  CB   sing N N 241 
MSE CA  HA   sing N N 242 
MSE C   O    doub N N 243 
MSE C   OXT  sing N N 244 
MSE OXT HXT  sing N N 245 
MSE CB  CG   sing N N 246 
MSE CB  HB2  sing N N 247 
MSE CB  HB3  sing N N 248 
MSE CG  SE   sing N N 249 
MSE CG  HG2  sing N N 250 
MSE CG  HG3  sing N N 251 
MSE SE  CE   sing N N 252 
MSE CE  HE1  sing N N 253 
MSE CE  HE2  sing N N 254 
MSE CE  HE3  sing N N 255 
PHE N   CA   sing N N 256 
PHE N   H    sing N N 257 
PHE N   H2   sing N N 258 
PHE CA  C    sing N N 259 
PHE CA  CB   sing N N 260 
PHE CA  HA   sing N N 261 
PHE C   O    doub N N 262 
PHE C   OXT  sing N N 263 
PHE CB  CG   sing N N 264 
PHE CB  HB2  sing N N 265 
PHE CB  HB3  sing N N 266 
PHE CG  CD1  doub Y N 267 
PHE CG  CD2  sing Y N 268 
PHE CD1 CE1  sing Y N 269 
PHE CD1 HD1  sing N N 270 
PHE CD2 CE2  doub Y N 271 
PHE CD2 HD2  sing N N 272 
PHE CE1 CZ   doub Y N 273 
PHE CE1 HE1  sing N N 274 
PHE CE2 CZ   sing Y N 275 
PHE CE2 HE2  sing N N 276 
PHE CZ  HZ   sing N N 277 
PHE OXT HXT  sing N N 278 
PRO N   CA   sing N N 279 
PRO N   CD   sing N N 280 
PRO N   H    sing N N 281 
PRO CA  C    sing N N 282 
PRO CA  CB   sing N N 283 
PRO CA  HA   sing N N 284 
PRO C   O    doub N N 285 
PRO C   OXT  sing N N 286 
PRO CB  CG   sing N N 287 
PRO CB  HB2  sing N N 288 
PRO CB  HB3  sing N N 289 
PRO CG  CD   sing N N 290 
PRO CG  HG2  sing N N 291 
PRO CG  HG3  sing N N 292 
PRO CD  HD2  sing N N 293 
PRO CD  HD3  sing N N 294 
PRO OXT HXT  sing N N 295 
SER N   CA   sing N N 296 
SER N   H    sing N N 297 
SER N   H2   sing N N 298 
SER CA  C    sing N N 299 
SER CA  CB   sing N N 300 
SER CA  HA   sing N N 301 
SER C   O    doub N N 302 
SER C   OXT  sing N N 303 
SER CB  OG   sing N N 304 
SER CB  HB2  sing N N 305 
SER CB  HB3  sing N N 306 
SER OG  HG   sing N N 307 
SER OXT HXT  sing N N 308 
THR N   CA   sing N N 309 
THR N   H    sing N N 310 
THR N   H2   sing N N 311 
THR CA  C    sing N N 312 
THR CA  CB   sing N N 313 
THR CA  HA   sing N N 314 
THR C   O    doub N N 315 
THR C   OXT  sing N N 316 
THR CB  OG1  sing N N 317 
THR CB  CG2  sing N N 318 
THR CB  HB   sing N N 319 
THR OG1 HG1  sing N N 320 
THR CG2 HG21 sing N N 321 
THR CG2 HG22 sing N N 322 
THR CG2 HG23 sing N N 323 
THR OXT HXT  sing N N 324 
TRP N   CA   sing N N 325 
TRP N   H    sing N N 326 
TRP N   H2   sing N N 327 
TRP CA  C    sing N N 328 
TRP CA  CB   sing N N 329 
TRP CA  HA   sing N N 330 
TRP C   O    doub N N 331 
TRP C   OXT  sing N N 332 
TRP CB  CG   sing N N 333 
TRP CB  HB2  sing N N 334 
TRP CB  HB3  sing N N 335 
TRP CG  CD1  doub Y N 336 
TRP CG  CD2  sing Y N 337 
TRP CD1 NE1  sing Y N 338 
TRP CD1 HD1  sing N N 339 
TRP CD2 CE2  doub Y N 340 
TRP CD2 CE3  sing Y N 341 
TRP NE1 CE2  sing Y N 342 
TRP NE1 HE1  sing N N 343 
TRP CE2 CZ2  sing Y N 344 
TRP CE3 CZ3  doub Y N 345 
TRP CE3 HE3  sing N N 346 
TRP CZ2 CH2  doub Y N 347 
TRP CZ2 HZ2  sing N N 348 
TRP CZ3 CH2  sing Y N 349 
TRP CZ3 HZ3  sing N N 350 
TRP CH2 HH2  sing N N 351 
TRP OXT HXT  sing N N 352 
TYR N   CA   sing N N 353 
TYR N   H    sing N N 354 
TYR N   H2   sing N N 355 
TYR CA  C    sing N N 356 
TYR CA  CB   sing N N 357 
TYR CA  HA   sing N N 358 
TYR C   O    doub N N 359 
TYR C   OXT  sing N N 360 
TYR CB  CG   sing N N 361 
TYR CB  HB2  sing N N 362 
TYR CB  HB3  sing N N 363 
TYR CG  CD1  doub Y N 364 
TYR CG  CD2  sing Y N 365 
TYR CD1 CE1  sing Y N 366 
TYR CD1 HD1  sing N N 367 
TYR CD2 CE2  doub Y N 368 
TYR CD2 HD2  sing N N 369 
TYR CE1 CZ   doub Y N 370 
TYR CE1 HE1  sing N N 371 
TYR CE2 CZ   sing Y N 372 
TYR CE2 HE2  sing N N 373 
TYR CZ  OH   sing N N 374 
TYR OH  HH   sing N N 375 
TYR OXT HXT  sing N N 376 
VAL N   CA   sing N N 377 
VAL N   H    sing N N 378 
VAL N   H2   sing N N 379 
VAL CA  C    sing N N 380 
VAL CA  CB   sing N N 381 
VAL CA  HA   sing N N 382 
VAL C   O    doub N N 383 
VAL C   OXT  sing N N 384 
VAL CB  CG1  sing N N 385 
VAL CB  CG2  sing N N 386 
VAL CB  HB   sing N N 387 
VAL CG1 HG11 sing N N 388 
VAL CG1 HG12 sing N N 389 
VAL CG1 HG13 sing N N 390 
VAL CG2 HG21 sing N N 391 
VAL CG2 HG22 sing N N 392 
VAL CG2 HG23 sing N N 393 
VAL OXT HXT  sing N N 394 
# 
_pdbx_audit_support.funding_organization   'National Research Foundation (NRF, Korea)' 
_pdbx_audit_support.country                ? 
_pdbx_audit_support.grant_number           ? 
_pdbx_audit_support.ordinal                1 
# 
_space_group.crystal_system   orthorhombic 
_space_group.name_H-M_alt     'C 2 2 21' 
_space_group.IT_number        20 
_space_group.name_Hall        'C 2c 2' 
_space_group.id               1 
# 
_atom_sites.entry_id                    7BY2 
_atom_sites.Cartn_transf_matrix[1][1]   ? 
_atom_sites.Cartn_transf_matrix[1][2]   ? 
_atom_sites.Cartn_transf_matrix[1][3]   ? 
_atom_sites.Cartn_transf_matrix[2][1]   ? 
_atom_sites.Cartn_transf_matrix[2][2]   ? 
_atom_sites.Cartn_transf_matrix[2][3]   ? 
_atom_sites.Cartn_transf_matrix[3][1]   ? 
_atom_sites.Cartn_transf_matrix[3][2]   ? 
_atom_sites.Cartn_transf_matrix[3][3]   ? 
_atom_sites.Cartn_transf_vector[1]      ? 
_atom_sites.Cartn_transf_vector[2]      ? 
_atom_sites.Cartn_transf_vector[3]      ? 
_atom_sites.fract_transf_matrix[1][1]   0.00553678 
_atom_sites.fract_transf_matrix[1][2]   -0.01048784 
_atom_sites.fract_transf_matrix[1][3]   -0.00433186 
_atom_sites.fract_transf_matrix[2][1]   0.00460053 
_atom_sites.fract_transf_matrix[2][2]   -0.00078079 
_atom_sites.fract_transf_matrix[2][3]   0.00777056 
_atom_sites.fract_transf_matrix[3][1]   -0.01242304 
_atom_sites.fract_transf_matrix[3][2]   -0.00921391 
_atom_sites.fract_transf_matrix[3][3]   0.00642919 
_atom_sites.fract_transf_vector[1]      0.169760 
_atom_sites.fract_transf_vector[2]      0.341486 
_atom_sites.fract_transf_vector[3]      0.398853 
_atom_sites.solution_primary            ? 
_atom_sites.solution_secondary          ? 
_atom_sites.solution_hydrogens          ? 
_atom_sites.special_details             ? 
# 
loop_
_atom_type.symbol 
C  
N  
O  
SE 
# 
loop_
_atom_site.group_PDB 
_atom_site.id 
_atom_site.type_symbol 
_atom_site.label_atom_id 
_atom_site.label_alt_id 
_atom_site.label_comp_id 
_atom_site.label_asym_id 
_atom_site.label_entity_id 
_atom_site.label_seq_id 
_atom_site.pdbx_PDB_ins_code 
_atom_site.Cartn_x 
_atom_site.Cartn_y 
_atom_site.Cartn_z 
_atom_site.occupancy 
_atom_site.B_iso_or_equiv 
_atom_site.pdbx_formal_charge 
_atom_site.auth_seq_id 
_atom_site.auth_comp_id 
_atom_site.auth_asym_id 
_atom_site.auth_atom_id 
_atom_site.pdbx_PDB_model_num 
ATOM   1    N  N   . ARG A 1 35  ? 17.78637  -26.13966 22.98805  1.000 88.96000  ? 35  ARG A N   1 
ATOM   2    C  CA  . ARG A 1 35  ? 17.67837  -26.73156 21.66276  1.000 102.31000 ? 35  ARG A CA  1 
ATOM   3    C  C   . ARG A 1 35  ? 17.53664  -25.66343 20.60356  1.000 99.61000  ? 35  ARG A C   1 
ATOM   4    O  O   . ARG A 1 35  ? 17.73786  -24.47809 20.86481  1.000 110.63000 ? 35  ARG A O   1 
ATOM   5    C  CB  . ARG A 1 35  ? 16.47222  -27.67015 21.57450  1.000 98.48000  ? 35  ARG A CB  1 
ATOM   6    C  CG  . ARG A 1 35  ? 16.74152  -29.11563 21.93820  1.000 108.83000 ? 35  ARG A CG  1 
ATOM   7    C  CD  . ARG A 1 35  ? 18.11401  -29.57546 21.50051  1.000 115.83000 ? 35  ARG A CD  1 
ATOM   8    N  NE  . ARG A 1 35  ? 18.36408  -29.37332 20.07451  1.000 114.32000 ? 35  ARG A NE  1 
ATOM   9    C  CZ  . ARG A 1 35  ? 19.54760  -29.56036 19.49848  1.000 113.80000 ? 35  ARG A CZ  1 
ATOM   10   N  NH1 . ARG A 1 35  ? 20.58211  -29.94834 20.23277  1.000 114.01000 ? 35  ARG A NH1 1 
ATOM   11   N  NH2 . ARG A 1 35  ? 19.70481  -29.36030 18.19491  1.000 110.46000 ? 35  ARG A NH2 1 
ATOM   12   N  N   . ALA A 1 36  ? 17.24553  -26.09754 19.38503  1.000 92.60000  ? 36  ALA A N   1 
ATOM   13   C  CA  . ALA A 1 36  ? 16.62771  -25.21857 18.41139  1.000 89.52000  ? 36  ALA A CA  1 
ATOM   14   C  C   . ALA A 1 36  ? 15.52113  -25.93361 17.63227  1.000 91.02000  ? 36  ALA A C   1 
ATOM   15   O  O   . ALA A 1 36  ? 15.84068  -26.84201 16.86190  1.000 103.24000 ? 36  ALA A O   1 
ATOM   16   C  CB  . ALA A 1 36  ? 17.67299  -24.66793 17.45827  1.000 72.99000  ? 36  ALA A CB  1 
ATOM   17   N  N   . GLU A 1 37  ? 14.23902  -25.57823 17.77967  1.000 92.00000  ? 37  GLU A N   1 
ATOM   18   C  CA  . GLU A 1 37  ? 13.54571  -24.94593 18.93021  1.000 87.68000  ? 37  GLU A CA  1 
ATOM   19   C  C   . GLU A 1 37  ? 13.77253  -23.44477 19.21155  1.000 83.76000  ? 37  GLU A C   1 
ATOM   20   O  O   . GLU A 1 37  ? 12.95597  -22.81962 19.88962  1.000 101.08000 ? 37  GLU A O   1 
ATOM   21   C  CB  . GLU A 1 37  ? 13.84019  -25.73530 20.21511  1.000 87.55000  ? 37  GLU A CB  1 
ATOM   22   C  CG  . GLU A 1 37  ? 12.76918  -25.59577 21.29480  1.000 98.84000  ? 37  GLU A CG  1 
ATOM   23   C  CD  . GLU A 1 37  ? 11.37187  -25.93394 20.79100  1.000 112.11000 ? 37  GLU A CD  1 
ATOM   24   O  OE1 . GLU A 1 37  ? 11.23409  -26.86798 19.97036  1.000 110.23000 ? 37  GLU A OE1 1 
ATOM   25   O  OE2 . GLU A 1 37  ? 10.40823  -25.26083 21.21452  1.000 113.67000 ? 37  GLU A OE2 1 
ATOM   26   N  N   . LEU A 1 38  ? 14.84158  -22.85764 18.69011  1.000 71.93000  ? 38  LEU A N   1 
ATOM   27   C  CA  . LEU A 1 38  ? 14.88364  -21.42035 18.47603  1.000 86.42000  ? 38  LEU A CA  1 
ATOM   28   C  C   . LEU A 1 38  ? 14.20911  -21.21195 17.13264  1.000 91.87000  ? 38  LEU A C   1 
ATOM   29   O  O   . LEU A 1 38  ? 13.45605  -20.26119 16.92282  1.000 106.51000 ? 38  LEU A O   1 
ATOM   30   C  CB  . LEU A 1 38  ? 16.31056  -20.87957 18.50674  1.000 84.52000  ? 38  LEU A CB  1 
ATOM   31   C  CG  . LEU A 1 38  ? 16.99421  -21.04237 19.86797  1.000 91.62000  ? 38  LEU A CG  1 
ATOM   32   C  CD1 . LEU A 1 38  ? 18.35105  -20.36168 19.87259  1.000 74.61000  ? 38  LEU A CD1 1 
ATOM   33   C  CD2 . LEU A 1 38  ? 16.10904  -20.50634 20.99180  1.000 84.13000  ? 38  LEU A CD2 1 
ATOM   34   N  N   . LEU A 1 39  ? 14.49465  -22.14646 16.23046  1.000 93.40000  ? 39  LEU A N   1 
ATOM   35   C  CA  . LEU A 1 39  ? 13.68480  -22.37874 15.04656  1.000 83.70000  ? 39  LEU A CA  1 
ATOM   36   C  C   . LEU A 1 39  ? 12.32646  -22.85952 15.54700  1.000 93.24000  ? 39  LEU A C   1 
ATOM   37   O  O   . LEU A 1 39  ? 12.20998  -23.26262 16.70342  1.000 93.64000  ? 39  LEU A O   1 
ATOM   38   C  CB  . LEU A 1 39  ? 14.33070  -23.42471 14.12864  1.000 88.70000  ? 39  LEU A CB  1 
ATOM   39   C  CG  . LEU A 1 39  ? 15.74065  -23.17983 13.57744  1.000 83.68000  ? 39  LEU A CG  1 
ATOM   40   C  CD1 . LEU A 1 39  ? 15.96726  -24.00470 12.31992  1.000 112.53000 ? 39  LEU A CD1 1 
ATOM   41   C  CD2 . LEU A 1 39  ? 15.99155  -21.70464 13.30534  1.000 91.80000  ? 39  LEU A CD2 1 
ATOM   42   N  N   . ARG A 1 40  ? 11.30011  -22.75238 14.70735  1.000 94.35000  ? 40  ARG A N   1 
ATOM   43   C  CA  . ARG A 1 40  ? 9.95665   -23.27155 14.99915  1.000 92.83000  ? 40  ARG A CA  1 
ATOM   44   C  C   . ARG A 1 40  ? 9.19329   -22.39525 15.99406  1.000 97.83000  ? 40  ARG A C   1 
ATOM   45   O  O   . ARG A 1 40  ? 7.96089   -22.47045 16.08159  1.000 106.04000 ? 40  ARG A O   1 
ATOM   46   C  CB  . ARG A 1 40  ? 10.04981  -24.71936 15.51938  1.000 99.00000  ? 40  ARG A CB  1 
ATOM   47   C  CG  . ARG A 1 40  ? 8.73142   -25.39704 15.85391  1.000 109.52000 ? 40  ARG A CG  1 
ATOM   48   C  CD  . ARG A 1 40  ? 8.94780   -26.87296 16.14206  1.000 120.09000 ? 40  ARG A CD  1 
ATOM   49   N  NE  . ARG A 1 40  ? 9.40014   -27.58177 14.95036  1.000 125.96000 ? 40  ARG A NE  1 
ATOM   50   C  CZ  . ARG A 1 40  ? 10.65521  -27.96343 14.74168  1.000 130.52000 ? 40  ARG A CZ  1 
ATOM   51   N  NH1 . ARG A 1 40  ? 11.58773  -27.70184 15.64710  1.000 125.24000 ? 40  ARG A NH1 1 
ATOM   52   N  NH2 . ARG A 1 40  ? 10.97942  -28.59989 13.62493  1.000 130.15000 ? 40  ARG A NH2 1 
ATOM   53   N  N   . GLU A 1 41  ? 9.92379   -21.57533 16.74392  1.000 90.22000  ? 41  GLU A N   1 
ATOM   54   C  CA  . GLU A 1 41  ? 9.34457   -20.40936 17.38947  1.000 96.37000  ? 41  GLU A CA  1 
ATOM   55   C  C   . GLU A 1 41  ? 9.71830   -19.18327 16.56004  1.000 89.34000  ? 41  GLU A C   1 
ATOM   56   O  O   . GLU A 1 41  ? 9.33538   -18.04968 16.88199  1.000 104.27000 ? 41  GLU A O   1 
ATOM   57   C  CB  . GLU A 1 41  ? 9.78488   -20.26830 18.84365  1.000 91.13000  ? 41  GLU A CB  1 
ATOM   58   C  CG  . GLU A 1 41  ? 8.56517   -20.30375 19.78384  1.000 88.21000  ? 41  GLU A CG  1 
ATOM   59   C  CD  . GLU A 1 41  ? 8.91900   -20.50609 21.25355  1.000 110.73000 ? 41  GLU A CD  1 
ATOM   60   O  OE1 . GLU A 1 41  ? 10.07682  -20.24055 21.66206  1.000 104.18000 ? 41  GLU A OE1 1 
ATOM   61   O  OE2 . GLU A 1 41  ? 8.02621   -20.96810 22.00048  1.000 116.57000 ? 41  GLU A OE2 1 
ATOM   62   N  N   . ALA A 1 42  ? 10.51111  -19.42208 15.51960  1.000 86.23000  ? 42  ALA A N   1 
ATOM   63   C  CA  . ALA A 1 42  ? 10.69767  -18.46929 14.44225  1.000 74.67000  ? 42  ALA A CA  1 
ATOM   64   C  C   . ALA A 1 42  ? 9.58018   -18.60817 13.42303  1.000 90.05000  ? 42  ALA A C   1 
ATOM   65   O  O   . ALA A 1 42  ? 9.00896   -17.61198 12.98881  1.000 98.75000  ? 42  ALA A O   1 
ATOM   66   C  CB  . ALA A 1 42  ? 12.04396  -18.68126 13.79068  1.000 92.50000  ? 42  ALA A CB  1 
ATOM   67   N  N   . VAL A 1 43  ? 9.28487   -19.85702 13.05829  1.000 77.54000  ? 43  VAL A N   1 
ATOM   68   C  CA  . VAL A 1 43  ? 8.20266   -20.18036 12.13730  1.000 88.06000  ? 43  VAL A CA  1 
ATOM   69   C  C   . VAL A 1 43  ? 6.91270   -19.56108 12.65296  1.000 87.19000  ? 43  VAL A C   1 
ATOM   70   O  O   . VAL A 1 43  ? 6.17130   -18.92338 11.91021  1.000 99.98000  ? 43  VAL A O   1 
ATOM   71   C  CB  . VAL A 1 43  ? 8.02551   -21.70482 11.97585  1.000 97.05000  ? 43  VAL A CB  1 
ATOM   72   C  CG1 . VAL A 1 43  ? 6.78067   -22.01077 11.14590  1.000 98.48000  ? 43  VAL A CG1 1 
ATOM   73   C  CG2 . VAL A 1 43  ? 9.26873   -22.33515 11.35144  1.000 80.75000  ? 43  VAL A CG2 1 
ATOM   74   N  N   . GLU A 1 44  ? 6.64947   -19.77689 13.93491  1.000 94.31000  ? 44  GLU A N   1 
ATOM   75   C  CA  . GLU A 1 44  ? 5.75295   -18.90218 14.67023  1.000 101.38000 ? 44  GLU A CA  1 
ATOM   76   C  C   . GLU A 1 44  ? 6.49302   -18.29418 15.82006  1.000 110.74000 ? 44  GLU A C   1 
ATOM   77   O  O   . GLU A 1 44  ? 6.76377   -18.98180 16.79328  1.000 114.98000 ? 44  GLU A O   1 
ATOM   78   C  CB  . GLU A 1 44  ? 4.51258   -19.63786 15.16619  1.000 113.60000 ? 44  GLU A CB  1 
ATOM   79   C  CG  . GLU A 1 44  ? 3.35236   -18.70587 15.11973  1.000 116.81000 ? 44  GLU A CG  1 
ATOM   80   C  CD  . GLU A 1 44  ? 3.34525   -18.03328 13.78245  1.000 114.51000 ? 44  GLU A CD  1 
ATOM   81   O  OE1 . GLU A 1 44  ? 3.67946   -18.69194 12.77303  1.000 112.83000 ? 44  GLU A OE1 1 
ATOM   82   O  OE2 . GLU A 1 44  ? 3.09359   -16.83395 13.72534  1.000 118.51000 ? 44  GLU A OE2 1 
ATOM   83   N  N   . GLN A 1 45  ? 6.70937   -16.98405 15.78395  1.000 103.74000 ? 45  GLN A N   1 
ATOM   84   C  CA  . GLN A 1 45  ? 5.77622   -15.98738 15.25028  1.000 95.86000  ? 45  GLN A CA  1 
ATOM   85   C  C   . GLN A 1 45  ? 5.74660   -15.59269 13.75260  1.000 93.17000  ? 45  GLN A C   1 
ATOM   86   O  O   . GLN A 1 45  ? 5.07864   -14.61810 13.41314  1.000 103.72000 ? 45  GLN A O   1 
ATOM   87   C  CB  . GLN A 1 45  ? 5.97203   -14.71162 16.08139  1.000 107.14000 ? 45  GLN A CB  1 
ATOM   88   C  CG  . GLN A 1 45  ? 7.42622   -14.27595 16.23821  1.000 105.13000 ? 45  GLN A CG  1 
ATOM   89   C  CD  . GLN A 1 45  ? 8.13012   -14.97113 17.40448  1.000 101.28000 ? 45  GLN A CD  1 
ATOM   90   O  OE1 . GLN A 1 45  ? 7.55194   -15.82819 18.07593  1.000 91.92000  ? 45  GLN A OE1 1 
ATOM   91   N  NE2 . GLN A 1 45  ? 9.37813   -14.59776 17.64678  1.000 109.31000 ? 45  GLN A NE2 1 
ATOM   92   N  N   . TYR A 1 46  ? 6.44979   -16.28268 12.85635  1.000 95.30000  ? 46  TYR A N   1 
ATOM   93   C  CA  . TYR A 1 46  ? 6.40740   -15.84338 11.45003  1.000 84.58000  ? 46  TYR A CA  1 
ATOM   94   C  C   . TYR A 1 46  ? 5.06422   -16.06622 10.69247  1.000 95.96000  ? 46  TYR A C   1 
ATOM   95   O  O   . TYR A 1 46  ? 4.87620   -15.43168 9.66493   1.000 102.89000 ? 46  TYR A O   1 
ATOM   96   C  CB  . TYR A 1 46  ? 7.56448   -16.47629 10.63723  1.000 88.88000  ? 46  TYR A CB  1 
ATOM   97   C  CG  . TYR A 1 46  ? 7.60972   -15.99072 9.19300   1.000 101.65000 ? 46  TYR A CG  1 
ATOM   98   C  CD1 . TYR A 1 46  ? 8.11226   -14.73648 8.87686   1.000 78.80000  ? 46  TYR A CD1 1 
ATOM   99   C  CD2 . TYR A 1 46  ? 7.12914   -16.77852 8.15143   1.000 84.87000  ? 46  TYR A CD2 1 
ATOM   100  C  CE1 . TYR A 1 46  ? 8.13375   -14.27433 7.56682   1.000 87.14000  ? 46  TYR A CE1 1 
ATOM   101  C  CE2 . TYR A 1 46  ? 7.14806   -16.32545 6.83383   1.000 89.11000  ? 46  TYR A CE2 1 
ATOM   102  C  CZ  . TYR A 1 46  ? 7.65396   -15.07173 6.54948   1.000 96.60000  ? 46  TYR A CZ  1 
ATOM   103  O  OH  . TYR A 1 46  ? 7.68161   -14.60987 5.25093   1.000 103.54000 ? 46  TYR A OH  1 
ATOM   104  N  N   . LEU A 1 47  ? 4.18326   -16.99540 11.08452  1.000 93.20000  ? 47  LEU A N   1 
ATOM   105  C  CA  . LEU A 1 47  ? 2.82087   -16.99717 10.48419  1.000 93.32000  ? 47  LEU A CA  1 
ATOM   106  C  C   . LEU A 1 47  ? 1.63793   -17.44898 11.35727  1.000 93.10000  ? 47  LEU A C   1 
ATOM   107  O  O   . LEU A 1 47  ? 1.48742   -18.64882 11.59527  1.000 122.28000 ? 47  LEU A O   1 
ATOM   108  C  CB  . LEU A 1 47  ? 2.83003   -17.84481 9.19332   1.000 106.46000 ? 47  LEU A CB  1 
ATOM   109  C  CG  . LEU A 1 47  ? 3.52496   -19.21152 9.08548   1.000 94.01000  ? 47  LEU A CG  1 
ATOM   110  C  CD1 . LEU A 1 47  ? 2.65806   -20.44167 9.44595   1.000 93.56000  ? 47  LEU A CD1 1 
ATOM   111  C  CD2 . LEU A 1 47  ? 4.19558   -19.42274 7.70256   1.000 83.12000  ? 47  LEU A CD2 1 
ATOM   112  N  N   . GLU A 1 48  ? 0.74020   -16.56217 11.78192  1.000 95.55000  ? 48  GLU A N   1 
ATOM   113  C  CA  . GLU A 1 48  ? 0.80922   -15.09359 11.79763  1.000 108.92000 ? 48  GLU A CA  1 
ATOM   114  C  C   . GLU A 1 48  ? 1.88079   -14.42628 12.71167  1.000 110.23000 ? 48  GLU A C   1 
ATOM   115  O  O   . GLU A 1 48  ? 1.94242   -14.78214 13.87353  1.000 114.43000 ? 48  GLU A O   1 
ATOM   116  C  CB  . GLU A 1 48  ? -0.57715  -14.59712 12.19590  1.000 98.76000  ? 48  GLU A CB  1 
ATOM   117  C  CG  . GLU A 1 48  ? -0.58525  -13.18932 12.79357  1.000 110.08000 ? 48  GLU A CG  1 
ATOM   118  C  CD  . GLU A 1 48  ? -0.59740  -12.05677 11.76444  1.000 123.27000 ? 48  GLU A CD  1 
ATOM   119  O  OE1 . GLU A 1 48  ? -0.83745  -12.36217 10.59977  1.000 119.83000 ? 48  GLU A OE1 1 
ATOM   120  O  OE2 . GLU A 1 48  ? -0.24064  -10.88579 12.05815  1.000 126.53000 ? 48  GLU A OE2 1 
ATOM   121  N  N   . LYS A 1 49  ? 2.65270   -13.41983 12.26131  1.000 101.05000 ? 49  LYS A N   1 
ATOM   122  C  CA  . LYS A 1 49  ? 2.28469   -12.49475 11.17472  1.000 99.87000  ? 49  LYS A CA  1 
ATOM   123  C  C   . LYS A 1 49  ? 2.18415   -13.20457 9.83550   1.000 105.21000 ? 49  LYS A C   1 
ATOM   124  O  O   . LYS A 1 49  ? 2.80263   -14.21853 9.69989   1.000 98.86000  ? 49  LYS A O   1 
ATOM   125  C  CB  . LYS A 1 49  ? 3.23650   -11.28007 11.16718  1.000 84.39000  ? 49  LYS A CB  1 
ATOM   126  C  CG  . LYS A 1 49  ? 4.73048   -11.59005 11.31184  1.000 86.39000  ? 49  LYS A CG  1 
ATOM   127  C  CD  . LYS A 1 49  ? 5.48597   -10.27637 11.30916  1.000 105.55000 ? 49  LYS A CD  1 
ATOM   128  C  CE  . LYS A 1 49  ? 5.99121   -9.89495  9.92973   1.000 93.59000  ? 49  LYS A CE  1 
ATOM   129  N  NZ  . LYS A 1 49  ? 6.69442   -8.56730  9.81477   1.000 93.19000  ? 49  LYS A NZ  1 
ATOM   130  N  N   . GLN A 1 50  ? 1.42656   -12.64402 8.88578   1.000 92.28000  ? 50  GLN A N   1 
ATOM   131  C  CA  . GLN A 1 50  ? 0.75151   -13.28796 7.71368   1.000 99.03000  ? 50  GLN A CA  1 
ATOM   132  C  C   . GLN A 1 50  ? -0.70390  -13.79234 7.87029   1.000 92.29000  ? 50  GLN A C   1 
ATOM   133  O  O   . GLN A 1 50  ? -1.36573  -13.99649 6.85120   1.000 101.87000 ? 50  GLN A O   1 
ATOM   134  C  CB  . GLN A 1 50  ? 1.50790   -14.54428 7.18979   1.000 80.54000  ? 50  GLN A CB  1 
ATOM   135  C  CG  . GLN A 1 50  ? 3.01134   -14.51010 6.96799   1.000 83.59000  ? 50  GLN A CG  1 
ATOM   136  C  CD  . GLN A 1 50  ? 3.47620   -13.43442 6.03917   1.000 94.25000  ? 50  GLN A CD  1 
ATOM   137  O  OE1 . GLN A 1 50  ? 4.55857   -12.87360 6.22223   1.000 82.72000  ? 50  GLN A OE1 1 
ATOM   138  N  NE2 . GLN A 1 50  ? 2.68432   -13.14942 5.01907   1.000 97.98000  ? 50  GLN A NE2 1 
ATOM   139  N  N   . ASP A 1 51  ? -1.21309  -14.03956 9.08008   1.000 94.58000  ? 51  ASP A N   1 
ATOM   140  C  CA  . ASP A 1 51  ? -2.66702  -14.29385 9.23061   1.000 84.10000  ? 51  ASP A CA  1 
ATOM   141  C  C   . ASP A 1 51  ? -3.58944  -13.29202 10.00687  1.000 86.26000  ? 51  ASP A C   1 
ATOM   142  O  O   . ASP A 1 51  ? -4.80929  -13.48528 9.99112   1.000 95.53000  ? 51  ASP A O   1 
ATOM   143  C  CB  . ASP A 1 51  ? -2.89125  -15.68691 9.83344   1.000 93.19000  ? 51  ASP A CB  1 
ATOM   144  C  CG  . ASP A 1 51  ? -2.02144  -16.75483 9.19951   1.000 107.96000 ? 51  ASP A CG  1 
ATOM   145  O  OD1 . ASP A 1 51  ? -2.53019  -17.53536 8.36664   1.000 113.35000 ? 51  ASP A OD1 1 
ATOM   146  O  OD2 . ASP A 1 51  ? -0.82958  -16.83439 9.55435   1.000 103.82000 ? 51  ASP A OD2 1 
ATOM   147  N  N   . ARG A 1 52  ? -3.06118  -12.26396 10.68508  1.000 85.83000  ? 52  ARG A N   1 
ATOM   148  C  CA  . ARG A 1 52  ? -3.90425  -11.13826 11.12003  1.000 94.15000  ? 52  ARG A CA  1 
ATOM   149  C  C   . ARG A 1 52  ? -4.04248  -10.44061 9.77891   1.000 64.63000  ? 52  ARG A C   1 
ATOM   150  O  O   . ARG A 1 52  ? -5.10781  -9.96597  9.39585   1.000 83.90000  ? 52  ARG A O   1 
ATOM   151  C  CB  . ARG A 1 52  ? -3.28104  -10.17395 12.18472  1.000 97.26000  ? 52  ARG A CB  1 
ATOM   152  C  CG  . ARG A 1 52  ? -2.69990  -10.68002 13.56981  1.000 108.50000 ? 52  ARG A CG  1 
ATOM   153  C  CD  . ARG A 1 52  ? -3.52007  -11.00367 14.80906  1.000 118.66000 ? 52  ARG A CD  1 
ATOM   154  N  NE  . ARG A 1 52  ? -2.51445  -11.35833 15.81925  1.000 128.08000 ? 52  ARG A NE  1 
ATOM   155  C  CZ  . ARG A 1 52  ? -2.02766  -12.58514 16.00733  1.000 130.55000 ? 52  ARG A CZ  1 
ATOM   156  N  NH1 . ARG A 1 52  ? -2.48236  -13.60095 15.28563  1.000 124.56000 ? 52  ARG A NH1 1 
ATOM   157  N  NH2 . ARG A 1 52  ? -1.09119  -12.79987 16.92555  1.000 130.79000 ? 52  ARG A NH2 1 
ATOM   158  N  N   . ALA A 1 53  ? -2.91901  -10.42156 9.06436   1.000 68.76000  ? 53  ALA A N   1 
ATOM   159  C  CA  . ALA A 1 53  ? -2.81723  -9.81941  7.74534   1.000 83.49000  ? 53  ALA A CA  1 
ATOM   160  C  C   . ALA A 1 53  ? -3.89825  -10.38624 6.85284   1.000 78.32000  ? 53  ALA A C   1 
ATOM   161  O  O   . ALA A 1 53  ? -4.69096  -9.64213  6.29112   1.000 78.44000  ? 53  ALA A O   1 
ATOM   162  C  CB  . ALA A 1 53  ? -1.45577  -10.06315 7.16093   1.000 76.96000  ? 53  ALA A CB  1 
ATOM   163  N  N   . LYS A 1 54  ? -3.98473  -11.71217 6.80463   1.000 73.96000  ? 54  LYS A N   1 
ATOM   164  C  CA  . LYS A 1 54  ? -5.02282  -12.36995 6.02105   1.000 74.59000  ? 54  LYS A CA  1 
ATOM   165  C  C   . LYS A 1 54  ? -6.39578  -12.03139 6.59147   1.000 80.71000  ? 54  LYS A C   1 
ATOM   166  O  O   . LYS A 1 54  ? -7.36308  -11.87424 5.84902   1.000 78.23000  ? 54  LYS A O   1 
ATOM   167  C  CB  . LYS A 1 54  ? -4.80932  -13.88954 5.98574   1.000 91.20000  ? 54  LYS A CB  1 
ATOM   168  C  CG  . LYS A 1 54  ? -5.86354  -14.69737 6.72235   1.000 100.10000 ? 54  LYS A CG  1 
ATOM   169  C  CD  . LYS A 1 54  ? -5.64869  -16.18635 6.55635   1.000 109.41000 ? 54  LYS A CD  1 
ATOM   170  C  CE  . LYS A 1 54  ? -6.66779  -16.96791 7.36461   1.000 111.83000 ? 54  LYS A CE  1 
ATOM   171  N  NZ  . LYS A 1 54  ? -6.50796  -16.72530 8.82359   1.000 105.16000 ? 54  LYS A NZ  1 
ATOM   172  N  N   . ASP A 1 55  ? -6.46713  -11.89060 7.91113   1.000 81.87000  ? 55  ASP A N   1 
ATOM   173  C  CA  . ASP A 1 55  ? -7.72133  -11.55739 8.57050   1.000 61.33000  ? 55  ASP A CA  1 
ATOM   174  C  C   . ASP A 1 55  ? -8.07109  -10.09394 8.34024   1.000 78.64000  ? 55  ASP A C   1 
ATOM   175  O  O   . ASP A 1 55  ? -9.23213  -9.75667  8.11202   1.000 79.44000  ? 55  ASP A O   1 
ATOM   176  C  CB  . ASP A 1 55  ? -7.64685  -11.86056 10.06716  1.000 78.01000  ? 55  ASP A CB  1 
ATOM   177  C  CG  . ASP A 1 55  ? -7.98193  -13.30364 10.38416  1.000 99.66000  ? 55  ASP A CG  1 
ATOM   178  O  OD1 . ASP A 1 55  ? -7.71449  -14.17760 9.53378   1.000 94.90000  ? 55  ASP A OD1 1 
ATOM   179  O  OD2 . ASP A 1 55  ? -8.52399  -13.56296 11.47921  1.000 112.52000 ? 55  ASP A OD2 1 
ATOM   180  N  N   . THR A 1 56  ? -7.06141  -9.23122  8.39604   1.000 67.81000  ? 56  THR A N   1 
ATOM   181  C  CA  . THR A 1 56  ? -7.24742  -7.81486  8.10726   1.000 68.73000  ? 56  THR A CA  1 
ATOM   182  C  C   . THR A 1 56  ? -7.72661  -7.62595  6.67308   1.000 73.26000  ? 56  THR A C   1 
ATOM   183  O  O   . THR A 1 56  ? -8.71081  -6.92982  6.42289   1.000 61.38000  ? 56  THR A O   1 
ATOM   184  C  CB  . THR A 1 56  ? -5.94726  -7.01510  8.31369   1.000 81.69000  ? 56  THR A CB  1 
ATOM   185  O  OG1 . THR A 1 56  ? -5.46457  -7.21203  9.64934   1.000 72.68000  ? 56  THR A OG1 1 
ATOM   186  C  CG2 . THR A 1 56  ? -6.18918  -5.53363  8.07271   1.000 63.76000  ? 56  THR A CG2 1 
ATOM   187  N  N   . ILE A 1 57  ? -7.02166  -8.25799  5.74080   1.000 68.53000  ? 57  ILE A N   1 
ATOM   188  C  CA  . ILE A 1 57  ? -7.34065  -8.17269  4.31919   1.000 74.67000  ? 57  ILE A CA  1 
ATOM   189  C  C   . ILE A 1 57  ? -8.73167  -8.71822  4.00195   1.000 71.19000  ? 57  ILE A C   1 
ATOM   190  O  O   . ILE A 1 57  ? -9.51966  -8.06792  3.31488   1.000 76.69000  ? 57  ILE A O   1 
ATOM   191  C  CB  . ILE A 1 57  ? -6.30021  -8.93532  3.47027   1.000 79.24000  ? 57  ILE A CB  1 
ATOM   192  C  CG1 . ILE A 1 57  ? -4.92497  -8.27707  3.58771   1.000 67.99000  ? 57  ILE A CG1 1 
ATOM   193  C  CG2 . ILE A 1 57  ? -6.72854  -8.98635  2.01454   1.000 63.48000  ? 57  ILE A CG2 1 
ATOM   194  C  CD1 . ILE A 1 57  ? -3.80549  -9.11292  3.00541   1.000 76.98000  ? 57  ILE A CD1 1 
ATOM   195  N  N   . SER A 1 58  ? -9.02847  -9.91125  4.51155   1.000 86.22000  ? 58  SER A N   1 
ATOM   196  C  CA  . SER A 1 58  ? -10.29955 -10.57406 4.22932   1.000 75.85000  ? 58  SER A CA  1 
ATOM   197  C  C   . SER A 1 58  ? -11.48631 -9.80498  4.79693   1.000 75.02000  ? 58  SER A C   1 
ATOM   198  O  O   . SER A 1 58  ? -12.56864 -9.79974  4.21113   1.000 81.82000  ? 58  SER A O   1 
ATOM   199  C  CB  . SER A 1 58  ? -10.29482 -11.99846 4.78677   1.000 75.96000  ? 58  SER A CB  1 
ATOM   200  O  OG  . SER A 1 58  ? -9.20346  -12.74281 4.27347   1.000 83.57000  ? 58  SER A OG  1 
ATOM   201  N  N   . SER A 1 59  ? -11.28213 -9.16206  5.94092   1.000 75.71000  ? 59  SER A N   1 
ATOM   202  C  CA  . SER A 1 59  ? -12.33445 -8.35895  6.55133   1.000 73.58000  ? 59  SER A CA  1 
ATOM   203  C  C   . SER A 1 59  ? -12.49910 -7.04501  5.79751   1.000 78.21000  ? 59  SER A C   1 
ATOM   204  O  O   . SER A 1 59  ? -13.58105 -6.45749  5.77858   1.000 68.92000  ? 59  SER A O   1 
ATOM   205  C  CB  . SER A 1 59  ? -12.02591 -8.09206  8.02501   1.000 73.95000  ? 59  SER A CB  1 
ATOM   206  O  OG  . SER A 1 59  ? -11.50996 -9.25063  8.65644   1.000 81.73000  ? 59  SER A OG  1 
ATOM   207  N  N   . ALA A 1 60  ? -11.41622 -6.59140  5.17398   1.000 61.93000  ? 60  ALA A N   1 
ATOM   208  C  CA  . ALA A 1 60  ? -11.42261 -5.33419  4.43625   1.000 65.10000  ? 60  ALA A CA  1 
ATOM   209  C  C   . ALA A 1 60  ? -12.04266 -5.48233  3.04928   1.000 75.48000  ? 60  ALA A C   1 
ATOM   210  O  O   . ALA A 1 60  ? -12.56164 -4.51651  2.49010   1.000 67.45000  ? 60  ALA A O   1 
ATOM   211  C  CB  . ALA A 1 60  ? -10.00896 -4.78820  4.32371   1.000 62.12000  ? 60  ALA A CB  1 
ATOM   212  N  N   . LEU A 1 61  ? -11.98017 -6.69005  2.49434   1.000 72.14000  ? 61  LEU A N   1 
ATOM   213  C  CA  . LEU A 1 61  ? -12.50649 -6.94277  1.15684   1.000 73.33000  ? 61  LEU A CA  1 
ATOM   214  C  C   . LEU A 1 61  ? -14.01541 -6.72388  1.10287   1.000 70.93000  ? 61  LEU A C   1 
ATOM   215  O  O   . LEU A 1 61  ? -14.76536 -7.32525  1.87137   1.000 70.58000  ? 61  LEU A O   1 
ATOM   216  C  CB  . LEU A 1 61  ? -12.16793 -8.36793  0.71172   1.000 60.58000  ? 61  LEU A CB  1 
ATOM   217  C  CG  . LEU A 1 61  ? -12.67322 -8.79739  -0.66648  1.000 53.84000  ? 61  LEU A CG  1 
ATOM   218  C  CD1 . LEU A 1 61  ? -11.84444 -8.15206  -1.76419  1.000 61.73000  ? 61  LEU A CD1 1 
ATOM   219  C  CD2 . LEU A 1 61  ? -12.65827 -10.31394 -0.79973  1.000 76.73000  ? 61  LEU A CD2 1 
ATOM   220  N  N   . GLY A 1 62  ? -14.45322 -5.86609  0.18616   1.000 68.78000  ? 62  GLY A N   1 
ATOM   221  C  CA  . GLY A 1 62  ? -15.86478 -5.56827  0.02181   1.000 61.29000  ? 62  GLY A CA  1 
ATOM   222  C  C   . GLY A 1 62  ? -16.50126 -4.89199  1.22012   1.000 72.75000  ? 62  GLY A C   1 
ATOM   223  O  O   . GLY A 1 62  ? -17.71868 -4.95332  1.39816   1.000 81.93000  ? 62  GLY A O   1 
ATOM   224  N  N   . LEU A 1 63  ? -15.67916 -4.24435  2.04075   1.000 78.24000  ? 63  LEU A N   1 
ATOM   225  C  CA  . LEU A 1 63  ? -16.15516 -3.59402  3.25925   1.000 62.43000  ? 63  LEU A CA  1 
ATOM   226  C  C   . LEU A 1 63  ? -17.16130 -2.48830  2.95705   1.000 59.95000  ? 63  LEU A C   1 
ATOM   227  O  O   . LEU A 1 63  ? -18.14657 -2.31956  3.67631   1.000 88.57000  ? 63  LEU A O   1 
ATOM   228  C  CB  . LEU A 1 63  ? -14.97676 -3.02615  4.05221   1.000 64.88000  ? 63  LEU A CB  1 
ATOM   229  C  CG  . LEU A 1 63  ? -15.31148 -2.15568  5.26518   1.000 79.45000  ? 63  LEU A CG  1 
ATOM   230  C  CD1 . LEU A 1 63  ? -16.05937 -2.96065  6.31646   1.000 74.91000  ? 63  LEU A CD1 1 
ATOM   231  C  CD2 . LEU A 1 63  ? -14.04951 -1.54130  5.85121   1.000 67.48000  ? 63  LEU A CD2 1 
ATOM   232  N  N   . TRP A 1 64  ? -16.90935 -1.74155  1.88794   1.000 75.31000  ? 64  TRP A N   1 
ATOM   233  C  CA  . TRP A 1 64  ? -17.78599 -0.64290  1.50019   1.000 80.61000  ? 64  TRP A CA  1 
ATOM   234  C  C   . TRP A 1 64  ? -19.06350 -1.15666  0.84599   1.000 79.13000  ? 64  TRP A C   1 
ATOM   235  O  O   . TRP A 1 64  ? -19.28819 -0.95131  -0.34643  1.000 81.89000  ? 64  TRP A O   1 
ATOM   236  C  CB  . TRP A 1 64  ? -17.05700 0.31125   0.55325   1.000 71.84000  ? 64  TRP A CB  1 
ATOM   237  C  CG  . TRP A 1 64  ? -15.91493 1.03183   1.19527   1.000 82.98000  ? 64  TRP A CG  1 
ATOM   238  C  CD1 . TRP A 1 64  ? -15.59825 1.05002   2.52366   1.000 75.69000  ? 64  TRP A CD1 1 
ATOM   239  C  CD2 . TRP A 1 64  ? -14.93051 1.84221   0.54107   1.000 82.19000  ? 64  TRP A CD2 1 
ATOM   240  N  NE1 . TRP A 1 64  ? -14.48064 1.82121   2.73500   1.000 65.65000  ? 64  TRP A NE1 1 
ATOM   241  C  CE2 . TRP A 1 64  ? -14.05270 2.31819   1.53076   1.000 76.07000  ? 64  TRP A CE2 1 
ATOM   242  C  CE3 . TRP A 1 64  ? -14.71189 2.20827   -0.79153  1.000 74.07000  ? 64  TRP A CE3 1 
ATOM   243  C  CZ2 . TRP A 1 64  ? -12.96970 3.14288   1.23606   1.000 63.70000  ? 64  TRP A CZ2 1 
ATOM   244  C  CZ3 . TRP A 1 64  ? -13.63556 3.02800   -1.08277  1.000 73.09000  ? 64  TRP A CZ3 1 
ATOM   245  C  CH2 . TRP A 1 64  ? -12.77962 3.48615   -0.07493  1.000 56.10000  ? 64  TRP A CH2 1 
ATOM   246  N  N   . SER B 2 5   ? 6.95465   -5.10916  3.17976   1.000 81.95000  ? 5   SER B N   1 
ATOM   247  C  CA  . SER B 2 5   ? 8.18693   -4.75419  2.48470   1.000 76.35000  ? 5   SER B CA  1 
ATOM   248  C  C   . SER B 2 5   ? 7.89236   -3.99309  1.19818   1.000 72.99000  ? 5   SER B C   1 
ATOM   249  O  O   . SER B 2 5   ? 8.73921   -3.91050  0.30851   1.000 75.13000  ? 5   SER B O   1 
ATOM   250  C  CB  . SER B 2 5   ? 9.00583   -6.00788  2.17134   1.000 80.35000  ? 5   SER B CB  1 
ATOM   251  O  OG  . SER B 2 5   ? 8.32037   -6.84546  1.25656   1.000 72.29000  ? 5   SER B OG  1 
ATOM   252  N  N   . ALA B 2 6   ? 6.69056   -3.43500  1.10610   1.000 72.55000  ? 6   ALA B N   1 
ATOM   253  C  CA  . ALA B 2 6   ? 6.25968   -2.76806  -0.11500  1.000 62.78000  ? 6   ALA B CA  1 
ATOM   254  C  C   . ALA B 2 6   ? 5.26471   -1.64770  0.16206   1.000 62.01000  ? 6   ALA B C   1 
ATOM   255  O  O   . ALA B 2 6   ? 4.58549   -1.64646  1.18836   1.000 55.86000  ? 6   ALA B O   1 
ATOM   256  C  CB  . ALA B 2 6   ? 5.65584   -3.77744  -1.06620  1.000 59.47000  ? 6   ALA B CB  1 
ATOM   257  N  N   . LEU B 2 7   ? 5.18320   -0.69677  -0.76377  1.000 67.26000  ? 7   LEU B N   1 
ATOM   258  C  CA  . LEU B 2 7   ? 4.23923   0.40711   -0.64105  1.000 55.46000  ? 7   LEU B CA  1 
ATOM   259  C  C   . LEU B 2 7   ? 3.12054   0.26827   -1.66771  1.000 57.55000  ? 7   LEU B C   1 
ATOM   260  O  O   . LEU B 2 7   ? 3.37265   0.00441   -2.84313  1.000 63.26000  ? 7   LEU B O   1 
ATOM   261  C  CB  . LEU B 2 7   ? 4.95431   1.75027   -0.80463  1.000 57.79000  ? 7   LEU B CB  1 
ATOM   262  C  CG  . LEU B 2 7   ? 4.18268   2.98859   -0.34118  1.000 70.17000  ? 7   LEU B CG  1 
ATOM   263  C  CD1 . LEU B 2 7   ? 5.13015   3.98793   0.29825   1.000 66.29000  ? 7   LEU B CD1 1 
ATOM   264  C  CD2 . LEU B 2 7   ? 3.42651   3.63415   -1.49199  1.000 72.24000  ? 7   LEU B CD2 1 
ATOM   265  N  N   . PHE B 2 8   ? 1.88283   0.45260   -1.21852  1.000 58.70000  ? 8   PHE B N   1 
ATOM   266  C  CA  . PHE B 2 8   ? 0.72183   0.26200   -2.08069  1.000 67.46000  ? 8   PHE B CA  1 
ATOM   267  C  C   . PHE B 2 8   ? 0.02244   1.57186   -2.43551  1.000 71.48000  ? 8   PHE B C   1 
ATOM   268  O  O   . PHE B 2 8   ? -0.24864  2.40221   -1.56870  1.000 65.17000  ? 8   PHE B O   1 
ATOM   269  C  CB  . PHE B 2 8   ? -0.27364  -0.69203  -1.41922  1.000 69.87000  ? 8   PHE B CB  1 
ATOM   270  C  CG  . PHE B 2 8   ? 0.14220   -2.13278  -1.47425  1.000 67.78000  ? 8   PHE B CG  1 
ATOM   271  C  CD1 . PHE B 2 8   ? 1.01858   -2.65240  -0.53593  1.000 50.21000  ? 8   PHE B CD1 1 
ATOM   272  C  CD2 . PHE B 2 8   ? -0.34362  -2.96794  -2.46616  1.000 67.93000  ? 8   PHE B CD2 1 
ATOM   273  C  CE1 . PHE B 2 8   ? 1.40225   -3.97806  -0.58717  1.000 67.91000  ? 8   PHE B CE1 1 
ATOM   274  C  CE2 . PHE B 2 8   ? 0.03596   -4.29502  -2.52212  1.000 65.46000  ? 8   PHE B CE2 1 
ATOM   275  C  CZ  . PHE B 2 8   ? 0.91035   -4.80109  -1.58126  1.000 63.59000  ? 8   PHE B CZ  1 
ATOM   276  N  N   . ASP B 2 9   ? -0.26256  1.74129   -3.72298  1.000 72.54000  ? 9   ASP B N   1 
ATOM   277  C  CA  . ASP B 2 9   ? -0.96775  2.91718   -4.21847  1.000 60.97000  ? 9   ASP B CA  1 
ATOM   278  C  C   . ASP B 2 9   ? -2.45569  2.85911   -3.88111  1.000 59.65000  ? 9   ASP B C   1 
ATOM   279  O  O   . ASP B 2 9   ? -2.98860  1.79712   -3.55917  1.000 64.14000  ? 9   ASP B O   1 
ATOM   280  C  CB  . ASP B 2 9   ? -0.77527  3.06137   -5.72934  1.000 75.56000  ? 9   ASP B CB  1 
ATOM   281  C  CG  . ASP B 2 9   ? -0.96985  4.48853   -6.20678  1.000 74.89000  ? 9   ASP B CG  1 
ATOM   282  O  OD1 . ASP B 2 9   ? -1.42499  5.32989   -5.40369  1.000 84.39000  ? 9   ASP B OD1 1 
ATOM   283  O  OD2 . ASP B 2 9   ? -0.66662  4.76958   -7.38570  1.000 88.13000  ? 9   ASP B OD2 1 
ATOM   284  N  N   . THR B 2 10  ? -3.10960  4.01468   -3.94708  1.000 66.69000  ? 10  THR B N   1 
ATOM   285  C  CA  . THR B 2 10  ? -4.52556  4.15077   -3.61183  1.000 68.02000  ? 10  THR B CA  1 
ATOM   286  C  C   . THR B 2 10  ? -5.45088  3.19101   -4.36538  1.000 58.79000  ? 10  THR B C   1 
ATOM   287  O  O   . THR B 2 10  ? -6.34938  2.59763   -3.76824  1.000 65.23000  ? 10  THR B O   1 
ATOM   288  C  CB  . THR B 2 10  ? -5.00901  5.59185   -3.87718  1.000 56.54000  ? 10  THR B CB  1 
ATOM   289  O  OG1 . THR B 2 10  ? -4.19285  6.51552   -3.14661  1.000 75.23000  ? 10  THR B OG1 1 
ATOM   290  C  CG2 . THR B 2 10  ? -6.46019  5.76284   -3.45575  1.000 60.83000  ? 10  THR B CG2 1 
ATOM   291  N  N   . ASN B 2 11  ? -5.22459  3.03842   -5.66831  1.000 61.39000  ? 11  ASN B N   1 
ATOM   292  C  CA  . ASN B 2 11  ? -6.13602  2.28387   -6.53078  1.000 72.79000  ? 11  ASN B CA  1 
ATOM   293  C  C   . ASN B 2 11  ? -6.39147  0.84479   -6.07506  1.000 73.89000  ? 11  ASN B C   1 
ATOM   294  O  O   . ASN B 2 11  ? -7.51545  0.35159   -6.16604  1.000 73.63000  ? 11  ASN B O   1 
ATOM   295  C  CB  . ASN B 2 11  ? -5.61311  2.28007   -7.97221  1.000 69.11000  ? 11  ASN B CB  1 
ATOM   296  C  CG  . ASN B 2 11  ? -4.19646  1.74704   -8.08297  1.000 82.43000  ? 11  ASN B CG  1 
ATOM   297  O  OD1 . ASN B 2 11  ? -3.93141  0.58301   -7.78529  1.000 78.43000  ? 11  ASN B OD1 1 
ATOM   298  N  ND2 . ASN B 2 11  ? -3.27861  2.59931   -8.52441  1.000 67.23000  ? 11  ASN B ND2 1 
ATOM   299  N  N   . ILE B 2 12  ? -5.35203  0.17847   -5.58162  1.000 61.03000  ? 12  ILE B N   1 
ATOM   300  C  CA  . ILE B 2 12  ? -5.48877  -1.19084  -5.09352  1.000 68.70000  ? 12  ILE B CA  1 
ATOM   301  C  C   . ILE B 2 12  ? -6.32631  -1.24463  -3.82154  1.000 71.86000  ? 12  ILE B C   1 
ATOM   302  O  O   . ILE B 2 12  ? -7.21387  -2.08873  -3.68765  1.000 72.20000  ? 12  ILE B O   1 
ATOM   303  C  CB  . ILE B 2 12  ? -4.11426  -1.82733  -4.82696  1.000 66.15000  ? 12  ILE B CB  1 
ATOM   304  C  CG1 . ILE B 2 12  ? -3.41976  -2.13112  -6.15050  1.000 71.21000  ? 12  ILE B CG1 1 
ATOM   305  C  CG2 . ILE B 2 12  ? -4.25695  -3.10610  -4.01479  1.000 56.27000  ? 12  ILE B CG2 1 
ATOM   306  C  CD1 . ILE B 2 12  ? -2.00995  -1.64486  -6.20495  1.000 67.94000  ? 12  ILE B CD1 1 
ATOM   307  N  N   . LEU B 2 13  ? -6.04196  -0.33670  -2.89318  1.000 60.56000  ? 13  LEU B N   1 
ATOM   308  C  CA  . LEU B 2 13  ? -6.78170  -0.27126  -1.63912  1.000 63.61000  ? 13  LEU B CA  1 
ATOM   309  C  C   . LEU B 2 13  ? -8.25371  0.02174   -1.90114  1.000 63.56000  ? 13  LEU B C   1 
ATOM   310  O  O   . LEU B 2 13  ? -9.13052  -0.56596  -1.26961  1.000 55.22000  ? 13  LEU B O   1 
ATOM   311  C  CB  . LEU B 2 13  ? -6.18307  0.78651   -0.70680  1.000 60.29000  ? 13  LEU B CB  1 
ATOM   312  C  CG  . LEU B 2 13  ? -4.95767  0.36715   0.11428   1.000 69.24000  ? 13  LEU B CG  1 
ATOM   313  C  CD1 . LEU B 2 13  ? -3.71518  0.23314   -0.75378  1.000 73.38000  ? 13  LEU B CD1 1 
ATOM   314  C  CD2 . LEU B 2 13  ? -4.71087  1.34522   1.25039   1.000 69.28000  ? 13  LEU B CD2 1 
ATOM   315  N  N   . ILE B 2 14  ? -8.51753  0.92094   -2.84437  1.000 63.95000  ? 14  ILE B N   1 
ATOM   316  C  CA  . ILE B 2 14  ? -9.88357  1.21581   -3.26109  1.000 67.43000  ? 14  ILE B CA  1 
ATOM   317  C  C   . ILE B 2 14  ? -10.54911 -0.04123  -3.81105  1.000 67.93000  ? 14  ILE B C   1 
ATOM   318  O  O   . ILE B 2 14  ? -11.70120 -0.33295  -3.49305  1.000 70.99000  ? 14  ILE B O   1 
ATOM   319  C  CB  . ILE B 2 14  ? -9.92755  2.33192   -4.32318  1.000 76.60000  ? 14  ILE B CB  1 
ATOM   320  C  CG1 . ILE B 2 14  ? -9.43395  3.65125   -3.72699  1.000 68.65000  ? 14  ILE B CG1 1 
ATOM   321  C  CG2 . ILE B 2 14  ? -11.33714 2.50367   -4.86763  1.000 43.77000  ? 14  ILE B CG2 1 
ATOM   322  C  CD1 . ILE B 2 14  ? -10.23772 4.12002   -2.53447  1.000 63.93000  ? 14  ILE B CD1 1 
ATOM   323  N  N   . ASP B 2 15  ? -9.80912  -0.78902  -4.62525  1.000 78.98000  ? 15  ASP B N   1 
ATOM   324  C  CA  . ASP B 2 15  ? -10.29963 -2.04434  -5.18885  1.000 78.29000  ? 15  ASP B CA  1 
ATOM   325  C  C   . ASP B 2 15  ? -10.63041 -3.05554  -4.09613  1.000 75.45000  ? 15  ASP B C   1 
ATOM   326  O  O   . ASP B 2 15  ? -11.66878 -3.71551  -4.14607  1.000 70.38000  ? 15  ASP B O   1 
ATOM   327  C  CB  . ASP B 2 15  ? -9.27045  -2.64192  -6.14866  1.000 59.59000  ? 15  ASP B CB  1 
ATOM   328  C  CG  . ASP B 2 15  ? -9.22688  -1.92157  -7.47849  1.000 77.22000  ? 15  ASP B CG  1 
ATOM   329  O  OD1 . ASP B 2 15  ? -10.28090 -1.42305  -7.92533  1.000 94.00000  ? 15  ASP B OD1 1 
ATOM   330  O  OD2 . ASP B 2 15  ? -8.13487  -1.85305  -8.07613  1.000 84.71000  ? 15  ASP B OD2 1 
ATOM   331  N  N   . LEU B 2 16  ? -9.73037  -3.17593  -3.12353  1.000 68.46000  ? 16  LEU B N   1 
ATOM   332  C  CA  . LEU B 2 16  ? -9.92495  -4.06348  -1.98122  1.000 64.17000  ? 16  LEU B CA  1 
ATOM   333  C  C   . LEU B 2 16  ? -11.24619 -3.78092  -1.27907  1.000 66.67000  ? 16  LEU B C   1 
ATOM   334  O  O   . LEU B 2 16  ? -12.12153 -4.64414  -1.21150  1.000 68.62000  ? 16  LEU B O   1 
ATOM   335  C  CB  . LEU B 2 16  ? -8.77112  -3.93047  -0.98878  1.000 63.63000  ? 16  LEU B CB  1 
ATOM   336  C  CG  . LEU B 2 16  ? -8.91795  -4.77777  0.27745   1.000 73.44000  ? 16  LEU B CG  1 
ATOM   337  C  CD1 . LEU B 2 16  ? -8.69967  -6.25424  -0.02813  1.000 68.93000  ? 16  LEU B CD1 1 
ATOM   338  C  CD2 . LEU B 2 16  ? -7.97358  -4.29613  1.36478   1.000 68.06000  ? 16  LEU B CD2 1 
ATOM   339  N  N   . PHE B 2 17  ? -11.37673 -2.56631  -0.75197  1.000 75.52000  ? 17  PHE B N   1 
ATOM   340  C  CA  . PHE B 2 17  ? -12.59434 -2.14125  -0.07003  1.000 68.86000  ? 17  PHE B CA  1 
ATOM   341  C  C   . PHE B 2 17  ? -13.82735 -2.23613  -0.97326  1.000 62.11000  ? 17  PHE B C   1 
ATOM   342  O  O   . PHE B 2 17  ? -14.95734 -2.27060  -0.48619  1.000 69.28000  ? 17  PHE B O   1 
ATOM   343  C  CB  . PHE B 2 17  ? -12.44229 -0.70784  0.45173   1.000 60.62000  ? 17  PHE B CB  1 
ATOM   344  C  CG  . PHE B 2 17  ? -11.41291 -0.55988  1.54035   1.000 71.76000  ? 17  PHE B CG  1 
ATOM   345  C  CD1 . PHE B 2 17  ? -11.54978 -1.23749  2.74075   1.000 68.44000  ? 17  PHE B CD1 1 
ATOM   346  C  CD2 . PHE B 2 17  ? -10.31758 0.27301   1.36981   1.000 61.32000  ? 17  PHE B CD2 1 
ATOM   347  C  CE1 . PHE B 2 17  ? -10.60767 -1.09897  3.74361   1.000 68.05000  ? 17  PHE B CE1 1 
ATOM   348  C  CE2 . PHE B 2 17  ? -9.37247  0.41583   2.36900   1.000 53.57000  ? 17  PHE B CE2 1 
ATOM   349  C  CZ  . PHE B 2 17  ? -9.51738  -0.27052  3.55695   1.000 61.73000  ? 17  PHE B CZ  1 
ATOM   350  N  N   . SER B 2 18  ? -13.60727 -2.27610  -2.28570  1.000 63.30000  ? 18  SER B N   1 
ATOM   351  C  CA  . SER B 2 18  ? -14.69954 -2.38265  -3.24894  1.000 78.81000  ? 18  SER B CA  1 
ATOM   352  C  C   . SER B 2 18  ? -15.00262 -3.83354  -3.62122  1.000 75.95000  ? 18  SER B C   1 
ATOM   353  O  O   . SER B 2 18  ? -15.85747 -4.09811  -4.46678  1.000 93.78000  ? 18  SER B O   1 
ATOM   354  C  CB  . SER B 2 18  ? -14.38149 -1.58084  -4.51263  1.000 80.35000  ? 18  SER B CB  1 
ATOM   355  O  OG  . SER B 2 18  ? -14.15127 -0.21796  -4.20404  1.000 86.59000  ? 18  SER B OG  1 
ATOM   356  N  N   . GLY B 2 19  ? -14.29937 -4.76815  -2.98952  1.000 71.36000  ? 19  GLY B N   1 
ATOM   357  C  CA  . GLY B 2 19  ? -14.56514 -6.18284  -3.18312  1.000 67.21000  ? 19  GLY B CA  1 
ATOM   358  C  C   . GLY B 2 19  ? -13.97426 -6.82289  -4.42544  1.000 58.63000  ? 19  GLY B C   1 
ATOM   359  O  O   . GLY B 2 19  ? -14.59021 -7.69915  -5.02949  1.000 75.51000  ? 19  GLY B O   1 
ATOM   360  N  N   . ARG B 2 20  ? -12.77873 -6.38982  -4.80863  1.000 67.05000  ? 20  ARG B N   1 
ATOM   361  C  CA  . ARG B 2 20  ? -12.04825 -7.04335  -5.88650  1.000 62.80000  ? 20  ARG B CA  1 
ATOM   362  C  C   . ARG B 2 20  ? -11.08288 -8.06654  -5.29991  1.000 76.54000  ? 20  ARG B C   1 
ATOM   363  O  O   . ARG B 2 20  ? -10.18503 -7.70741  -4.53796  1.000 80.58000  ? 20  ARG B O   1 
ATOM   364  C  CB  . ARG B 2 20  ? -11.28680 -6.02169  -6.73389  1.000 76.00000  ? 20  ARG B CB  1 
ATOM   365  C  CG  . ARG B 2 20  ? -12.15943 -4.95677  -7.37586  1.000 75.69000  ? 20  ARG B CG  1 
ATOM   366  C  CD  . ARG B 2 20  ? -13.22585 -5.57311  -8.26682  1.000 90.85000  ? 20  ARG B CD  1 
ATOM   367  N  NE  . ARG B 2 20  ? -12.66372 -6.52005  -9.22551  1.000 105.55000 ? 20  ARG B NE  1 
ATOM   368  C  CZ  . ARG B 2 20  ? -13.36285 -7.10628  -10.19209 1.000 103.69000 ? 20  ARG B CZ  1 
ATOM   369  N  NH1 . ARG B 2 20  ? -14.65354 -6.84159  -10.33451 1.000 109.67000 ? 20  ARG B NH1 1 
ATOM   370  N  NH2 . ARG B 2 20  ? -12.76964 -7.95622  -11.01946 1.000 98.77000  ? 20  ARG B NH2 1 
ATOM   371  N  N   . ARG B 2 21  ? -11.26935 -9.33732  -5.64731  1.000 74.74000  ? 21  ARG B N   1 
ATOM   372  C  CA  . ARG B 2 21  ? -10.39427 -10.39092 -5.14330  1.000 85.37000  ? 21  ARG B CA  1 
ATOM   373  C  C   . ARG B 2 21  ? -8.96430  -10.18115 -5.63057  1.000 72.22000  ? 21  ARG B C   1 
ATOM   374  O  O   . ARG B 2 21  ? -8.00600  -10.57615 -4.96501  1.000 80.77000  ? 21  ARG B O   1 
ATOM   375  C  CB  . ARG B 2 21  ? -10.89478 -11.77528 -5.56464  1.000 83.07000  ? 21  ARG B CB  1 
ATOM   376  C  CG  . ARG B 2 21  ? -10.06336 -12.91422 -4.98854  1.000 73.80000  ? 21  ARG B CG  1 
ATOM   377  C  CD  . ARG B 2 21  ? -10.67524 -14.27740 -5.25083  1.000 68.70000  ? 21  ARG B CD  1 
ATOM   378  N  NE  . ARG B 2 21  ? -9.98739  -15.32009 -4.49374  1.000 75.47000  ? 21  ARG B NE  1 
ATOM   379  C  CZ  . ARG B 2 21  ? -10.22340 -15.59408 -3.21392  1.000 82.66000  ? 21  ARG B CZ  1 
ATOM   380  N  NH1 . ARG B 2 21  ? -11.13641 -14.90521 -2.54233  1.000 74.83000  ? 21  ARG B NH1 1 
ATOM   381  N  NH2 . ARG B 2 21  ? -9.54819  -16.55941 -2.60487  1.000 79.05000  ? 21  ARG B NH2 1 
ATOM   382  N  N   . GLU B 2 22  ? -8.83036  -9.54663  -6.79156  1.000 73.51000  ? 22  GLU B N   1 
ATOM   383  C  CA  . GLU B 2 22  ? -7.52298  -9.24281  -7.36010  1.000 60.36000  ? 22  GLU B CA  1 
ATOM   384  C  C   . GLU B 2 22  ? -6.68308  -8.39104  -6.41052  1.000 61.02000  ? 22  GLU B C   1 
ATOM   385  O  O   . GLU B 2 22  ? -5.46487  -8.54348  -6.34105  1.000 62.34000  ? 22  GLU B O   1 
ATOM   386  C  CB  . GLU B 2 22  ? -7.67571  -8.52539  -8.70348  1.000 65.70000  ? 22  GLU B CB  1 
ATOM   387  C  CG  . GLU B 2 22  ? -8.36517  -9.34741  -9.78346  1.000 64.43000  ? 22  GLU B CG  1 
ATOM   388  C  CD  . GLU B 2 22  ? -9.85883  -9.09316  -9.85108  1.000 78.73000  ? 22  GLU B CD  1 
ATOM   389  O  OE1 . GLU B 2 22  ? -10.49153 -8.95316  -8.78355  1.000 94.09000  ? 22  GLU B OE1 1 
ATOM   390  O  OE2 . GLU B 2 22  ? -10.39949 -9.03081  -10.97579 1.000 92.10000  ? 22  GLU B OE2 1 
ATOM   391  N  N   . ALA B 2 23  ? -7.34279  -7.49886  -5.67717  1.000 76.31000  ? 23  ALA B N   1 
ATOM   392  C  CA  . ALA B 2 23  ? -6.65641  -6.63286  -4.72509  1.000 62.18000  ? 23  ALA B CA  1 
ATOM   393  C  C   . ALA B 2 23  ? -6.22475  -7.41321  -3.48784  1.000 74.80000  ? 23  ALA B C   1 
ATOM   394  O  O   . ALA B 2 23  ? -5.15327  -7.16779  -2.93110  1.000 71.02000  ? 23  ALA B O   1 
ATOM   395  C  CB  . ALA B 2 23  ? -7.54522  -5.46872  -4.33385  1.000 73.89000  ? 23  ALA B CB  1 
ATOM   396  N  N   . LYS B 2 24  ? -7.06814  -8.34898  -3.06388  1.000 71.29000  ? 24  LYS B N   1 
ATOM   397  C  CA  . LYS B 2 24  ? -6.75518  -9.22911  -1.94369  1.000 62.35000  ? 24  LYS B CA  1 
ATOM   398  C  C   . LYS B 2 24  ? -5.48034  -10.02102 -2.21230  1.000 75.07000  ? 24  LYS B C   1 
ATOM   399  O  O   . LYS B 2 24  ? -4.64245  -10.19117 -1.32689  1.000 76.83000  ? 24  LYS B O   1 
ATOM   400  C  CB  . LYS B 2 24  ? -7.92592  -10.18012 -1.67389  1.000 71.78000  ? 24  LYS B CB  1 
ATOM   401  C  CG  . LYS B 2 24  ? -7.58081  -11.39169 -0.82067  1.000 62.76000  ? 24  LYS B CG  1 
ATOM   402  C  CD  . LYS B 2 24  ? -8.79971  -12.28292 -0.62600  1.000 89.60000  ? 24  LYS B CD  1 
ATOM   403  C  CE  . LYS B 2 24  ? -8.42484  -13.62172 -0.00964  1.000 76.46000  ? 24  LYS B CE  1 
ATOM   404  N  NZ  . LYS B 2 24  ? -7.58144  -14.43937 -0.92474  1.000 66.65000  ? 24  LYS B NZ  1 
ATOM   405  N  N   . GLN B 2 25  ? -5.33618  -10.48674 -3.44791  1.000 67.59000  ? 25  GLN B N   1 
ATOM   406  C  CA  . GLN B 2 25  ? -4.18896  -11.29627 -3.83986  1.000 70.09000  ? 25  GLN B CA  1 
ATOM   407  C  C   . GLN B 2 25  ? -2.93661  -10.44658 -4.03985  1.000 70.63000  ? 25  GLN B C   1 
ATOM   408  O  O   . GLN B 2 25  ? -1.81734  -10.95236 -3.96714  1.000 84.44000  ? 25  GLN B O   1 
ATOM   409  C  CB  . GLN B 2 25  ? -4.50966  -12.07967 -5.11329  1.000 63.10000  ? 25  GLN B CB  1 
ATOM   410  C  CG  . GLN B 2 25  ? -5.69617  -13.02062 -4.96378  1.000 70.93000  ? 25  GLN B CG  1 
ATOM   411  C  CD  . GLN B 2 25  ? -6.02145  -13.76695 -6.24245  1.000 85.26000  ? 25  GLN B CD  1 
ATOM   412  O  OE1 . GLN B 2 25  ? -5.40741  -13.53633 -7.28385  1.000 87.59000  ? 25  GLN B OE1 1 
ATOM   413  N  NE2 . GLN B 2 25  ? -6.99470  -14.66719 -6.16961  1.000 88.44000  ? 25  GLN B NE2 1 
ATOM   414  N  N   . ALA B 2 26  ? -3.13015  -9.15649  -4.29488  1.000 60.42000  ? 26  ALA B N   1 
ATOM   415  C  CA  . ALA B 2 26  ? -2.00952  -8.23249  -4.42925  1.000 65.50000  ? 26  ALA B CA  1 
ATOM   416  C  C   . ALA B 2 26  ? -1.35249  -7.99635  -3.07399  1.000 68.79000  ? 26  ALA B C   1 
ATOM   417  O  O   . ALA B 2 26  ? -0.12749  -8.03280  -2.95023  1.000 66.42000  ? 26  ALA B O   1 
ATOM   418  C  CB  . ALA B 2 26  ? -2.47180  -6.91621  -5.03577  1.000 67.45000  ? 26  ALA B CB  1 
ATOM   419  N  N   . LEU B 2 27  ? -2.17818  -7.75765  -2.06075  1.000 60.92000  ? 27  LEU B N   1 
ATOM   420  C  CA  . LEU B 2 27  ? -1.69276  -7.53087  -0.70398  1.000 70.67000  ? 27  LEU B CA  1 
ATOM   421  C  C   . LEU B 2 27  ? -1.06475  -8.78921  -0.11626  1.000 76.15000  ? 27  LEU B C   1 
ATOM   422  O  O   . LEU B 2 27  ? -0.03595  -8.72366  0.55616   1.000 81.81000  ? 27  LEU B O   1 
ATOM   423  C  CB  . LEU B 2 27  ? -2.83180  -7.05359  0.19681   1.000 65.08000  ? 27  LEU B CB  1 
ATOM   424  C  CG  . LEU B 2 27  ? -3.51997  -5.74004  -0.17011  1.000 70.72000  ? 27  LEU B CG  1 
ATOM   425  C  CD1 . LEU B 2 27  ? -4.66735  -5.48465  0.78214   1.000 71.01000  ? 27  LEU B CD1 1 
ATOM   426  C  CD2 . LEU B 2 27  ? -2.53456  -4.58645  -0.13253  1.000 59.17000  ? 27  LEU B CD2 1 
ATOM   427  N  N   . GLU B 2 28  ? -1.69310  -9.93342  -0.37013  1.000 66.19000  ? 28  GLU B N   1 
ATOM   428  C  CA  . GLU B 2 28  ? -1.20879  -11.20930 0.14926   1.000 71.18000  ? 28  GLU B CA  1 
ATOM   429  C  C   . GLU B 2 28  ? 0.10805   -11.62113 -0.49911  1.000 68.59000  ? 28  GLU B C   1 
ATOM   430  O  O   . GLU B 2 28  ? 0.86605   -12.40970 0.06468   1.000 86.30000  ? 28  GLU B O   1 
ATOM   431  C  CB  . GLU B 2 28  ? -2.25597  -12.30440 -0.05933  1.000 73.80000  ? 28  GLU B CB  1 
ATOM   432  C  CG  . GLU B 2 28  ? -3.47185  -12.18534 0.84396   1.000 70.87000  ? 28  GLU B CG  1 
ATOM   433  C  CD  . GLU B 2 28  ? -4.54003  -13.20906 0.51733   1.000 83.42000  ? 28  GLU B CD  1 
ATOM   434  O  OE1 . GLU B 2 28  ? -4.44712  -13.84621 -0.55236  1.000 82.42000  ? 28  GLU B OE1 1 
ATOM   435  O  OE2 . GLU B 2 28  ? -5.47214  -13.37797 1.33216   1.000 80.36000  ? 28  GLU B OE2 1 
ATOM   436  N  N   . ALA B 2 29  ? 0.37685   -11.08357 -1.68437  1.000 53.73000  ? 29  ALA B N   1 
ATOM   437  C  CA  . ALA B 2 29  ? 1.60715   -11.39518 -2.40326  1.000 52.30000  ? 29  ALA B CA  1 
ATOM   438  C  C   . ALA B 2 29  ? 2.80454   -10.68374 -1.78208  1.000 69.06000  ? 29  ALA B C   1 
ATOM   439  O  O   . ALA B 2 29  ? 3.95057   -10.93123 -2.15767  1.000 64.21000  ? 29  ALA B O   1 
ATOM   440  C  CB  . ALA B 2 29  ? 1.47283   -11.02150 -3.87023  1.000 44.61000  ? 29  ALA B CB  1 
ATOM   441  N  N   . TRP B 2 30  ? 2.53192   -9.79769  -0.83060  1.000 67.33000  ? 30  TRP B N   1 
ATOM   442  C  CA  . TRP B 2 30  ? 3.58680   -9.05693  -0.15360  1.000 68.66000  ? 30  TRP B CA  1 
ATOM   443  C  C   . TRP B 2 30  ? 3.48062   -9.21202  1.35992   1.000 67.10000  ? 30  TRP B C   1 
ATOM   444  O  O   . TRP B 2 30  ? 2.37979   -9.25610  1.91041   1.000 62.19000  ? 30  TRP B O   1 
ATOM   445  C  CB  . TRP B 2 30  ? 3.53404   -7.58103  -0.55029  1.000 61.03000  ? 30  TRP B CB  1 
ATOM   446  C  CG  . TRP B 2 30  ? 3.87918   -7.35739  -1.98842  1.000 71.66000  ? 30  TRP B CG  1 
ATOM   447  C  CD1 . TRP B 2 30  ? 3.01701   -7.33836  -3.04612  1.000 67.27000  ? 30  TRP B CD1 1 
ATOM   448  C  CD2 . TRP B 2 30  ? 5.18555   -7.13662  -2.53204  1.000 60.65000  ? 30  TRP B CD2 1 
ATOM   449  N  NE1 . TRP B 2 30  ? 3.70507   -7.11178  -4.21340  1.000 72.72000  ? 30  TRP B NE1 1 
ATOM   450  C  CE2 . TRP B 2 30  ? 5.03822   -6.98459  -3.92494  1.000 56.23000  ? 30  TRP B CE2 1 
ATOM   451  C  CE3 . TRP B 2 30  ? 6.46542   -7.04992  -1.97465  1.000 61.04000  ? 30  TRP B CE3 1 
ATOM   452  C  CZ2 . TRP B 2 30  ? 6.12176   -6.75054  -4.76805  1.000 62.02000  ? 30  TRP B CZ2 1 
ATOM   453  C  CZ3 . TRP B 2 30  ? 7.53938   -6.81511  -2.81435  1.000 74.15000  ? 30  TRP B CZ3 1 
ATOM   454  C  CH2 . TRP B 2 30  ? 7.36083   -6.66890  -4.19517  1.000 75.50000  ? 30  TRP B CH2 1 
ATOM   455  N  N   . PRO B 2 31  ? 4.63409   -9.29607  2.03798   1.000 53.07000  ? 31  PRO B N   1 
ATOM   456  C  CA  . PRO B 2 31  ? 4.66824   -9.53829  3.48415   1.000 72.26000  ? 31  PRO B CA  1 
ATOM   457  C  C   . PRO B 2 31  ? 4.14785   -8.35993  4.30024   1.000 72.93000  ? 31  PRO B C   1 
ATOM   458  O  O   . PRO B 2 31  ? 4.27133   -7.21338  3.87110   1.000 63.88000  ? 31  PRO B O   1 
ATOM   459  C  CB  . PRO B 2 31  ? 6.15943   -9.77754  3.77171   1.000 54.04000  ? 31  PRO B CB  1 
ATOM   460  C  CG  . PRO B 2 31  ? 6.82051   -9.92163  2.43268   1.000 50.91000  ? 31  PRO B CG  1 
ATOM   461  C  CD  . PRO B 2 31  ? 5.98490   -9.15377  1.47300   1.000 60.93000  ? 31  PRO B CD  1 
ATOM   462  N  N   . PRO B 2 32  ? 3.58957   -8.64563  5.48507   1.000 76.38000  ? 32  PRO B N   1 
ATOM   463  C  CA  . PRO B 2 32  ? 3.08443   -7.63933  6.42532   1.000 71.79000  ? 32  PRO B CA  1 
ATOM   464  C  C   . PRO B 2 32  ? 4.18784   -6.66810  6.83080   1.000 74.05000  ? 32  PRO B C   1 
ATOM   465  O  O   . PRO B 2 32  ? 5.35760   -6.97593  6.59956   1.000 86.72000  ? 32  PRO B O   1 
ATOM   466  C  CB  . PRO B 2 32  ? 2.60404   -8.47736  7.61001   1.000 71.26000  ? 32  PRO B CB  1 
ATOM   467  C  CG  . PRO B 2 32  ? 2.23686   -9.78801  6.99700   1.000 75.00000  ? 32  PRO B CG  1 
ATOM   468  C  CD  . PRO B 2 32  ? 3.25978   -10.01314 5.92318   1.000 79.47000  ? 32  PRO B CD  1 
ATOM   469  N  N   . GLN B 2 33  ? 3.80899   -5.54773  7.44646   1.000 78.94000  ? 33  GLN B N   1 
ATOM   470  C  CA  . GLN B 2 33  ? 4.58190   -4.29927  7.44908   1.000 85.94000  ? 33  GLN B CA  1 
ATOM   471  C  C   . GLN B 2 33  ? 4.59621   -3.68684  6.04874   1.000 76.39000  ? 33  GLN B C   1 
ATOM   472  O  O   . GLN B 2 33  ? 5.62938   -3.22342  5.55944   1.000 90.04000  ? 33  GLN B O   1 
ATOM   473  C  CB  . GLN B 2 33  ? 6.01946   -4.50921  7.93813   1.000 95.73000  ? 33  GLN B CB  1 
ATOM   474  C  CG  . GLN B 2 33  ? 6.16636   -4.75174  9.42717   1.000 97.90000  ? 33  GLN B CG  1 
ATOM   475  C  CD  . GLN B 2 33  ? 7.54368   -4.37730  9.93128   1.000 104.53000 ? 33  GLN B CD  1 
ATOM   476  O  OE1 . GLN B 2 33  ? 8.47939   -4.23000  9.14715   1.000 114.26000 ? 33  GLN B OE1 1 
ATOM   477  N  NE2 . GLN B 2 33  ? 7.68227   -4.24796  11.24681  1.000 112.84000 ? 33  GLN B NE2 1 
ATOM   478  N  N   . ASN B 2 34  ? 3.42769   -3.70112  5.41170   1.000 62.26000  ? 34  ASN B N   1 
ATOM   479  C  CA  . ASN B 2 34  ? 3.21614   -2.99428  4.15573   1.000 59.92000  ? 34  ASN B CA  1 
ATOM   480  C  C   . ASN B 2 34  ? 2.84835   -1.54175  4.42728   1.000 55.35000  ? 34  ASN B C   1 
ATOM   481  O  O   . ASN B 2 34  ? 2.13875   -1.24029  5.38743   1.000 67.52000  ? 34  ASN B O   1 
ATOM   482  C  CB  . ASN B 2 34  ? 2.12588   -3.67594  3.32831   1.000 59.80000  ? 34  ASN B CB  1 
ATOM   483  C  CG  . ASN B 2 34  ? 2.62356   -4.92687  2.63269   1.000 70.57000  ? 34  ASN B CG  1 
ATOM   484  O  OD1 . ASN B 2 34  ? 3.75371   -4.97065  2.14582   1.000 57.61000  ? 34  ASN B OD1 1 
ATOM   485  N  ND2 . ASN B 2 34  ? 1.78117   -5.95289  2.58274   1.000 59.73000  ? 34  ASN B ND2 1 
ATOM   486  N  N   . ALA B 2 35  ? 3.33222   -0.64248  3.57679   1.000 63.55000  ? 35  ALA B N   1 
ATOM   487  C  CA  . ALA B 2 35  ? 3.21035   0.78551   3.84025   1.000 58.60000  ? 35  ALA B CA  1 
ATOM   488  C  C   . ALA B 2 35  ? 2.34558   1.51372   2.81687   1.000 62.22000  ? 35  ALA B C   1 
ATOM   489  O  O   . ALA B 2 35  ? 2.18618   1.06191   1.68422   1.000 70.00000  ? 35  ALA B O   1 
ATOM   490  C  CB  . ALA B 2 35  ? 4.59270   1.42154   3.89527   1.000 52.12000  ? 35  ALA B CB  1 
ATOM   491  N  N   . ILE B 2 36  ? 1.77760   2.64091   3.23840   1.000 50.77000  ? 36  ILE B N   1 
ATOM   492  C  CA  . ILE B 2 36  ? 1.06228   3.53911   2.33841   1.000 47.31000  ? 36  ILE B CA  1 
ATOM   493  C  C   . ILE B 2 36  ? 1.44453   4.98283   2.63977   1.000 62.79000  ? 36  ILE B C   1 
ATOM   494  O  O   . ILE B 2 36  ? 1.85534   5.30436   3.75629   1.000 50.41000  ? 36  ILE B O   1 
ATOM   495  C  CB  . ILE B 2 36  ? -0.47135  3.39773   2.45766   1.000 52.90000  ? 36  ILE B CB  1 
ATOM   496  C  CG1 . ILE B 2 36  ? -0.93094  3.70948   3.88439   1.000 56.04000  ? 36  ILE B CG1 1 
ATOM   497  C  CG2 . ILE B 2 36  ? -0.92603  2.00967   2.03098   1.000 49.93000  ? 36  ILE B CG2 1 
ATOM   498  C  CD1 . ILE B 2 36  ? -2.43160  3.83459   4.02722   1.000 50.35000  ? 36  ILE B CD1 1 
ATOM   499  N  N   . SER B 2 37  ? 1.31303   5.85070   1.64421   1.000 52.80000  ? 37  SER B N   1 
ATOM   500  C  CA  . SER B 2 37  ? 1.54405   7.27338   1.84985   1.000 36.92000  ? 37  SER B CA  1 
ATOM   501  C  C   . SER B 2 37  ? 0.37596   7.88404   2.61210   1.000 54.27000  ? 37  SER B C   1 
ATOM   502  O  O   . SER B 2 37  ? -0.73684  7.35681   2.57991   1.000 53.38000  ? 37  SER B O   1 
ATOM   503  C  CB  . SER B 2 37  ? 1.74184   7.99227   0.51372   1.000 60.78000  ? 37  SER B CB  1 
ATOM   504  O  OG  . SER B 2 37  ? 1.75389   9.39984   0.68884   1.000 49.38000  ? 37  SER B OG  1 
ATOM   505  N  N   . LEU B 2 38  ? 0.63291   8.99225   3.30037   1.000 57.43000  ? 38  LEU B N   1 
ATOM   506  C  CA  . LEU B 2 38  ? -0.41639  9.71227   4.01378   1.000 45.51000  ? 38  LEU B CA  1 
ATOM   507  C  C   . LEU B 2 38  ? -1.45903  10.22929  3.02665   1.000 51.30000  ? 38  LEU B C   1 
ATOM   508  O  O   . LEU B 2 38  ? -2.63129  10.39028  3.36826   1.000 54.73000  ? 38  LEU B O   1 
ATOM   509  C  CB  . LEU B 2 38  ? 0.17713   10.86546  4.82807   1.000 54.74000  ? 38  LEU B CB  1 
ATOM   510  C  CG  . LEU B 2 38  ? -0.78442  11.70972  5.66765   1.000 59.62000  ? 38  LEU B CG  1 
ATOM   511  C  CD1 . LEU B 2 38  ? -1.57031  10.83520  6.63179   1.000 47.97000  ? 38  LEU B CD1 1 
ATOM   512  C  CD2 . LEU B 2 38  ? -0.02887  12.79581  6.42010   1.000 60.75000  ? 38  LEU B CD2 1 
ATOM   513  N  N   . ILE B 2 39  ? -1.01723  10.48133  1.79776   1.000 46.55000  ? 39  ILE B N   1 
ATOM   514  C  CA  . ILE B 2 39  ? -1.90796  10.88398  0.71621   1.000 47.65000  ? 39  ILE B CA  1 
ATOM   515  C  C   . ILE B 2 39  ? -2.92460  9.78820   0.41714   1.000 58.61000  ? 39  ILE B C   1 
ATOM   516  O  O   . ILE B 2 39  ? -4.12776  10.04681  0.35177   1.000 48.56000  ? 39  ILE B O   1 
ATOM   517  C  CB  . ILE B 2 39  ? -1.12146  11.21156  -0.56686  1.000 53.85000  ? 39  ILE B CB  1 
ATOM   518  C  CG1 . ILE B 2 39  ? -0.45715  12.58082  -0.44465  1.000 55.20000  ? 39  ILE B CG1 1 
ATOM   519  C  CG2 . ILE B 2 39  ? -2.03670  11.19565  -1.77978  1.000 58.53000  ? 39  ILE B CG2 1 
ATOM   520  C  CD1 . ILE B 2 39  ? 0.37863   12.94794  -1.64095  1.000 72.86000  ? 39  ILE B CD1 1 
ATOM   521  N  N   . THR B 2 40  ? -2.42885  8.56741   0.23776   1.000 59.78000  ? 40  THR B N   1 
ATOM   522  C  CA  . THR B 2 40  ? -3.28202  7.41044   -0.01026  1.000 61.51000  ? 40  THR B CA  1 
ATOM   523  C  C   . THR B 2 40  ? -4.27525  7.22989   1.13353   1.000 46.31000  ? 40  THR B C   1 
ATOM   524  O  O   . THR B 2 40  ? -5.43917  6.89875   0.91101   1.000 46.20000  ? 40  THR B O   1 
ATOM   525  C  CB  . THR B 2 40  ? -2.44545  6.12497   -0.18913  1.000 55.04000  ? 40  THR B CB  1 
ATOM   526  O  OG1 . THR B 2 40  ? -1.69555  6.20901   -1.40735  1.000 59.17000  ? 40  THR B OG1 1 
ATOM   527  C  CG2 . THR B 2 40  ? -3.34064  4.89611   -0.24103  1.000 47.54000  ? 40  THR B CG2 1 
ATOM   528  N  N   . TRP B 2 41  ? -3.80782  7.47039   2.35536   1.000 42.94000  ? 41  TRP B N   1 
ATOM   529  C  CA  . TRP B 2 41  ? -4.66105  7.39342   3.53515   1.000 48.44000  ? 41  TRP B CA  1 
ATOM   530  C  C   . TRP B 2 41  ? -5.83245  8.36291   3.42442   1.000 53.78000  ? 41  TRP B C   1 
ATOM   531  O  O   . TRP B 2 41  ? -6.97964  7.99092   3.66030   1.000 66.01000  ? 41  TRP B O   1 
ATOM   532  C  CB  . TRP B 2 41  ? -3.85468  7.68831   4.80206   1.000 50.79000  ? 41  TRP B CB  1 
ATOM   533  C  CG  . TRP B 2 41  ? -4.61078  7.43760   6.06903   1.000 65.82000  ? 41  TRP B CG  1 
ATOM   534  C  CD1 . TRP B 2 41  ? -4.61973  6.28577   6.80310   1.000 60.61000  ? 41  TRP B CD1 1 
ATOM   535  C  CD2 . TRP B 2 41  ? -5.47474  8.35171   6.76220   1.000 67.96000  ? 41  TRP B CD2 1 
ATOM   536  N  NE1 . TRP B 2 41  ? -5.42993  6.42729   7.90238   1.000 52.20000  ? 41  TRP B NE1 1 
ATOM   537  C  CE2 . TRP B 2 41  ? -5.96627  7.68991   7.89654   1.000 55.04000  ? 41  TRP B CE2 1 
ATOM   538  C  CE3 . TRP B 2 41  ? -5.87324  9.67338   6.51854   1.000 59.81000  ? 41  TRP B CE3 1 
ATOM   539  C  CZ2 . TRP B 2 41  ? -6.83989  8.29582   8.79892   1.000 57.93000  ? 41  TRP B CZ2 1 
ATOM   540  C  CZ3 . TRP B 2 41  ? -6.74244  10.27309  7.41535   1.000 62.79000  ? 41  TRP B CZ3 1 
ATOM   541  C  CH2 . TRP B 2 41  ? -7.21501  9.58581   8.53941   1.000 78.73000  ? 41  TRP B CH2 1 
HETATM 542  N  N   . MSE B 2 42  ? -5.53464  9.60474   3.05444   1.000 63.07000  ? 42  MSE B N   1 
HETATM 543  C  CA  . MSE B 2 42  ? -6.56286  10.62863  2.90756   1.000 64.41000  ? 42  MSE B CA  1 
HETATM 544  C  C   . MSE B 2 42  ? -7.52191  10.30580  1.76673   1.000 56.07000  ? 42  MSE B C   1 
HETATM 545  O  O   . MSE B 2 42  ? -8.73667  10.43208  1.91656   1.000 57.63000  ? 42  MSE B O   1 
HETATM 546  C  CB  . MSE B 2 42  ? -5.92409  12.00190  2.68137   1.000 61.20000  ? 42  MSE B CB  1 
HETATM 547  C  CG  . MSE B 2 42  ? -5.38301  12.65120  3.94616   1.000 60.12000  ? 42  MSE B CG  1 
HETATM 548  SE SE  . MSE B 2 42  ? -4.60938  14.41187  3.61605   0.520 61.03000  ? 42  MSE B SE  1 
HETATM 549  C  CE  . MSE B 2 42  ? -3.09007  13.87285  2.52009   1.000 56.34000  ? 42  MSE B CE  1 
ATOM   550  N  N   . GLU B 2 43  ? -6.97190  9.88857   0.62932   1.000 46.21000  ? 43  GLU B N   1 
ATOM   551  C  CA  . GLU B 2 43  ? -7.77895  9.55686   -0.54057  1.000 57.40000  ? 43  GLU B CA  1 
ATOM   552  C  C   . GLU B 2 43  ? -8.74089  8.40629   -0.25231  1.000 63.21000  ? 43  GLU B C   1 
ATOM   553  O  O   . GLU B 2 43  ? -9.89022  8.42262   -0.69117  1.000 73.12000  ? 43  GLU B O   1 
ATOM   554  C  CB  . GLU B 2 43  ? -6.87904  9.20470   -1.72930  1.000 63.27000  ? 43  GLU B CB  1 
ATOM   555  C  CG  . GLU B 2 43  ? -6.06290  10.37505  -2.26053  1.000 77.54000  ? 43  GLU B CG  1 
ATOM   556  C  CD  . GLU B 2 43  ? -5.13382  9.97330   -3.39103  1.000 94.02000  ? 43  GLU B CD  1 
ATOM   557  O  OE1 . GLU B 2 43  ? -4.98311  8.75904   -3.63376  1.000 92.47000  ? 43  GLU B OE1 1 
ATOM   558  O  OE2 . GLU B 2 43  ? -4.55359  10.87048  -4.03750  1.000 86.69000  ? 43  GLU B OE2 1 
ATOM   559  N  N   . VAL B 2 44  ? -8.26431  7.41176   0.49123   1.000 51.27000  ? 44  VAL B N   1 
ATOM   560  C  CA  . VAL B 2 44  ? -9.08800  6.26498   0.85666   1.000 60.54000  ? 44  VAL B CA  1 
ATOM   561  C  C   . VAL B 2 44  ? -10.13985 6.64968   1.89483   1.000 67.39000  ? 44  VAL B C   1 
ATOM   562  O  O   . VAL B 2 44  ? -11.30776 6.27603   1.77305   1.000 74.81000  ? 44  VAL B O   1 
ATOM   563  C  CB  . VAL B 2 44  ? -8.22655  5.10254   1.39980   1.000 64.06000  ? 44  VAL B CB  1 
ATOM   564  C  CG1 . VAL B 2 44  ? -9.09526  4.05755   2.08206   1.000 58.28000  ? 44  VAL B CG1 1 
ATOM   565  C  CG2 . VAL B 2 44  ? -7.41674  4.47294   0.27503   1.000 57.44000  ? 44  VAL B CG2 1 
HETATM 566  N  N   . MSE B 2 45  ? -9.72491  7.40615   2.90796   1.000 56.77000  ? 45  MSE B N   1 
HETATM 567  C  CA  . MSE B 2 45  ? -10.63111 7.82487   3.97413   1.000 61.08000  ? 45  MSE B CA  1 
HETATM 568  C  C   . MSE B 2 45  ? -11.77020 8.69911   3.45326   1.000 77.24000  ? 45  MSE B C   1 
HETATM 569  O  O   . MSE B 2 45  ? -12.84879 8.73394   4.04518   1.000 69.68000  ? 45  MSE B O   1 
HETATM 570  C  CB  . MSE B 2 45  ? -9.86651  8.56575   5.07262   1.000 62.72000  ? 45  MSE B CB  1 
HETATM 571  C  CG  . MSE B 2 45  ? -9.10370  7.65121   6.01750   1.000 63.28000  ? 45  MSE B CG  1 
HETATM 572  SE SE  . MSE B 2 45  ? -10.24902 6.29934   6.83270   0.510 58.96000  ? 45  MSE B SE  1 
HETATM 573  C  CE  . MSE B 2 45  ? -11.51731 7.47419   7.73313   1.000 70.20000  ? 45  MSE B CE  1 
ATOM   574  N  N   . VAL B 2 46  ? -11.52584 9.40533   2.35307   1.000 56.09000  ? 46  VAL B N   1 
ATOM   575  C  CA  . VAL B 2 46  ? -12.57269 10.18223  1.69900   1.000 61.14000  ? 46  VAL B CA  1 
ATOM   576  C  C   . VAL B 2 46  ? -13.67645 9.24983   1.20781   1.000 72.31000  ? 46  VAL B C   1 
ATOM   577  O  O   . VAL B 2 46  ? -14.86457 9.52672   1.38266   1.000 76.60000  ? 46  VAL B O   1 
ATOM   578  C  CB  . VAL B 2 46  ? -12.01872 11.00779  0.51615   1.000 78.15000  ? 46  VAL B CB  1 
ATOM   579  C  CG1 . VAL B 2 46  ? -13.14082 11.44320  -0.41580  1.000 61.69000  ? 46  VAL B CG1 1 
ATOM   580  C  CG2 . VAL B 2 46  ? -11.24438 12.21444  1.02696   1.000 69.43000  ? 46  VAL B CG2 1 
ATOM   581  N  N   . GLY B 2 47  ? -13.27256 8.13392   0.61044   1.000 72.59000  ? 47  GLY B N   1 
ATOM   582  C  CA  . GLY B 2 47  ? -14.21382 7.13870   0.13221   1.000 70.84000  ? 47  GLY B CA  1 
ATOM   583  C  C   . GLY B 2 47  ? -14.96072 6.45975   1.26439   1.000 79.16000  ? 47  GLY B C   1 
ATOM   584  O  O   . GLY B 2 47  ? -16.12071 6.07835   1.11031   1.000 79.35000  ? 47  GLY B O   1 
ATOM   585  N  N   . ALA B 2 48  ? -14.29388 6.31296   2.40506   1.000 64.36000  ? 48  ALA B N   1 
ATOM   586  C  CA  . ALA B 2 48  ? -14.89104 5.66946   3.56995   1.000 71.90000  ? 48  ALA B CA  1 
ATOM   587  C  C   . ALA B 2 48  ? -16.08689 6.46024   4.09379   1.000 75.35000  ? 48  ALA B C   1 
ATOM   588  O  O   . ALA B 2 48  ? -17.09772 5.88048   4.48818   1.000 77.57000  ? 48  ALA B O   1 
ATOM   589  C  CB  . ALA B 2 48  ? -13.85222 5.49545   4.66612   1.000 70.29000  ? 48  ALA B CB  1 
ATOM   590  N  N   . LYS B 2 49  ? -15.96303 7.78385   4.09629   1.000 79.43000  ? 49  LYS B N   1 
ATOM   591  C  CA  . LYS B 2 49  ? -17.03290 8.65627   4.56892   1.000 85.31000  ? 49  LYS B CA  1 
ATOM   592  C  C   . LYS B 2 49  ? -18.24702 8.58789   3.64899   1.000 72.08000  ? 49  LYS B C   1 
ATOM   593  O  O   . LYS B 2 49  ? -19.38662 8.52803   4.11238   1.000 76.12000  ? 49  LYS B O   1 
ATOM   594  C  CB  . LYS B 2 49  ? -16.53911 10.10022  4.67711   1.000 75.15000  ? 49  LYS B CB  1 
ATOM   595  C  CG  . LYS B 2 49  ? -15.25990 10.25943  5.47781   1.000 86.89000  ? 49  LYS B CG  1 
ATOM   596  C  CD  . LYS B 2 49  ? -15.45614 11.18567  6.66572   1.000 88.02000  ? 49  LYS B CD  1 
ATOM   597  C  CE  . LYS B 2 49  ? -15.74037 12.60875  6.21763   1.000 89.55000  ? 49  LYS B CE  1 
ATOM   598  N  NZ  . LYS B 2 49  ? -15.93814 13.51861  7.37913   1.000 101.55000 ? 49  LYS B NZ  1 
ATOM   599  N  N   . LYS B 2 50  ? -17.98938 8.60074   2.34412   1.000 83.50000  ? 50  LYS B N   1 
ATOM   600  C  CA  . LYS B 2 50  ? -19.04396 8.51151   1.34048   1.000 80.53000  ? 50  LYS B CA  1 
ATOM   601  C  C   . LYS B 2 50  ? -19.85905 7.23474   1.51279   1.000 68.69000  ? 50  LYS B C   1 
ATOM   602  O  O   . LYS B 2 50  ? -21.08775 7.25086   1.43351   1.000 82.83000  ? 50  LYS B O   1 
ATOM   603  C  CB  . LYS B 2 50  ? -18.44087 8.56717   -0.06662  1.000 68.94000  ? 50  LYS B CB  1 
ATOM   604  C  CG  . LYS B 2 50  ? -19.41409 8.22782   -1.18556  1.000 77.81000  ? 50  LYS B CG  1 
ATOM   605  C  CD  . LYS B 2 50  ? -18.80783 8.52302   -2.55065  1.000 77.20000  ? 50  LYS B CD  1 
ATOM   606  C  CE  . LYS B 2 50  ? -19.79485 8.24164   -3.67309  1.000 82.09000  ? 50  LYS B CE  1 
ATOM   607  N  NZ  . LYS B 2 50  ? -19.20467 8.50918   -5.01510  1.000 81.22000  ? 50  LYS B NZ  1 
ATOM   608  N  N   . TYR B 2 51  ? -19.16245 6.12837   1.74740   1.000 80.49000  ? 51  TYR B N   1 
ATOM   609  C  CA  . TYR B 2 51  ? -19.80311 4.83091   1.92751   1.000 84.84000  ? 51  TYR B CA  1 
ATOM   610  C  C   . TYR B 2 51  ? -20.01723 4.50885   3.41000   1.000 67.11000  ? 51  TYR B C   1 
ATOM   611  O  O   . TYR B 2 51  ? -20.40961 3.39594   3.76377   1.000 81.89000  ? 51  TYR B O   1 
ATOM   612  C  CB  . TYR B 2 51  ? -18.98760 3.74886   1.22048   1.000 89.60000  ? 51  TYR B CB  1 
ATOM   613  C  CG  . TYR B 2 51  ? -18.91146 3.99080   -0.27352  1.000 79.11000  ? 51  TYR B CG  1 
ATOM   614  C  CD1 . TYR B 2 51  ? -20.05938 3.96478   -1.05691  1.000 82.61000  ? 51  TYR B CD1 1 
ATOM   615  C  CD2 . TYR B 2 51  ? -17.70219 4.27112   -0.89597  1.000 82.27000  ? 51  TYR B CD2 1 
ATOM   616  C  CE1 . TYR B 2 51  ? -20.00379 4.19700   -2.41957  1.000 92.53000  ? 51  TYR B CE1 1 
ATOM   617  C  CE2 . TYR B 2 51  ? -17.63665 4.50471   -2.26089  1.000 72.70000  ? 51  TYR B CE2 1 
ATOM   618  C  CZ  . TYR B 2 51  ? -18.79060 4.46635   -3.01629  1.000 93.36000  ? 51  TYR B CZ  1 
ATOM   619  O  OH  . TYR B 2 51  ? -18.73244 4.69678   -4.37133  1.000 99.32000  ? 51  TYR B OH  1 
ATOM   620  N  N   . HIS B 2 52  ? -19.72840 5.49386   4.25947   1.000 72.00000  ? 52  HIS B N   1 
ATOM   621  C  CA  . HIS B 2 52  ? -20.08424 5.48077   5.68427   1.000 73.49000  ? 52  HIS B CA  1 
ATOM   622  C  C   . HIS B 2 52  ? -19.37229 4.39676   6.49643   1.000 81.35000  ? 52  HIS B C   1 
ATOM   623  O  O   . HIS B 2 52  ? -19.85753 3.98030   7.54905   1.000 88.65000  ? 52  HIS B O   1 
ATOM   624  C  CB  . HIS B 2 52  ? -21.60116 5.31801   5.84164   1.000 78.37000  ? 52  HIS B CB  1 
ATOM   625  C  CG  . HIS B 2 52  ? -22.40164 6.15676   4.89511   1.000 78.89000  ? 52  HIS B CG  1 
ATOM   626  N  ND1 . HIS B 2 52  ? -22.68709 7.48518   5.13227   1.000 84.44000  ? 52  HIS B ND1 1 
ATOM   627  C  CD2 . HIS B 2 52  ? -22.98168 5.85725   3.70720   1.000 83.54000  ? 52  HIS B CD2 1 
ATOM   628  C  CE1 . HIS B 2 52  ? -23.40524 7.96679   4.13261   1.000 90.33000  ? 52  HIS B CE1 1 
ATOM   629  N  NE2 . HIS B 2 52  ? -23.59611 6.99709   3.25467   1.000 82.05000  ? 52  HIS B NE2 1 
ATOM   630  N  N   . GLN B 2 53  ? -18.22576 3.94576   6.00211   1.000 81.19000  ? 53  GLN B N   1 
ATOM   631  C  CA  . GLN B 2 53  ? -17.42273 2.92678   6.67706   1.000 78.02000  ? 53  GLN B CA  1 
ATOM   632  C  C   . GLN B 2 53  ? -16.26574 3.47112   7.51999   1.000 77.11000  ? 53  GLN B C   1 
ATOM   633  O  O   . GLN B 2 53  ? -15.41873 2.69494   7.96352   1.000 80.01000  ? 53  GLN B O   1 
ATOM   634  C  CB  . GLN B 2 53  ? -16.89285 1.91501   5.66213   1.000 77.89000  ? 53  GLN B CB  1 
ATOM   635  C  CG  . GLN B 2 53  ? -17.95562 0.93025   5.19857   1.000 75.75000  ? 53  GLN B CG  1 
ATOM   636  C  CD  . GLN B 2 53  ? -18.58832 0.16607   6.35371   1.000 86.81000  ? 53  GLN B CD  1 
ATOM   637  O  OE1 . GLN B 2 53  ? -17.95071 -0.07982  7.37925   1.000 75.19000  ? 53  GLN B OE1 1 
ATOM   638  N  NE2 . GLN B 2 53  ? -19.85318 -0.20411  6.19286   1.000 78.89000  ? 53  GLN B NE2 1 
ATOM   639  N  N   . GLU B 2 54  ? -16.22894 4.78930   7.72165   1.000 74.05000  ? 54  GLU B N   1 
ATOM   640  C  CA  . GLU B 2 54  ? -15.04609 5.49484   8.23070   1.000 76.84000  ? 54  GLU B CA  1 
ATOM   641  C  C   . GLU B 2 54  ? -14.32624 4.80616   9.39284   1.000 81.90000  ? 54  GLU B C   1 
ATOM   642  O  O   . GLU B 2 54  ? -13.09809 4.71775   9.39870   1.000 77.50000  ? 54  GLU B O   1 
ATOM   643  C  CB  . GLU B 2 54  ? -15.42963 6.90374   8.69849   1.000 74.11000  ? 54  GLU B CB  1 
ATOM   644  C  CG  . GLU B 2 54  ? -16.72216 7.46330   8.12837   1.000 94.52000  ? 54  GLU B CG  1 
ATOM   645  C  CD  . GLU B 2 54  ? -17.07052 8.81620   8.72717   1.000 100.17000 ? 54  GLU B CD  1 
ATOM   646  O  OE1 . GLU B 2 54  ? -16.18462 9.43467   9.35312   1.000 101.06000 ? 54  GLU B OE1 1 
ATOM   647  O  OE2 . GLU B 2 54  ? -18.23198 9.25394   8.58745   1.000 102.39000 ? 54  GLU B OE2 1 
ATOM   648  N  N   . GLN B 2 55  ? -15.08519 4.32522   10.37125  1.000 70.19000  ? 55  GLN B N   1 
ATOM   649  C  CA  . GLN B 2 55  ? -14.49654 3.70662   11.55746  1.000 84.37000  ? 55  GLN B CA  1 
ATOM   650  C  C   . GLN B 2 55  ? -13.74156 2.42171   11.23215  1.000 76.85000  ? 55  GLN B C   1 
ATOM   651  O  O   . GLN B 2 55  ? -12.61243 2.22326   11.68101  1.000 80.25000  ? 55  GLN B O   1 
ATOM   652  C  CB  . GLN B 2 55  ? -15.57567 3.41453   12.60209  1.000 83.13000  ? 55  GLN B CB  1 
ATOM   653  C  CG  . GLN B 2 55  ? -15.04098 2.77116   13.87258  1.000 89.80000  ? 55  GLN B CG  1 
ATOM   654  C  CD  . GLN B 2 55  ? -13.85360 3.51819   14.44727  1.000 104.59000 ? 55  GLN B CD  1 
ATOM   655  O  OE1 . GLN B 2 55  ? -12.76871 2.95801   14.60486  1.000 110.81000 ? 55  GLN B OE1 1 
ATOM   656  N  NE2 . GLN B 2 55  ? -14.05406 4.79194   14.76510  1.000 105.77000 ? 55  GLN B NE2 1 
ATOM   657  N  N   . ARG B 2 56  ? -14.37058 1.55244   10.44875  1.000 65.32000  ? 56  ARG B N   1 
ATOM   658  C  CA  . ARG B 2 56  ? -13.80532 0.24197   10.15271  1.000 73.82000  ? 56  ARG B CA  1 
ATOM   659  C  C   . ARG B 2 56  ? -12.69171 0.31804   9.11262   1.000 71.82000  ? 56  ARG B C   1 
ATOM   660  O  O   . ARG B 2 56  ? -11.76324 -0.48942  9.12683   1.000 79.06000  ? 56  ARG B O   1 
ATOM   661  C  CB  . ARG B 2 56  ? -14.90766 -0.70603  9.68361   1.000 80.88000  ? 56  ARG B CB  1 
ATOM   662  C  CG  . ARG B 2 56  ? -16.15683 -0.63522  10.54460  1.000 94.59000  ? 56  ARG B CG  1 
ATOM   663  C  CD  . ARG B 2 56  ? -16.52270 -1.99461  11.11220  1.000 98.47000  ? 56  ARG B CD  1 
ATOM   664  N  NE  . ARG B 2 56  ? -17.53356 -2.66710  10.30285  1.000 86.82000  ? 56  ARG B NE  1 
ATOM   665  C  CZ  . ARG B 2 56  ? -17.69318 -3.98507  10.24975  1.000 112.97000 ? 56  ARG B CZ  1 
ATOM   666  N  NH1 . ARG B 2 56  ? -16.90482 -4.78029  10.96171  1.000 113.99000 ? 56  ARG B NH1 1 
ATOM   667  N  NH2 . ARG B 2 56  ? -18.64139 -4.50846  9.48595   1.000 115.60000 ? 56  ARG B NH2 1 
ATOM   668  N  N   . THR B 2 57  ? -12.78946 1.29068   8.21258   1.000 65.80000  ? 57  THR B N   1 
ATOM   669  C  CA  . THR B 2 57  ? -11.75364 1.50811   7.21174   1.000 61.73000  ? 57  THR B CA  1 
ATOM   670  C  C   . THR B 2 57  ? -10.48087 2.02113   7.87918   1.000 70.64000  ? 57  THR B C   1 
ATOM   671  O  O   . THR B 2 57  ? -9.36970  1.70874   7.45004   1.000 64.92000  ? 57  THR B O   1 
ATOM   672  C  CB  . THR B 2 57  ? -12.21217 2.50684   6.13134   1.000 65.94000  ? 57  THR B CB  1 
ATOM   673  O  OG1 . THR B 2 57  ? -13.48775 2.10614   5.61683   1.000 70.07000  ? 57  THR B OG1 1 
ATOM   674  C  CG2 . THR B 2 57  ? -11.20603 2.57097   4.99153   1.000 56.91000  ? 57  THR B CG2 1 
ATOM   675  N  N   . ARG B 2 58  ? -10.65775 2.80109   8.94177   1.000 68.17000  ? 58  ARG B N   1 
ATOM   676  C  CA  . ARG B 2 58  ? -9.53770  3.36868   9.68411   1.000 71.21000  ? 58  ARG B CA  1 
ATOM   677  C  C   . ARG B 2 58  ? -8.73418  2.28625   10.39672  1.000 68.09000  ? 58  ARG B C   1 
ATOM   678  O  O   . ARG B 2 58  ? -7.50363  2.30851   10.39128  1.000 74.66000  ? 58  ARG B O   1 
ATOM   679  C  CB  . ARG B 2 58  ? -10.03886 4.39804   10.69897  1.000 79.63000  ? 58  ARG B CB  1 
ATOM   680  C  CG  . ARG B 2 58  ? -8.93676  5.06976   11.49855  1.000 82.91000  ? 58  ARG B CG  1 
ATOM   681  C  CD  . ARG B 2 58  ? -9.50836  5.87393   12.65380  1.000 85.01000  ? 58  ARG B CD  1 
ATOM   682  N  NE  . ARG B 2 58  ? -10.64382 6.69327   12.23842  1.000 81.92000  ? 58  ARG B NE  1 
ATOM   683  C  CZ  . ARG B 2 58  ? -10.53773 7.91895   11.73537  1.000 81.14000  ? 58  ARG B CZ  1 
ATOM   684  N  NH1 . ARG B 2 58  ? -9.34338  8.47339   11.57854  1.000 70.09000  ? 58  ARG B NH1 1 
ATOM   685  N  NH2 . ARG B 2 58  ? -11.62683 8.59025   11.38498  1.000 74.07000  ? 58  ARG B NH2 1 
HETATM 686  N  N   . MSE B 2 59  ? -9.43874  1.34382   11.01426  1.000 78.68000  ? 59  MSE B N   1 
HETATM 687  C  CA  . MSE B 2 59  ? -8.79401  0.24165   11.71742  1.000 85.59000  ? 59  MSE B CA  1 
HETATM 688  C  C   . MSE B 2 59  ? -8.02729  -0.65344  10.74896  1.000 68.01000  ? 59  MSE B C   1 
HETATM 689  O  O   . MSE B 2 59  ? -7.00810  -1.24250  11.10818  1.000 75.45000  ? 59  MSE B O   1 
HETATM 690  C  CB  . MSE B 2 59  ? -9.83005  -0.57559  12.49131  1.000 82.41000  ? 59  MSE B CB  1 
HETATM 691  C  CG  . MSE B 2 59  ? -10.44280 0.16731   13.66943  1.000 97.09000  ? 59  MSE B CG  1 
HETATM 692  SE SE  . MSE B 2 59  ? -12.00522 -0.73141  14.41667  0.540 127.13000 ? 59  MSE B SE  1 
HETATM 693  C  CE  . MSE B 2 59  ? -11.49289 -2.57933  14.06880  1.000 103.88000 ? 59  MSE B CE  1 
ATOM   694  N  N   . ALA B 2 60  ? -8.52131  -0.74930  9.51892   1.000 55.98000  ? 60  ALA B N   1 
ATOM   695  C  CA  . ALA B 2 60  ? -7.85065  -1.53528  8.48998   1.000 56.30000  ? 60  ALA B CA  1 
ATOM   696  C  C   . ALA B 2 60  ? -6.59833  -0.81894  7.99200   1.000 69.66000  ? 60  ALA B C   1 
ATOM   697  O  O   . ALA B 2 60  ? -5.55282  -1.43948  7.79940   1.000 56.46000  ? 60  ALA B O   1 
ATOM   698  C  CB  . ALA B 2 60  ? -8.79772  -1.81916  7.33431   1.000 54.48000  ? 60  ALA B CB  1 
ATOM   699  N  N   . LEU B 2 61  ? -6.71398  0.49030   7.78726   1.000 65.78000  ? 61  LEU B N   1 
ATOM   700  C  CA  . LEU B 2 61  ? -5.59272  1.30016   7.32378   1.000 61.15000  ? 61  LEU B CA  1 
ATOM   701  C  C   . LEU B 2 61  ? -4.49197  1.40095   8.37591   1.000 63.34000  ? 61  LEU B C   1 
ATOM   702  O  O   . LEU B 2 61  ? -3.31475  1.53239   8.04091   1.000 56.58000  ? 61  LEU B O   1 
ATOM   703  C  CB  . LEU B 2 61  ? -6.06614  2.70361   6.93790   1.000 55.45000  ? 61  LEU B CB  1 
ATOM   704  C  CG  . LEU B 2 61  ? -6.91436  2.83798   5.67125   1.000 69.09000  ? 61  LEU B CG  1 
ATOM   705  C  CD1 . LEU B 2 61  ? -7.28294  4.29349   5.42449   1.000 62.13000  ? 61  LEU B CD1 1 
ATOM   706  C  CD2 . LEU B 2 61  ? -6.18250  2.25739   4.47391   1.000 53.58000  ? 61  LEU B CD2 1 
ATOM   707  N  N   . SER B 2 62  ? -4.87951  1.33664   9.64519   1.000 63.21000  ? 62  SER B N   1 
ATOM   708  C  CA  . SER B 2 62  ? -3.93108  1.47959   10.74741  1.000 53.26000  ? 62  SER B CA  1 
ATOM   709  C  C   . SER B 2 62  ? -2.98053  0.28808   10.84527  1.000 65.67000  ? 62  SER B C   1 
ATOM   710  O  O   . SER B 2 62  ? -1.98775  0.33777   11.57126  1.000 66.39000  ? 62  SER B O   1 
ATOM   711  C  CB  . SER B 2 62  ? -4.67781  1.66305   12.07112  1.000 65.90000  ? 62  SER B CB  1 
ATOM   712  O  OG  . SER B 2 62  ? -5.19822  0.43322   12.54143  1.000 81.39000  ? 62  SER B OG  1 
ATOM   713  N  N   . THR B 2 63  ? -3.28740  -0.77855  10.11493  1.000 44.24000  ? 63  THR B N   1 
ATOM   714  C  CA  . THR B 2 63  ? -2.41709  -1.94793  10.07122  1.000 57.51000  ? 63  THR B CA  1 
ATOM   715  C  C   . THR B 2 63  ? -1.23576  -1.69011  9.14110   1.000 59.13000  ? 63  THR B C   1 
ATOM   716  O  O   . THR B 2 63  ? -0.20473  -2.35796  9.22528   1.000 65.55000  ? 63  THR B O   1 
ATOM   717  C  CB  . THR B 2 63  ? -3.17585  -3.20222  9.60822   1.000 63.55000  ? 63  THR B CB  1 
ATOM   718  O  OG1 . THR B 2 63  ? -3.65789  -3.00759  8.27313   1.000 70.65000  ? 63  THR B OG1 1 
ATOM   719  C  CG2 . THR B 2 63  ? -4.35243  -3.48078  10.53344  1.000 54.32000  ? 63  THR B CG2 1 
ATOM   720  N  N   . PHE B 2 64  ? -1.39902  -0.71428  8.25451   1.000 68.17000  ? 64  PHE B N   1 
ATOM   721  C  CA  . PHE B 2 64  ? -0.32084  -0.27728  7.37664   1.000 62.57000  ? 64  PHE B CA  1 
ATOM   722  C  C   . PHE B 2 64  ? 0.62552   0.66967   8.09778   1.000 53.72000  ? 64  PHE B C   1 
ATOM   723  O  O   . PHE B 2 64  ? 0.21014   1.41357   8.98652   1.000 50.97000  ? 64  PHE B O   1 
ATOM   724  C  CB  . PHE B 2 64  ? -0.87886  0.42208   6.13609   1.000 70.54000  ? 64  PHE B CB  1 
ATOM   725  C  CG  . PHE B 2 64  ? -1.56241  -0.49776  5.17225   1.000 66.39000  ? 64  PHE B CG  1 
ATOM   726  C  CD1 . PHE B 2 64  ? -2.88760  -0.85471  5.35406   1.000 54.90000  ? 64  PHE B CD1 1 
ATOM   727  C  CD2 . PHE B 2 64  ? -0.88240  -0.99522  4.07462   1.000 53.01000  ? 64  PHE B CD2 1 
ATOM   728  C  CE1 . PHE B 2 64  ? -3.51922  -1.69838  4.46162   1.000 69.30000  ? 64  PHE B CE1 1 
ATOM   729  C  CE2 . PHE B 2 64  ? -1.50826  -1.83808  3.17885   1.000 56.29000  ? 64  PHE B CE2 1 
ATOM   730  C  CZ  . PHE B 2 64  ? -2.82881  -2.19136  3.37228   1.000 65.79000  ? 64  PHE B CZ  1 
ATOM   731  N  N   . ASN B 2 65  ? 1.89903   0.64040   7.72113   1.000 54.47000  ? 65  ASN B N   1 
ATOM   732  C  CA  . ASN B 2 65  ? 2.78985   1.72192   8.09792   1.000 59.17000  ? 65  ASN B CA  1 
ATOM   733  C  C   . ASN B 2 65  ? 2.38759   2.93988   7.28151   1.000 63.96000  ? 65  ASN B C   1 
ATOM   734  O  O   . ASN B 2 65  ? 2.39499   2.89984   6.05299   1.000 52.54000  ? 65  ASN B O   1 
ATOM   735  C  CB  . ASN B 2 65  ? 4.25419   1.35398   7.84954   1.000 67.60000  ? 65  ASN B CB  1 
ATOM   736  C  CG  . ASN B 2 65  ? 5.21321   2.45232   8.27279   1.000 73.47000  ? 65  ASN B CG  1 
ATOM   737  O  OD1 . ASN B 2 65  ? 4.90592   3.25696   9.15263   1.000 82.64000  ? 65  ASN B OD1 1 
ATOM   738  N  ND2 . ASN B 2 65  ? 6.38284   2.49055   7.64365   1.000 73.84000  ? 65  ASN B ND2 1 
ATOM   739  N  N   . ILE B 2 66  ? 2.02707   4.02182   7.95827   1.000 53.85000  ? 66  ILE B N   1 
ATOM   740  C  CA  . ILE B 2 66  ? 1.55297   5.20313   7.25535   1.000 54.46000  ? 66  ILE B CA  1 
ATOM   741  C  C   . ILE B 2 66  ? 2.63021   6.27293   7.27214   1.000 54.72000  ? 66  ILE B C   1 
ATOM   742  O  O   . ILE B 2 66  ? 2.91420   6.87125   8.30842   1.000 51.18000  ? 66  ILE B O   1 
ATOM   743  C  CB  . ILE B 2 66  ? 0.25338   5.74565   7.87166   1.000 48.26000  ? 66  ILE B CB  1 
ATOM   744  C  CG1 . ILE B 2 66  ? -0.82076  4.65619   7.87439   1.000 56.45000  ? 66  ILE B CG1 1 
ATOM   745  C  CG2 . ILE B 2 66  ? -0.23143  6.96203   7.09929   1.000 51.74000  ? 66  ILE B CG2 1 
ATOM   746  C  CD1 . ILE B 2 66  ? -2.01347  4.97207   8.74758   1.000 53.31000  ? 66  ILE B CD1 1 
ATOM   747  N  N   . ILE B 2 67  ? 3.22172   6.51137   6.10722   1.000 59.03000  ? 67  ILE B N   1 
ATOM   748  C  CA  . ILE B 2 67  ? 4.37201   7.39425   6.00248   1.000 64.10000  ? 67  ILE B CA  1 
ATOM   749  C  C   . ILE B 2 67  ? 3.95454   8.81583   5.64129   1.000 48.40000  ? 67  ILE B C   1 
ATOM   750  O  O   . ILE B 2 67  ? 3.40835   9.06410   4.56653   1.000 62.51000  ? 67  ILE B O   1 
ATOM   751  C  CB  . ILE B 2 67  ? 5.37859   6.87517   4.95779   1.000 65.15000  ? 67  ILE B CB  1 
ATOM   752  C  CG1 . ILE B 2 67  ? 5.87807   5.48133   5.34787   1.000 62.86000  ? 67  ILE B CG1 1 
ATOM   753  C  CG2 . ILE B 2 67  ? 6.55276   7.82615   4.83527   1.000 45.36000  ? 67  ILE B CG2 1 
ATOM   754  C  CD1 . ILE B 2 67  ? 6.48224   4.69924   4.20122   1.000 58.02000  ? 67  ILE B CD1 1 
ATOM   755  N  N   . ASN B 2 68  ? 4.21898   9.74438   6.55552   1.000 67.64000  ? 68  ASN B N   1 
ATOM   756  C  CA  . ASN B 2 68  ? 3.93571   11.15519  6.33659   1.000 67.95000  ? 68  ASN B CA  1 
ATOM   757  C  C   . ASN B 2 68  ? 4.96083   11.70706  5.34887   1.000 62.20000  ? 68  ASN B C   1 
ATOM   758  O  O   . ASN B 2 68  ? 5.86626   10.98871  4.92260   1.000 53.88000  ? 68  ASN B O   1 
ATOM   759  C  CB  . ASN B 2 68  ? 3.96803   11.91752  7.67132   1.000 60.66000  ? 68  ASN B CB  1 
ATOM   760  C  CG  . ASN B 2 68  ? 3.48868   13.35837  7.55166   1.000 76.23000  ? 68  ASN B CG  1 
ATOM   761  O  OD1 . ASN B 2 68  ? 3.16381   13.83503  6.46331   1.000 74.06000  ? 68  ASN B OD1 1 
ATOM   762  N  ND2 . ASN B 2 68  ? 3.43731   14.05476  8.67969   1.000 92.27000  ? 68  ASN B ND2 1 
ATOM   763  N  N   . ILE B 2 69  ? 4.83731   12.98044  4.99938   1.000 65.96000  ? 69  ILE B N   1 
ATOM   764  C  CA  . ILE B 2 69  ? 5.72071   13.57656  4.01486   1.000 67.08000  ? 69  ILE B CA  1 
ATOM   765  C  C   . ILE B 2 69  ? 6.82410   14.35860  4.70929   1.000 55.68000  ? 69  ILE B C   1 
ATOM   766  O  O   . ILE B 2 69  ? 6.58074   15.41763  5.28522   1.000 69.93000  ? 69  ILE B O   1 
ATOM   767  C  CB  . ILE B 2 69  ? 4.94210   14.50967  3.06604   1.000 60.11000  ? 69  ILE B CB  1 
ATOM   768  C  CG1 . ILE B 2 69  ? 3.72301   13.78259  2.48996   1.000 47.87000  ? 69  ILE B CG1 1 
ATOM   769  C  CG2 . ILE B 2 69  ? 5.84805   15.03492  1.95840   1.000 60.36000  ? 69  ILE B CG2 1 
ATOM   770  C  CD1 . ILE B 2 69  ? 2.83209   14.66084  1.64410   1.000 67.32000  ? 69  ILE B CD1 1 
ATOM   771  N  N   . SER B 2 70  ? 8.03923   13.82662  4.65612   1.000 75.34000  ? 70  SER B N   1 
ATOM   772  C  CA  . SER B 2 70  ? 9.19772   14.54946  5.15334   1.000 74.78000  ? 70  SER B CA  1 
ATOM   773  C  C   . SER B 2 70  ? 9.59376   15.56998  4.10107   1.000 80.58000  ? 70  SER B C   1 
ATOM   774  O  O   . SER B 2 70  ? 8.98677   15.62751  3.03148   1.000 80.10000  ? 70  SER B O   1 
ATOM   775  C  CB  . SER B 2 70  ? 10.35439  13.59606  5.45404   1.000 78.11000  ? 70  SER B CB  1 
ATOM   776  O  OG  . SER B 2 70  ? 10.65866  12.79987  4.32255   1.000 87.01000  ? 70  SER B OG  1 
ATOM   777  N  N   . GLN B 2 71  ? 10.60867  16.37457  4.38590   1.000 80.97000  ? 71  GLN B N   1 
ATOM   778  C  CA  . GLN B 2 71  ? 11.07501  17.30480  3.37393   1.000 87.45000  ? 71  GLN B CA  1 
ATOM   779  C  C   . GLN B 2 71  ? 12.00249  16.57031  2.41741   1.000 75.59000  ? 71  GLN B C   1 
ATOM   780  O  O   . GLN B 2 71  ? 12.21185  17.01407  1.29291   1.000 66.50000  ? 71  GLN B O   1 
ATOM   781  C  CB  . GLN B 2 71  ? 11.76187  18.51868  3.99442   1.000 80.86000  ? 71  GLN B CB  1 
ATOM   782  C  CG  . GLN B 2 71  ? 11.58422  19.77421  3.15261   1.000 65.68000  ? 71  GLN B CG  1 
ATOM   783  C  CD  . GLN B 2 71  ? 11.76297  21.05120  3.94729   1.000 97.20000  ? 71  GLN B CD  1 
ATOM   784  O  OE1 . GLN B 2 71  ? 12.24051  21.03199  5.08221   1.000 105.53000 ? 71  GLN B OE1 1 
ATOM   785  N  NE2 . GLN B 2 71  ? 11.35589  22.17053  3.36061   1.000 84.12000  ? 71  GLN B NE2 1 
ATOM   786  N  N   . ASP B 2 72  ? 12.53926  15.43807  2.86885   1.000 75.08000  ? 72  ASP B N   1 
ATOM   787  C  CA  . ASP B 2 72  ? 13.23978  14.52000  1.97927   1.000 66.67000  ? 72  ASP B CA  1 
ATOM   788  C  C   . ASP B 2 72  ? 12.31322  14.12556  0.83767   1.000 74.10000  ? 72  ASP B C   1 
ATOM   789  O  O   . ASP B 2 72  ? 12.67549  14.20256  -0.33723  1.000 67.90000  ? 72  ASP B O   1 
ATOM   790  C  CB  . ASP B 2 72  ? 13.70233  13.26654  2.72842   1.000 92.95000  ? 72  ASP B CB  1 
ATOM   791  C  CG  . ASP B 2 72  ? 14.85378  13.53558  3.67412   1.000 108.08000 ? 72  ASP B CG  1 
ATOM   792  O  OD1 . ASP B 2 72  ? 15.49541  14.60048  3.54822   1.000 105.73000 ? 72  ASP B OD1 1 
ATOM   793  O  OD2 . ASP B 2 72  ? 15.12506  12.67222  4.53722   1.000 102.48000 ? 72  ASP B OD2 1 
ATOM   794  N  N   . ILE B 2 73  ? 11.11034  13.70392  1.21001   1.000 67.98000  ? 73  ILE B N   1 
ATOM   795  C  CA  . ILE B 2 73  ? 10.09529  13.27803  0.25878   1.000 67.67000  ? 73  ILE B CA  1 
ATOM   796  C  C   . ILE B 2 73  ? 9.61162   14.46198  -0.57350  1.000 64.24000  ? 73  ILE B C   1 
ATOM   797  O  O   . ILE B 2 73  ? 9.33157   14.32320  -1.76424  1.000 54.57000  ? 73  ILE B O   1 
ATOM   798  C  CB  . ILE B 2 73  ? 8.91097   12.60792  0.98827   1.000 68.21000  ? 73  ILE B CB  1 
ATOM   799  C  CG1 . ILE B 2 73  ? 9.36485   11.28679  1.61329   1.000 56.41000  ? 73  ILE B CG1 1 
ATOM   800  C  CG2 . ILE B 2 73  ? 7.75232   12.35921  0.03955   1.000 55.69000  ? 73  ILE B CG2 1 
ATOM   801  C  CD1 . ILE B 2 73  ? 8.35696   10.67257  2.55538   1.000 66.50000  ? 73  ILE B CD1 1 
ATOM   802  N  N   . ALA B 2 74  ? 9.53677   15.63116  0.05604   1.000 67.53000  ? 74  ALA B N   1 
ATOM   803  C  CA  . ALA B 2 74  ? 9.13557   16.84734  -0.64104  1.000 62.53000  ? 74  ALA B CA  1 
ATOM   804  C  C   . ALA B 2 74  ? 10.14036  17.21238  -1.72997  1.000 54.65000  ? 74  ALA B C   1 
ATOM   805  O  O   . ALA B 2 74  ? 9.75478   17.55156  -2.84869  1.000 62.18000  ? 74  ALA B O   1 
ATOM   806  C  CB  . ALA B 2 74  ? 8.97686   17.99611  0.34171   1.000 58.36000  ? 74  ALA B CB  1 
ATOM   807  N  N   . GLU B 2 75  ? 11.42779  17.13943  -1.39722  1.000 55.91000  ? 75  GLU B N   1 
ATOM   808  C  CA  . GLU B 2 75  ? 12.48889  17.42045  -2.36230  1.000 58.04000  ? 75  GLU B CA  1 
ATOM   809  C  C   . GLU B 2 75  ? 12.44026  16.44278  -3.53172  1.000 61.46000  ? 75  GLU B C   1 
ATOM   810  O  O   . GLU B 2 75  ? 12.49899  16.84536  -4.69366  1.000 60.11000  ? 75  GLU B O   1 
ATOM   811  C  CB  . GLU B 2 75  ? 13.86986  17.35553  -1.69919  1.000 57.24000  ? 75  GLU B CB  1 
ATOM   812  C  CG  . GLU B 2 75  ? 14.11362  18.36488  -0.58147  1.000 65.71000  ? 75  GLU B CG  1 
ATOM   813  C  CD  . GLU B 2 75  ? 14.28529  19.78645  -1.07567  1.000 79.14000  ? 75  GLU B CD  1 
ATOM   814  O  OE1 . GLU B 2 75  ? 14.37379  19.99150  -2.30425  1.000 73.86000  ? 75  GLU B OE1 1 
ATOM   815  O  OE2 . GLU B 2 75  ? 14.33422  20.70315  -0.22751  1.000 86.29000  ? 75  GLU B OE2 1 
ATOM   816  N  N   . ARG B 2 76  ? 12.33453  15.15660  -3.21109  1.000 52.08000  ? 76  ARG B N   1 
ATOM   817  C  CA  . ARG B 2 76  ? 12.35148  14.10407  -4.22039  1.000 55.36000  ? 76  ARG B CA  1 
ATOM   818  C  C   . ARG B 2 76  ? 11.13488  14.16956  -5.13823  1.000 56.14000  ? 76  ARG B C   1 
ATOM   819  O  O   . ARG B 2 76  ? 11.24788  13.94981  -6.34467  1.000 61.29000  ? 76  ARG B O   1 
ATOM   820  C  CB  . ARG B 2 76  ? 12.42787  12.73025  -3.55098  1.000 56.41000  ? 76  ARG B CB  1 
ATOM   821  C  CG  . ARG B 2 76  ? 12.53317  11.57239  -4.52752  1.000 51.93000  ? 76  ARG B CG  1 
ATOM   822  C  CD  . ARG B 2 76  ? 13.75396  11.70896  -5.41970  1.000 51.76000  ? 76  ARG B CD  1 
ATOM   823  N  NE  . ARG B 2 76  ? 14.99336  11.53650  -4.66842  1.000 74.33000  ? 76  ARG B NE  1 
ATOM   824  C  CZ  . ARG B 2 76  ? 15.53593  10.35588  -4.38974  1.000 66.85000  ? 76  ARG B CZ  1 
ATOM   825  N  NH1 . ARG B 2 76  ? 14.94762  9.23955   -4.79982  1.000 60.89000  ? 76  ARG B NH1 1 
ATOM   826  N  NH2 . ARG B 2 76  ? 16.66625  10.28958  -3.69969  1.000 74.31000  ? 76  ARG B NH2 1 
ATOM   827  N  N   . SER B 2 77  ? 9.97582   14.47299  -4.55916  1.000 46.88000  ? 77  SER B N   1 
ATOM   828  C  CA  . SER B 2 77  ? 8.73454   14.58187  -5.31922  1.000 58.69000  ? 77  SER B CA  1 
ATOM   829  C  C   . SER B 2 77  ? 8.85231   15.63393  -6.41586  1.000 56.38000  ? 77  SER B C   1 
ATOM   830  O  O   . SER B 2 77  ? 8.44609   15.40411  -7.55621  1.000 60.28000  ? 77  SER B O   1 
ATOM   831  C  CB  . SER B 2 77  ? 7.56599   14.92445  -4.39234  1.000 55.50000  ? 77  SER B CB  1 
ATOM   832  O  OG  . SER B 2 77  ? 7.53289   14.05724  -3.27359  1.000 66.55000  ? 77  SER B OG  1 
ATOM   833  N  N   . VAL B 2 78  ? 9.41410   16.78424  -6.05782  1.000 43.50000  ? 78  VAL B N   1 
ATOM   834  C  CA  . VAL B 2 78  ? 9.62322   17.87881  -6.99781  1.000 61.49000  ? 78  VAL B CA  1 
ATOM   835  C  C   . VAL B 2 78  ? 10.49619  17.43893  -8.16891  1.000 64.07000  ? 78  VAL B C   1 
ATOM   836  O  O   . VAL B 2 78  ? 10.17514  17.70043  -9.32897  1.000 59.99000  ? 78  VAL B O   1 
ATOM   837  C  CB  . VAL B 2 78  ? 10.27343  19.09417  -6.30532  1.000 69.66000  ? 78  VAL B CB  1 
ATOM   838  C  CG1 . VAL B 2 78  ? 10.69067  20.14057  -7.32904  1.000 77.30000  ? 78  VAL B CG1 1 
ATOM   839  C  CG2 . VAL B 2 78  ? 9.32330   19.69232  -5.27793  1.000 60.28000  ? 78  VAL B CG2 1 
ATOM   840  N  N   . ALA B 2 79  ? 11.59382  16.75893  -7.85360  1.000 68.05000  ? 79  ALA B N   1 
ATOM   841  C  CA  . ALA B 2 79  ? 12.52668  16.28228  -8.86788  1.000 56.88000  ? 79  ALA B CA  1 
ATOM   842  C  C   . ALA B 2 79  ? 11.88261  15.24514  -9.78289  1.000 62.17000  ? 79  ALA B C   1 
ATOM   843  O  O   . ALA B 2 79  ? 12.00738  15.32219  -11.00498 1.000 75.88000  ? 79  ALA B O   1 
ATOM   844  C  CB  . ALA B 2 79  ? 13.76951  15.70296  -8.20850  1.000 48.15000  ? 79  ALA B CB  1 
ATOM   845  N  N   . LEU B 2 80  ? 11.19063  14.28059  -9.18318  1.000 59.70000  ? 80  LEU B N   1 
ATOM   846  C  CA  . LEU B 2 80  ? 10.58263  13.18463  -9.93299  1.000 63.14000  ? 80  LEU B CA  1 
ATOM   847  C  C   . LEU B 2 80  ? 9.48648   13.65362  -10.88393 1.000 76.18000  ? 80  LEU B C   1 
ATOM   848  O  O   . LEU B 2 80  ? 9.26505   13.04274  -11.92934 1.000 79.21000  ? 80  LEU B O   1 
ATOM   849  C  CB  . LEU B 2 80  ? 10.01413  12.13542  -8.97631  1.000 48.24000  ? 80  LEU B CB  1 
ATOM   850  C  CG  . LEU B 2 80  ? 11.03114  11.28874  -8.20893  1.000 67.71000  ? 80  LEU B CG  1 
ATOM   851  C  CD1 . LEU B 2 80  ? 10.32446  10.36685  -7.22996  1.000 56.40000  ? 80  LEU B CD1 1 
ATOM   852  C  CD2 . LEU B 2 80  ? 11.89931  10.49177  -9.17160  1.000 54.55000  ? 80  LEU B CD2 1 
ATOM   853  N  N   . ARG B 2 81  ? 8.80005   14.73343  -10.51950 1.000 66.15000  ? 81  ARG B N   1 
ATOM   854  C  CA  . ARG B 2 81  ? 7.72684   15.26241  -11.35318 1.000 71.63000  ? 81  ARG B CA  1 
ATOM   855  C  C   . ARG B 2 81  ? 8.25469   15.71562  -12.70846 1.000 80.25000  ? 81  ARG B C   1 
ATOM   856  O  O   . ARG B 2 81  ? 7.64214   15.45669  -13.74473 1.000 77.09000  ? 81  ARG B O   1 
ATOM   857  C  CB  . ARG B 2 81  ? 7.01607   16.42607  -10.66031 1.000 64.03000  ? 81  ARG B CB  1 
ATOM   858  C  CG  . ARG B 2 81  ? 5.90427   17.02399  -11.50620 1.000 73.49000  ? 81  ARG B CG  1 
ATOM   859  C  CD  . ARG B 2 81  ? 4.95232   17.88555  -10.69623 1.000 76.59000  ? 81  ARG B CD  1 
ATOM   860  N  NE  . ARG B 2 81  ? 3.63323   17.95681  -11.32185 1.000 90.88000  ? 81  ARG B NE  1 
ATOM   861  C  CZ  . ARG B 2 81  ? 3.34060   18.71052  -12.37813 1.000 85.22000  ? 81  ARG B CZ  1 
ATOM   862  N  NH1 . ARG B 2 81  ? 4.27193   19.47087  -12.93827 1.000 73.36000  ? 81  ARG B NH1 1 
ATOM   863  N  NH2 . ARG B 2 81  ? 2.11083   18.70443  -12.87427 1.000 101.77000 ? 81  ARG B NH2 1 
ATOM   864  N  N   . GLN B 2 82  ? 9.39769   16.39216  -12.69313 1.000 82.45000  ? 82  GLN B N   1 
ATOM   865  C  CA  . GLN B 2 82  ? 10.01810  16.86936  -13.92116 1.000 81.15000  ? 82  GLN B CA  1 
ATOM   866  C  C   . GLN B 2 82  ? 10.58669  15.71797  -14.74092 1.000 90.53000  ? 82  GLN B C   1 
ATOM   867  O  O   . GLN B 2 82  ? 10.35109  15.62626  -15.94507 1.000 85.06000  ? 82  GLN B O   1 
ATOM   868  C  CB  . GLN B 2 82  ? 11.12224  17.87976  -13.60666 1.000 77.29000  ? 82  GLN B CB  1 
ATOM   869  C  CG  . GLN B 2 82  ? 10.70363  18.98676  -12.65970 1.000 99.16000  ? 82  GLN B CG  1 
ATOM   870  C  CD  . GLN B 2 82  ? 10.54772  20.31526  -13.37057 1.000 110.82000 ? 82  GLN B CD  1 
ATOM   871  O  OE1 . GLN B 2 82  ? 11.53082  20.99465  -13.66271 1.000 117.41000 ? 82  GLN B OE1 1 
ATOM   872  N  NE2 . GLN B 2 82  ? 9.30709   20.68992  -13.65988 1.000 104.86000 ? 82  GLN B NE2 1 
ATOM   873  N  N   . GLU B 2 83  ? 11.33387  14.84206  -14.07568 1.000 84.62000  ? 83  GLU B N   1 
ATOM   874  C  CA  . GLU B 2 83  ? 11.99878  13.72207  -14.73468 1.000 72.56000  ? 83  GLU B CA  1 
ATOM   875  C  C   . GLU B 2 83  ? 11.01361  12.79119  -15.44523 1.000 95.17000  ? 83  GLU B C   1 
ATOM   876  O  O   . GLU B 2 83  ? 11.18892  12.47317  -16.62262 1.000 90.92000  ? 83  GLU B O   1 
ATOM   877  C  CB  . GLU B 2 83  ? 12.83083  12.92475  -13.71987 1.000 78.93000  ? 83  GLU B CB  1 
ATOM   878  C  CG  . GLU B 2 83  ? 13.95308  13.72887  -13.06938 1.000 100.38000 ? 83  GLU B CG  1 
ATOM   879  C  CD  . GLU B 2 83  ? 14.78529  12.91087  -12.09173 1.000 106.51000 ? 83  GLU B CD  1 
ATOM   880  O  OE1 . GLU B 2 83  ? 14.67602  11.66491  -12.10325 1.000 107.60000 ? 83  GLU B OE1 1 
ATOM   881  O  OE2 . GLU B 2 83  ? 15.55938  13.51482  -11.31705 1.000 103.19000 ? 83  GLU B OE2 1 
ATOM   882  N  N   . TYR B 2 84  ? 9.99802   12.33822  -14.71683 1.000 89.04000  ? 84  TYR B N   1 
ATOM   883  C  CA  . TYR B 2 84  ? 9.05209   11.35850  -15.24440 1.000 78.58000  ? 84  TYR B CA  1 
ATOM   884  C  C   . TYR B 2 84  ? 7.72285   11.91672  -15.76492 1.000 76.54000  ? 84  TYR B C   1 
ATOM   885  O  O   . TYR B 2 84  ? 6.84285   11.14190  -16.14762 1.000 76.74000  ? 84  TYR B O   1 
ATOM   886  C  CB  . TYR B 2 84  ? 8.78547   10.29686  -14.18074 1.000 80.91000  ? 84  TYR B CB  1 
ATOM   887  C  CG  . TYR B 2 84  ? 9.97595   9.39168   -13.98269 1.000 88.82000  ? 84  TYR B CG  1 
ATOM   888  C  CD1 . TYR B 2 84  ? 10.48887  8.65680   -15.04259 1.000 89.60000  ? 84  TYR B CD1 1 
ATOM   889  C  CD2 . TYR B 2 84  ? 10.59951  9.28398   -12.74715 1.000 77.06000  ? 84  TYR B CD2 1 
ATOM   890  C  CE1 . TYR B 2 84  ? 11.58146  7.83438   -14.87858 1.000 88.06000  ? 84  TYR B CE1 1 
ATOM   891  C  CE2 . TYR B 2 84  ? 11.69438  8.46210   -12.57278 1.000 81.75000  ? 84  TYR B CE2 1 
ATOM   892  C  CZ  . TYR B 2 84  ? 12.18106  7.73920   -13.64276 1.000 85.36000  ? 84  TYR B CZ  1 
ATOM   893  O  OH  . TYR B 2 84  ? 13.27132  6.91575   -13.48215 1.000 85.58000  ? 84  TYR B OH  1 
ATOM   894  N  N   . LYS B 2 85  ? 7.57625   13.24019  -15.76677 1.000 80.20000  ? 85  LYS B N   1 
ATOM   895  C  CA  . LYS B 2 85  ? 6.35489   13.89019  -16.25213 1.000 83.16000  ? 85  LYS B CA  1 
ATOM   896  C  C   . LYS B 2 85  ? 5.12354   13.40227  -15.49048 1.000 82.53000  ? 85  LYS B C   1 
ATOM   897  O  O   . LYS B 2 85  ? 4.13568   12.98076  -16.09110 1.000 79.33000  ? 85  LYS B O   1 
ATOM   898  C  CB  . LYS B 2 85  ? 6.16881   13.64268  -17.75321 1.000 93.50000  ? 85  LYS B CB  1 
ATOM   899  C  CG  . LYS B 2 85  ? 7.39223   13.93840  -18.60762 1.000 90.65000  ? 85  LYS B CG  1 
ATOM   900  C  CD  . LYS B 2 85  ? 7.73050   15.41753  -18.61144 1.000 92.63000  ? 85  LYS B CD  1 
ATOM   901  C  CE  . LYS B 2 85  ? 8.92548   15.69794  -19.50887 1.000 96.82000  ? 85  LYS B CE  1 
ATOM   902  N  NZ  . LYS B 2 85  ? 8.66887   15.28183  -20.91631 1.000 68.14000  ? 85  LYS B NZ  1 
ATOM   903  N  N   . LEU B 2 86  ? 5.18972   13.47467  -14.16464 1.000 75.39000  ? 86  LEU B N   1 
ATOM   904  C  CA  . LEU B 2 86  ? 4.16225   12.90004  -13.30263 1.000 67.53000  ? 86  LEU B CA  1 
ATOM   905  C  C   . LEU B 2 86  ? 3.25619   13.94894  -12.67480 1.000 64.62000  ? 86  LEU B C   1 
ATOM   906  O  O   . LEU B 2 86  ? 3.67658   15.07626  -12.43015 1.000 75.11000  ? 86  LEU B O   1 
ATOM   907  C  CB  . LEU B 2 86  ? 4.81000   12.07514  -12.18846 1.000 71.03000  ? 86  LEU B CB  1 
ATOM   908  C  CG  . LEU B 2 86  ? 5.37842   10.70090  -12.53593 1.000 79.41000  ? 86  LEU B CG  1 
ATOM   909  C  CD1 . LEU B 2 86  ? 6.27228   10.20832  -11.41045 1.000 67.64000  ? 86  LEU B CD1 1 
ATOM   910  C  CD2 . LEU B 2 86  ? 4.25248   9.71571   -12.79650 1.000 65.74000  ? 86  LEU B CD2 1 
ATOM   911  N  N   . LYS B 2 87  ? 2.00505   13.57614  -12.42994 1.000 67.11000  ? 87  LYS B N   1 
ATOM   912  C  CA  . LYS B 2 87  ? 1.15089   14.36526  -11.55567 1.000 68.56000  ? 87  LYS B CA  1 
ATOM   913  C  C   . LYS B 2 87  ? 1.78265   14.34429  -10.16696 1.000 64.96000  ? 87  LYS B C   1 
ATOM   914  O  O   . LYS B 2 87  ? 2.36745   13.33831  -9.76743  1.000 74.32000  ? 87  LYS B O   1 
ATOM   915  C  CB  . LYS B 2 87  ? -0.27595  13.81528  -11.52904 1.000 63.83000  ? 87  LYS B CB  1 
ATOM   916  C  CG  . LYS B 2 87  ? -1.00752  13.93815  -12.85774 1.000 79.85000  ? 87  LYS B CG  1 
ATOM   917  C  CD  . LYS B 2 87  ? -2.38706  13.30048  -12.80027 1.000 80.36000  ? 87  LYS B CD  1 
ATOM   918  C  CE  . LYS B 2 87  ? -3.11776  13.44711  -14.12711 1.000 96.98000  ? 87  LYS B CE  1 
ATOM   919  N  NZ  . LYS B 2 87  ? -4.44690  12.77540  -14.11223 1.000 119.75000 ? 87  LYS B NZ  1 
ATOM   920  N  N   . LEU B 2 88  ? 1.67932   15.45234  -9.44038  1.000 64.86000  ? 88  LEU B N   1 
ATOM   921  C  CA  . LEU B 2 88  ? 2.39841   15.60413  -8.17467  1.000 61.02000  ? 88  LEU B CA  1 
ATOM   922  C  C   . LEU B 2 88  ? 2.07081   14.54814  -7.10350  1.000 60.73000  ? 88  LEU B C   1 
ATOM   923  O  O   . LEU B 2 88  ? 2.98826   14.03985  -6.45780  1.000 55.01000  ? 88  LEU B O   1 
ATOM   924  C  CB  . LEU B 2 88  ? 2.16316   17.00323  -7.59852  1.000 63.52000  ? 88  LEU B CB  1 
ATOM   925  C  CG  . LEU B 2 88  ? 2.95819   17.32022  -6.32968  1.000 73.92000  ? 88  LEU B CG  1 
ATOM   926  C  CD1 . LEU B 2 88  ? 4.45047   17.14176  -6.57556  1.000 60.34000  ? 88  LEU B CD1 1 
ATOM   927  C  CD2 . LEU B 2 88  ? 2.65999   18.72837  -5.84134  1.000 75.79000  ? 88  LEU B CD2 1 
ATOM   928  N  N   . PRO B 2 89  ? 0.77852   14.21511  -6.89677  1.000 62.12000  ? 89  PRO B N   1 
ATOM   929  C  CA  . PRO B 2 89  ? 0.52948   13.16352  -5.90200  1.000 65.93000  ? 89  PRO B CA  1 
ATOM   930  C  C   . PRO B 2 89  ? 1.12467   11.81308  -6.29909  1.000 49.73000  ? 89  PRO B C   1 
ATOM   931  O  O   . PRO B 2 89  ? 1.45552   11.01307  -5.42290  1.000 53.14000  ? 89  PRO B O   1 
ATOM   932  C  CB  . PRO B 2 89  ? -1.00170  13.08731  -5.83831  1.000 79.65000  ? 89  PRO B CB  1 
ATOM   933  C  CG  . PRO B 2 89  ? -1.47633  13.71187  -7.10309  1.000 67.10000  ? 89  PRO B CG  1 
ATOM   934  C  CD  . PRO B 2 89  ? -0.48233  14.78243  -7.41021  1.000 62.98000  ? 89  PRO B CD  1 
ATOM   935  N  N   . ASP B 2 90  ? 1.25843   11.56575  -7.59875  1.000 63.21000  ? 90  ASP B N   1 
ATOM   936  C  CA  . ASP B 2 90  ? 1.95361   10.37500  -8.07399  1.000 60.35000  ? 90  ASP B CA  1 
ATOM   937  C  C   . ASP B 2 90  ? 3.42582   10.45849  -7.69144  1.000 57.76000  ? 90  ASP B C   1 
ATOM   938  O  O   . ASP B 2 90  ? 4.03022   9.47050   -7.27254  1.000 57.42000  ? 90  ASP B O   1 
ATOM   939  C  CB  . ASP B 2 90  ? 1.81566   10.22076  -9.59069  1.000 67.81000  ? 90  ASP B CB  1 
ATOM   940  C  CG  . ASP B 2 90  ? 0.37642   10.06810  -10.03470 1.000 79.51000  ? 90  ASP B CG  1 
ATOM   941  O  OD1 . ASP B 2 90  ? -0.42313  9.48312   -9.27601  1.000 90.02000  ? 90  ASP B OD1 1 
ATOM   942  O  OD2 . ASP B 2 90  ? 0.04547   10.53309  -11.14629 1.000 89.82000  ? 90  ASP B OD2 1 
ATOM   943  N  N   . ALA B 2 91  ? 3.99101   11.65258  -7.83726  1.000 53.36000  ? 91  ALA B N   1 
ATOM   944  C  CA  . ALA B 2 91  ? 5.40398   11.88196  -7.56595  1.000 58.33000  ? 91  ALA B CA  1 
ATOM   945  C  C   . ALA B 2 91  ? 5.72764   11.72497  -6.08432  1.000 60.40000  ? 91  ALA B C   1 
ATOM   946  O  O   . ALA B 2 91  ? 6.76686   11.17273  -5.72743  1.000 45.39000  ? 91  ALA B O   1 
ATOM   947  C  CB  . ALA B 2 91  ? 5.81489   13.26502  -8.05168  1.000 48.68000  ? 91  ALA B CB  1 
ATOM   948  N  N   . ILE B 2 92  ? 4.83267   12.21033  -5.22923  1.000 50.11000  ? 92  ILE B N   1 
ATOM   949  C  CA  . ILE B 2 92  ? 5.02645   12.12927  -3.78556  1.000 57.75000  ? 92  ILE B CA  1 
ATOM   950  C  C   . ILE B 2 92  ? 5.03874   10.67813  -3.31693  1.000 48.27000  ? 92  ILE B C   1 
ATOM   951  O  O   . ILE B 2 92  ? 5.86341   10.28757  -2.48899  1.000 57.68000  ? 92  ILE B O   1 
ATOM   952  C  CB  . ILE B 2 92  ? 3.93183   12.90977  -3.02874  1.000 50.85000  ? 92  ILE B CB  1 
ATOM   953  C  CG1 . ILE B 2 92  ? 4.02117   14.39903  -3.36358  1.000 35.68000  ? 92  ILE B CG1 1 
ATOM   954  C  CG2 . ILE B 2 92  ? 4.05986   12.69926  -1.52765  1.000 37.84000  ? 92  ILE B CG2 1 
ATOM   955  C  CD1 . ILE B 2 92  ? 2.87000   15.21786  -2.83305  1.000 58.62000  ? 92  ILE B CD1 1 
ATOM   956  N  N   . ILE B 2 93  ? 4.12647   9.88243   -3.86226  1.000 43.83000  ? 93  ILE B N   1 
ATOM   957  C  CA  . ILE B 2 93  ? 4.03155   8.47088   -3.51281  1.000 58.93000  ? 93  ILE B CA  1 
ATOM   958  C  C   . ILE B 2 93  ? 5.24914   7.70592   -4.03059  1.000 52.34000  ? 93  ILE B C   1 
ATOM   959  O  O   . ILE B 2 93  ? 5.79046   6.84125   -3.33799  1.000 60.78000  ? 93  ILE B O   1 
ATOM   960  C  CB  . ILE B 2 93  ? 2.73325   7.84804   -4.06651  1.000 55.07000  ? 93  ILE B CB  1 
ATOM   961  C  CG1 . ILE B 2 93  ? 1.52003   8.43633   -3.34277  1.000 50.33000  ? 93  ILE B CG1 1 
ATOM   962  C  CG2 . ILE B 2 93  ? 2.74106   6.34185   -3.90170  1.000 53.03000  ? 93  ILE B CG2 1 
ATOM   963  C  CD1 . ILE B 2 93  ? 0.19599   8.10236   -3.99335  1.000 57.57000  ? 93  ILE B CD1 1 
ATOM   964  N  N   . LEU B 2 94  ? 5.68624   8.03770   -5.24286  1.000 55.20000  ? 94  LEU B N   1 
ATOM   965  C  CA  . LEU B 2 94  ? 6.89366   7.44299   -5.80983  1.000 48.30000  ? 94  LEU B CA  1 
ATOM   966  C  C   . LEU B 2 94  ? 8.12337   7.85078   -5.00385  1.000 55.13000  ? 94  LEU B C   1 
ATOM   967  O  O   . LEU B 2 94  ? 9.02702   7.04406   -4.78123  1.000 57.21000  ? 94  LEU B O   1 
ATOM   968  C  CB  . LEU B 2 94  ? 7.06387   7.85271   -7.27501  1.000 50.59000  ? 94  LEU B CB  1 
ATOM   969  C  CG  . LEU B 2 94  ? 8.31178   7.32158   -7.98788  1.000 61.07000  ? 94  LEU B CG  1 
ATOM   970  C  CD1 . LEU B 2 94  ? 8.39110   5.80209   -7.88892  1.000 57.77000  ? 94  LEU B CD1 1 
ATOM   971  C  CD2 . LEU B 2 94  ? 8.34149   7.77044   -9.44177  1.000 55.12000  ? 94  LEU B CD2 1 
ATOM   972  N  N   . ALA B 2 95  ? 8.14785   9.10753   -4.57012  1.000 50.08000  ? 95  ALA B N   1 
ATOM   973  C  CA  . ALA B 2 95  ? 9.23767   9.61894   -3.74788  1.000 53.50000  ? 95  ALA B CA  1 
ATOM   974  C  C   . ALA B 2 95  ? 9.26104   8.92003   -2.39604  1.000 57.86000  ? 95  ALA B C   1 
ATOM   975  O  O   . ALA B 2 95  ? 10.32653  8.60177   -1.86672  1.000 57.58000  ? 95  ALA B O   1 
ATOM   976  C  CB  . ALA B 2 95  ? 9.10556   11.12142  -3.56418  1.000 53.71000  ? 95  ALA B CB  1 
ATOM   977  N  N   . THR B 2 96  ? 8.07433   8.68766   -1.84627  1.000 52.01000  ? 96  THR B N   1 
ATOM   978  C  CA  . THR B 2 96  ? 7.93188   7.99757   -0.57034  1.000 56.44000  ? 96  THR B CA  1 
ATOM   979  C  C   . THR B 2 96  ? 8.49649   6.58485   -0.65464  1.000 62.38000  ? 96  THR B C   1 
ATOM   980  O  O   . THR B 2 96  ? 9.18352   6.12272   0.25809   1.000 67.12000  ? 96  THR B O   1 
ATOM   981  C  CB  . THR B 2 96  ? 6.45702   7.93161   -0.13304  1.000 49.17000  ? 96  THR B CB  1 
ATOM   982  O  OG1 . THR B 2 96  ? 5.90735   9.25416   -0.09698  1.000 47.15000  ? 96  THR B OG1 1 
ATOM   983  C  CG2 . THR B 2 96  ? 6.33424   7.29955   1.24322   1.000 44.22000  ? 96  THR B CG2 1 
ATOM   984  N  N   . ALA B 2 97  ? 8.20932   5.90835   -1.76221  1.000 49.98000  ? 97  ALA B N   1 
ATOM   985  C  CA  . ALA B 2 97  ? 8.66674   4.54077   -1.97331  1.000 64.25000  ? 97  ALA B CA  1 
ATOM   986  C  C   . ALA B 2 97  ? 10.18287  4.46968   -2.13387  1.000 55.42000  ? 97  ALA B C   1 
ATOM   987  O  O   . ALA B 2 97  ? 10.82896  3.57246   -1.59289  1.000 68.46000  ? 97  ALA B O   1 
ATOM   988  C  CB  . ALA B 2 97  ? 7.97928   3.93805   -3.19108  1.000 45.75000  ? 97  ALA B CB  1 
ATOM   989  N  N   . GLN B 2 98  ? 10.74315  5.41682   -2.88016  1.000 50.99000  ? 98  GLN B N   1 
ATOM   990  C  CA  . GLN B 2 98  ? 12.17415  5.41994   -3.17183  1.000 72.73000  ? 98  GLN B CA  1 
ATOM   991  C  C   . GLN B 2 98  ? 13.03195  5.64269   -1.92978  1.000 66.50000  ? 98  GLN B C   1 
ATOM   992  O  O   . GLN B 2 98  ? 14.00829  4.92871   -1.70472  1.000 74.42000  ? 98  GLN B O   1 
ATOM   993  C  CB  . GLN B 2 98  ? 12.50610  6.48956   -4.21504  1.000 59.88000  ? 98  GLN B CB  1 
ATOM   994  C  CG  . GLN B 2 98  ? 12.08904  6.13802   -5.63415  1.000 52.63000  ? 98  GLN B CG  1 
ATOM   995  C  CD  . GLN B 2 98  ? 12.55835  7.16685   -6.64497  1.000 61.69000  ? 98  GLN B CD  1 
ATOM   996  O  OE1 . GLN B 2 98  ? 13.09531  8.21344   -6.28032  1.000 68.69000  ? 98  GLN B OE1 1 
ATOM   997  N  NE2 . GLN B 2 98  ? 12.36263  6.87146   -7.92586  1.000 54.35000  ? 98  GLN B NE2 1 
ATOM   998  N  N   . LEU B 2 99  ? 12.66520  6.63698   -1.12750  1.000 54.31000  ? 99  LEU B N   1 
ATOM   999  C  CA  . LEU B 2 99  ? 13.46945  7.01886   0.02810   1.000 72.59000  ? 99  LEU B CA  1 
ATOM   1000 C  C   . LEU B 2 99  ? 13.42448  5.97363   1.13714   1.000 73.78000  ? 99  LEU B C   1 
ATOM   1001 O  O   . LEU B 2 99  ? 14.35328  5.86721   1.93781   1.000 84.38000  ? 99  LEU B O   1 
ATOM   1002 C  CB  . LEU B 2 99  ? 13.01023  8.37533   0.56109   1.000 52.89000  ? 99  LEU B CB  1 
ATOM   1003 C  CG  . LEU B 2 99  ? 13.31012  9.53513   -0.38877  1.000 74.00000  ? 99  LEU B CG  1 
ATOM   1004 C  CD1 . LEU B 2 99  ? 12.72812  10.82297  0.14470   1.000 71.33000  ? 99  LEU B CD1 1 
ATOM   1005 C  CD2 . LEU B 2 99  ? 14.80918  9.67032   -0.60715  1.000 77.02000  ? 99  LEU B CD2 1 
ATOM   1006 N  N   . HIS B 2 100 ? 12.33734  5.21297   1.18994   1.000 62.46000  ? 100 HIS B N   1 
ATOM   1007 C  CA  . HIS B 2 100 ? 12.22449  4.11281   2.14119   1.000 74.74000  ? 100 HIS B CA  1 
ATOM   1008 C  C   . HIS B 2 100 ? 12.61071  2.78429   1.49676   1.000 67.89000  ? 100 HIS B C   1 
ATOM   1009 O  O   . HIS B 2 100 ? 12.49278  1.72621   2.11814   1.000 63.66000  ? 100 HIS B O   1 
ATOM   1010 C  CB  . HIS B 2 100 ? 10.81157  4.04975   2.72058   1.000 59.89000  ? 100 HIS B CB  1 
ATOM   1011 C  CG  . HIS B 2 100 ? 10.48993  5.19237   3.63238   1.000 65.97000  ? 100 HIS B CG  1 
ATOM   1012 N  ND1 . HIS B 2 100 ? 10.28025  6.47493   3.17386   1.000 76.06000  ? 100 HIS B ND1 1 
ATOM   1013 C  CD2 . HIS B 2 100 ? 10.36107  5.25029   4.98009   1.000 67.74000  ? 100 HIS B CD2 1 
ATOM   1014 C  CE1 . HIS B 2 100 ? 10.02724  7.27264   4.19816   1.000 66.82000  ? 100 HIS B CE1 1 
ATOM   1015 N  NE2 . HIS B 2 100 ? 10.07118  6.55111   5.30459   1.000 79.68000  ? 100 HIS B NE2 1 
ATOM   1016 N  N   . ARG B 2 101 ? 13.05861  2.85684   0.24389   1.000 57.73000  ? 101 ARG B N   1 
ATOM   1017 C  CA  . ARG B 2 101 ? 13.55658  1.69930   -0.49968  1.000 63.82000  ? 101 ARG B CA  1 
ATOM   1018 C  C   . ARG B 2 101 ? 12.50337  0.60342   -0.63247  1.000 74.03000  ? 101 ARG B C   1 
ATOM   1019 O  O   . ARG B 2 101 ? 12.78832  -0.57727  -0.43223  1.000 74.90000  ? 101 ARG B O   1 
ATOM   1020 C  CB  . ARG B 2 101 ? 14.81915  1.14109   0.16296   1.000 66.27000  ? 101 ARG B CB  1 
ATOM   1021 C  CG  . ARG B 2 101 ? 15.86088  2.20022   0.48664   1.000 80.29000  ? 101 ARG B CG  1 
ATOM   1022 C  CD  . ARG B 2 101 ? 17.13026  1.58165   1.04471   1.000 96.28000  ? 101 ARG B CD  1 
ATOM   1023 N  NE  . ARG B 2 101 ? 18.14469  2.59211   1.33184   1.000 112.38000 ? 101 ARG B NE  1 
ATOM   1024 C  CZ  . ARG B 2 101 ? 19.28791  2.71110   0.66579   1.000 109.58000 ? 101 ARG B CZ  1 
ATOM   1025 N  NH1 . ARG B 2 101 ? 19.56534  1.88063   -0.32960  1.000 108.00000 ? 101 ARG B NH1 1 
ATOM   1026 N  NH2 . ARG B 2 101 ? 20.15437  3.66036   0.99356   1.000 113.21000 ? 101 ARG B NH2 1 
ATOM   1027 N  N   . LEU B 2 102 ? 11.28623  1.00893   -0.97808  1.000 64.49000  ? 102 LEU B N   1 
ATOM   1028 C  CA  . LEU B 2 102 ? 10.17961  0.07781   -1.15250  1.000 65.59000  ? 102 LEU B CA  1 
ATOM   1029 C  C   . LEU B 2 102 ? 9.75529   0.00548   -2.61274  1.000 81.28000  ? 102 LEU B C   1 
ATOM   1030 O  O   . LEU B 2 102 ? 9.90148   0.97474   -3.35893  1.000 77.86000  ? 102 LEU B O   1 
ATOM   1031 C  CB  . LEU B 2 102 ? 8.98745   0.49397   -0.28823  1.000 58.34000  ? 102 LEU B CB  1 
ATOM   1032 C  CG  . LEU B 2 102 ? 9.22395   0.65727   1.21303   1.000 79.44000  ? 102 LEU B CG  1 
ATOM   1033 C  CD1 . LEU B 2 102 ? 7.99380   1.25336   1.87876   1.000 53.47000  ? 102 LEU B CD1 1 
ATOM   1034 C  CD2 . LEU B 2 102 ? 9.58680   -0.67542  1.84879   1.000 58.92000  ? 102 LEU B CD2 1 
ATOM   1035 N  N   . GLU B 2 103 ? 9.23464   -1.14599  -3.02325  1.000 71.20000  ? 103 GLU B N   1 
ATOM   1036 C  CA  . GLU B 2 103 ? 8.65422   -1.27145  -4.35325  1.000 78.77000  ? 103 GLU B CA  1 
ATOM   1037 C  C   . GLU B 2 103 ? 7.26072   -0.66111  -4.37091  1.000 76.78000  ? 103 GLU B C   1 
ATOM   1038 O  O   . GLU B 2 103 ? 6.48171   -0.84344  -3.43578  1.000 72.57000  ? 103 GLU B O   1 
ATOM   1039 C  CB  . GLU B 2 103 ? 8.59578   -2.73394  -4.79571  1.000 67.37000  ? 103 GLU B CB  1 
ATOM   1040 C  CG  . GLU B 2 103 ? 9.91814   -3.28735  -5.29245  1.000 81.76000  ? 103 GLU B CG  1 
ATOM   1041 C  CD  . GLU B 2 103 ? 9.74917   -4.19752  -6.49348  1.000 87.17000  ? 103 GLU B CD  1 
ATOM   1042 O  OE1 . GLU B 2 103 ? 9.31122   -5.35182  -6.31052  1.000 97.53000  ? 103 GLU B OE1 1 
ATOM   1043 O  OE2 . GLU B 2 103 ? 10.04900  -3.75348  -7.62252  1.000 93.65000  ? 103 GLU B OE2 1 
ATOM   1044 N  N   . LEU B 2 104 ? 6.95162   0.07137   -5.43474  1.000 59.97000  ? 104 LEU B N   1 
ATOM   1045 C  CA  . LEU B 2 104 ? 5.63033   0.66199   -5.58344  1.000 65.21000  ? 104 LEU B CA  1 
ATOM   1046 C  C   . LEU B 2 104 ? 4.70448   -0.28870  -6.32760  1.000 73.88000  ? 104 LEU B C   1 
ATOM   1047 O  O   . LEU B 2 104 ? 4.95851   -0.64637  -7.47743  1.000 55.65000  ? 104 LEU B O   1 
ATOM   1048 C  CB  . LEU B 2 104 ? 5.70964   2.00194   -6.31577  1.000 55.08000  ? 104 LEU B CB  1 
ATOM   1049 C  CG  . LEU B 2 104 ? 4.37099   2.72187   -6.48204  1.000 57.78000  ? 104 LEU B CG  1 
ATOM   1050 C  CD1 . LEU B 2 104 ? 3.76462   3.02906   -5.12402  1.000 68.08000  ? 104 LEU B CD1 1 
ATOM   1051 C  CD2 . LEU B 2 104 ? 4.53521   3.99141   -7.29971  1.000 70.76000  ? 104 LEU B CD2 1 
ATOM   1052 N  N   . ILE B 2 105 ? 3.63197   -0.70133  -5.66177  1.000 59.98000  ? 105 ILE B N   1 
ATOM   1053 C  CA  . ILE B 2 105 ? 2.65649   -1.58875  -6.27571  1.000 53.53000  ? 105 ILE B CA  1 
ATOM   1054 C  C   . ILE B 2 105 ? 1.44412   -0.76472  -6.68708  1.000 59.58000  ? 105 ILE B C   1 
ATOM   1055 O  O   . ILE B 2 105 ? 0.77658   -0.16456  -5.84546  1.000 70.84000  ? 105 ILE B O   1 
ATOM   1056 C  CB  . ILE B 2 105 ? 2.23117   -2.73776  -5.32867  1.000 67.25000  ? 105 ILE B CB  1 
ATOM   1057 C  CG1 . ILE B 2 105 ? 3.34195   -3.78688  -5.20171  1.000 75.46000  ? 105 ILE B CG1 1 
ATOM   1058 C  CG2 . ILE B 2 105 ? 0.99362   -3.42814  -5.85397  1.000 49.84000  ? 105 ILE B CG2 1 
ATOM   1059 C  CD1 . ILE B 2 105 ? 4.53069   -3.36579  -4.37246  1.000 66.72000  ? 105 ILE B CD1 1 
ATOM   1060 N  N   . THR B 2 106 ? 1.17636   -0.72259  -7.98822  1.000 68.61000  ? 106 THR B N   1 
ATOM   1061 C  CA  . THR B 2 106 ? 0.12258   0.13561   -8.51571  1.000 65.96000  ? 106 THR B CA  1 
ATOM   1062 C  C   . THR B 2 106 ? -0.52516  -0.43211  -9.77331  1.000 67.74000  ? 106 THR B C   1 
ATOM   1063 O  O   . THR B 2 106 ? 0.10165   -1.16651  -10.53431 1.000 76.55000  ? 106 THR B O   1 
ATOM   1064 C  CB  . THR B 2 106 ? 0.66067   1.54498   -8.83264  1.000 57.65000  ? 106 THR B CB  1 
ATOM   1065 O  OG1 . THR B 2 106 ? -0.37699  2.33239   -9.43045  1.000 71.04000  ? 106 THR B OG1 1 
ATOM   1066 C  CG2 . THR B 2 106 ? 1.84291   1.46294   -9.78694  1.000 58.44000  ? 106 THR B CG2 1 
ATOM   1067 N  N   . ARG B 2 107 ? -1.78817  -0.07983  -9.98164  1.000 68.56000  ? 107 ARG B N   1 
ATOM   1068 C  CA  . ARG B 2 107 ? -2.51242  -0.48699  -11.17780 1.000 68.59000  ? 107 ARG B CA  1 
ATOM   1069 C  C   . ARG B 2 107 ? -2.24030  0.44951   -12.34244 1.000 71.54000  ? 107 ARG B C   1 
ATOM   1070 O  O   . ARG B 2 107 ? -2.74397  0.23712   -13.44550 1.000 79.86000  ? 107 ARG B O   1 
ATOM   1071 C  CB  . ARG B 2 107 ? -4.01437  -0.53394  -10.91151 1.000 80.69000  ? 107 ARG B CB  1 
ATOM   1072 C  CG  . ARG B 2 107 ? -4.56737  -1.91990  -10.67322 1.000 82.50000  ? 107 ARG B CG  1 
ATOM   1073 C  CD  . ARG B 2 107 ? -6.04815  -1.83927  -10.36815 1.000 85.69000  ? 107 ARG B CD  1 
ATOM   1074 N  NE  . ARG B 2 107 ? -6.80177  -1.19854  -11.44281 1.000 99.65000  ? 107 ARG B NE  1 
ATOM   1075 C  CZ  . ARG B 2 107 ? -7.84094  -1.75265  -12.05904 1.000 100.16000 ? 107 ARG B CZ  1 
ATOM   1076 N  NH1 . ARG B 2 107 ? -8.25819  -2.96076  -11.70477 1.000 110.61000 ? 107 ARG B NH1 1 
ATOM   1077 N  NH2 . ARG B 2 107 ? -8.46676  -1.09624  -13.02581 1.000 80.86000  ? 107 ARG B NH2 1 
ATOM   1078 N  N   . ASN B 2 108 ? -1.44009  1.48375   -12.10689 1.000 65.27000  ? 108 ASN B N   1 
ATOM   1079 C  CA  . ASN B 2 108 ? -1.23631  2.48259   -13.13966 1.000 68.28000  ? 108 ASN B CA  1 
ATOM   1080 C  C   . ASN B 2 108 ? -0.01355  2.12795   -13.97387 1.000 64.17000  ? 108 ASN B C   1 
ATOM   1081 O  O   . ASN B 2 108 ? 1.12718   2.30800   -13.54635 1.000 70.78000  ? 108 ASN B O   1 
ATOM   1082 C  CB  . ASN B 2 108 ? -1.07771  3.86674   -12.49608 1.000 45.62000  ? 108 ASN B CB  1 
ATOM   1083 C  CG  . ASN B 2 108 ? -1.15688  5.00322   -13.49797 1.000 67.41000  ? 108 ASN B CG  1 
ATOM   1084 O  OD1 . ASN B 2 108 ? -0.75390  4.86835   -14.65294 1.000 81.42000  ? 108 ASN B OD1 1 
ATOM   1085 N  ND2 . ASN B 2 108 ? -1.67851  6.13980   -13.05160 1.000 72.16000  ? 108 ASN B ND2 1 
ATOM   1086 N  N   . THR B 2 109 ? -0.27698  1.62814   -15.17573 1.000 68.67000  ? 109 THR B N   1 
ATOM   1087 C  CA  . THR B 2 109 ? 0.75767   1.35158   -16.16251 1.000 82.31000  ? 109 THR B CA  1 
ATOM   1088 C  C   . THR B 2 109 ? 1.07610   2.59608   -16.97602 1.000 85.60000  ? 109 THR B C   1 
ATOM   1089 O  O   . THR B 2 109 ? 2.21957   2.82316   -17.36424 1.000 87.23000  ? 109 THR B O   1 
ATOM   1090 C  CB  . THR B 2 109 ? 0.34251   0.21186   -17.10788 1.000 67.74000  ? 109 THR B CB  1 
ATOM   1091 O  OG1 . THR B 2 109 ? -0.95887  0.48396   -17.64332 1.000 82.21000  ? 109 THR B OG1 1 
ATOM   1092 C  CG2 . THR B 2 109 ? 0.30530   -1.11074  -16.35790 1.000 79.53000  ? 109 THR B CG2 1 
ATOM   1093 N  N   . LYS B 2 110 ? 0.03961   3.38752   -17.23234 1.000 81.36000  ? 110 LYS B N   1 
ATOM   1094 C  CA  . LYS B 2 110 ? 0.12804   4.56387   -18.09032 1.000 82.79000  ? 110 LYS B CA  1 
ATOM   1095 C  C   . LYS B 2 110 ? 1.25620   5.49473   -17.66623 1.000 80.54000  ? 110 LYS B C   1 
ATOM   1096 O  O   . LYS B 2 110 ? 2.13705   5.82838   -18.45865 1.000 85.05000  ? 110 LYS B O   1 
ATOM   1097 C  CB  . LYS B 2 110 ? -1.19631  5.32813   -18.07163 1.000 84.42000  ? 110 LYS B CB  1 
ATOM   1098 C  CG  . LYS B 2 110 ? -2.36478  4.52855   -17.51268 1.000 102.73000 ? 110 LYS B CG  1 
ATOM   1099 C  CD  . LYS B 2 110 ? -3.45428  5.44559   -16.97496 1.000 99.53000  ? 110 LYS B CD  1 
ATOM   1100 C  CE  . LYS B 2 110 ? -4.17605  4.81255   -15.79357 1.000 94.14000  ? 110 LYS B CE  1 
ATOM   1101 N  NZ  . LYS B 2 110 ? -4.96411  5.80882   -15.01576 1.000 107.79000 ? 110 LYS B NZ  1 
ATOM   1102 N  N   . ASP B 2 111 ? 1.21446   5.90902   -16.40544 1.000 82.21000  ? 111 ASP B N   1 
ATOM   1103 C  CA  . ASP B 2 111 ? 2.17961   6.85722   -15.87026 1.000 73.94000  ? 111 ASP B CA  1 
ATOM   1104 C  C   . ASP B 2 111 ? 3.50322   6.22410   -15.42625 1.000 77.82000  ? 111 ASP B C   1 
ATOM   1105 O  O   . ASP B 2 111 ? 4.56541   6.81232   -15.61808 1.000 75.92000  ? 111 ASP B O   1 
ATOM   1106 C  CB  . ASP B 2 111 ? 1.55264   7.61547   -14.69501 1.000 78.67000  ? 111 ASP B CB  1 
ATOM   1107 C  CG  . ASP B 2 111 ? 0.27201   8.33570   -15.08222 1.000 92.70000  ? 111 ASP B CG  1 
ATOM   1108 O  OD1 . ASP B 2 111 ? 0.34968   9.50607   -15.51102 1.000 99.97000  ? 111 ASP B OD1 1 
ATOM   1109 O  OD2 . ASP B 2 111 ? -0.81340  7.72865   -14.96486 1.000 99.79000  ? 111 ASP B OD2 1 
ATOM   1110 N  N   . PHE B 2 112 ? 3.43932   5.04148   -14.81904 1.000 67.72000  ? 112 PHE B N   1 
ATOM   1111 C  CA  . PHE B 2 112 ? 4.60840   4.48051   -14.13515 1.000 76.09000  ? 112 PHE B CA  1 
ATOM   1112 C  C   . PHE B 2 112 ? 5.44805   3.44527   -14.89259 1.000 83.84000  ? 112 PHE B C   1 
ATOM   1113 O  O   . PHE B 2 112 ? 6.45648   2.97582   -14.36452 1.000 71.07000  ? 112 PHE B O   1 
ATOM   1114 C  CB  . PHE B 2 112 ? 4.16787   3.86320   -12.80724 1.000 67.71000  ? 112 PHE B CB  1 
ATOM   1115 C  CG  . PHE B 2 112 ? 3.87418   4.87740   -11.74410 1.000 71.78000  ? 112 PHE B CG  1 
ATOM   1116 C  CD1 . PHE B 2 112 ? 4.90556   5.55312   -11.11454 1.000 69.98000  ? 112 PHE B CD1 1 
ATOM   1117 C  CD2 . PHE B 2 112 ? 2.56992   5.16013   -11.37626 1.000 69.41000  ? 112 PHE B CD2 1 
ATOM   1118 C  CE1 . PHE B 2 112 ? 4.64261   6.49073   -10.13561 1.000 84.75000  ? 112 PHE B CE1 1 
ATOM   1119 C  CE2 . PHE B 2 112 ? 2.30035   6.09700   -10.39816 1.000 70.58000  ? 112 PHE B CE2 1 
ATOM   1120 C  CZ  . PHE B 2 112 ? 3.33813   6.76382   -9.77678  1.000 77.52000  ? 112 PHE B CZ  1 
ATOM   1121 N  N   . ALA B 2 113 ? 5.05364   3.08460   -16.10907 1.000 85.76000  ? 113 ALA B N   1 
ATOM   1122 C  CA  . ALA B 2 113 ? 5.79580   2.06607   -16.85376 1.000 85.01000  ? 113 ALA B CA  1 
ATOM   1123 C  C   . ALA B 2 113 ? 7.18098   2.56419   -17.25404 1.000 70.50000  ? 113 ALA B C   1 
ATOM   1124 O  O   . ALA B 2 113 ? 7.32738   3.67526   -17.75747 1.000 59.23000  ? 113 ALA B O   1 
ATOM   1125 C  CB  . ALA B 2 113 ? 5.01974   1.63159   -18.08499 1.000 87.30000  ? 113 ALA B CB  1 
ATOM   1126 N  N   . GLY B 2 114 ? 8.19564   1.73460   -17.02945 1.000 63.50000  ? 114 GLY B N   1 
ATOM   1127 C  CA  . GLY B 2 114 ? 9.56045   2.09483   -17.36970 1.000 66.62000  ? 114 GLY B CA  1 
ATOM   1128 C  C   . GLY B 2 114 ? 10.30771  2.69545   -16.19571 1.000 63.15000  ? 114 GLY B C   1 
ATOM   1129 O  O   . GLY B 2 114 ? 11.47184  3.07513   -16.31488 1.000 66.47000  ? 114 GLY B O   1 
ATOM   1130 N  N   . ILE B 2 115 ? 9.62762   2.78711   -15.05715 1.000 67.04000  ? 115 ILE B N   1 
ATOM   1131 C  CA  . ILE B 2 115 ? 10.24145  3.28738   -13.83408 1.000 60.16000  ? 115 ILE B CA  1 
ATOM   1132 C  C   . ILE B 2 115 ? 10.60611  2.12475   -12.91986 1.000 54.88000  ? 115 ILE B C   1 
ATOM   1133 O  O   . ILE B 2 115 ? 9.74166   1.33335   -12.54591 1.000 76.49000  ? 115 ILE B O   1 
ATOM   1134 C  CB  . ILE B 2 115 ? 9.30807   4.25681   -13.08375 1.000 69.25000  ? 115 ILE B CB  1 
ATOM   1135 C  CG1 . ILE B 2 115 ? 8.85249   5.38694   -14.00923 1.000 64.91000  ? 115 ILE B CG1 1 
ATOM   1136 C  CG2 . ILE B 2 115 ? 9.99702   4.81557   -11.84796 1.000 69.77000  ? 115 ILE B CG2 1 
ATOM   1137 C  CD1 . ILE B 2 115 ? 7.90535   6.36815   -13.35456 1.000 73.43000  ? 115 ILE B CD1 1 
ATOM   1138 N  N   . PRO B 2 116 ? 11.89369  2.01561   -12.56051 1.000 65.40000  ? 116 PRO B N   1 
ATOM   1139 C  CA  . PRO B 2 116 ? 12.37152  0.92119   -11.70760 1.000 61.11000  ? 116 PRO B CA  1 
ATOM   1140 C  C   . PRO B 2 116 ? 11.77892  0.97249   -10.30412 1.000 71.27000  ? 116 PRO B C   1 
ATOM   1141 O  O   . PRO B 2 116 ? 11.54912  2.05776   -9.76858  1.000 61.67000  ? 116 PRO B O   1 
ATOM   1142 C  CB  . PRO B 2 116 ? 13.88768  1.14206   -11.66854 1.000 63.61000  ? 116 PRO B CB  1 
ATOM   1143 C  CG  . PRO B 2 116 ? 14.06646  2.59037   -11.96480 1.000 69.12000  ? 116 PRO B CG  1 
ATOM   1144 C  CD  . PRO B 2 116 ? 12.98065  2.93549   -12.93780 1.000 63.14000  ? 116 PRO B CD  1 
ATOM   1145 N  N   . GLY B 2 117 ? 11.53419  -0.19720  -9.72036  1.000 63.57000  ? 117 GLY B N   1 
ATOM   1146 C  CA  . GLY B 2 117 ? 10.96589  -0.28298  -8.38821  1.000 72.40000  ? 117 GLY B CA  1 
ATOM   1147 C  C   . GLY B 2 117 ? 9.45439   -0.17074  -8.39422  1.000 80.10000  ? 117 GLY B C   1 
ATOM   1148 O  O   . GLY B 2 117 ? 8.83973   0.11187   -7.36620  1.000 75.80000  ? 117 GLY B O   1 
ATOM   1149 N  N   . VAL B 2 118 ? 8.85262   -0.39021  -9.55889  1.000 61.28000  ? 118 VAL B N   1 
ATOM   1150 C  CA  . VAL B 2 118 ? 7.40195   -0.32484  -9.69428  1.000 69.97000  ? 118 VAL B CA  1 
ATOM   1151 C  C   . VAL B 2 118 ? 6.84715   -1.64194  -10.22835 1.000 71.46000  ? 118 VAL B C   1 
ATOM   1152 O  O   . VAL B 2 118 ? 7.32522   -2.16410  -11.23573 1.000 84.27000  ? 118 VAL B O   1 
ATOM   1153 C  CB  . VAL B 2 118 ? 6.97015   0.82523   -10.62600 1.000 63.39000  ? 118 VAL B CB  1 
ATOM   1154 C  CG1 . VAL B 2 118 ? 5.45438   0.87653   -10.74059 1.000 66.02000  ? 118 VAL B CG1 1 
ATOM   1155 C  CG2 . VAL B 2 118 ? 7.51181   2.15247   -10.11579 1.000 74.43000  ? 118 VAL B CG2 1 
ATOM   1156 N  N   . VAL B 2 119 ? 5.84131   -2.17807  -9.54558  1.000 74.54000  ? 119 VAL B N   1 
ATOM   1157 C  CA  . VAL B 2 119 ? 5.22790   -3.43925  -9.94602  1.000 76.38000  ? 119 VAL B CA  1 
ATOM   1158 C  C   . VAL B 2 119 ? 3.72371   -3.29242  -10.14885 1.000 68.90000  ? 119 VAL B C   1 
ATOM   1159 O  O   . VAL B 2 119 ? 3.00811   -2.87310  -9.23980  1.000 67.68000  ? 119 VAL B O   1 
ATOM   1160 C  CB  . VAL B 2 119 ? 5.47866   -4.54767  -8.90060  1.000 71.33000  ? 119 VAL B CB  1 
ATOM   1161 C  CG1 . VAL B 2 119 ? 4.91736   -5.87284  -9.38847  1.000 63.66000  ? 119 VAL B CG1 1 
ATOM   1162 C  CG2 . VAL B 2 119 ? 6.96312   -4.67424  -8.60007  1.000 60.61000  ? 119 VAL B CG2 1 
ATOM   1163 N  N   . THR B 2 120 ? 3.24492   -3.63245  -11.34245 1.000 79.85000  ? 120 THR B N   1 
ATOM   1164 C  CA  . THR B 2 120 ? 1.80854   -3.65055  -11.59850 1.000 67.39000  ? 120 THR B CA  1 
ATOM   1165 C  C   . THR B 2 120 ? 1.28752   -5.08097  -11.50025 1.000 74.82000  ? 120 THR B C   1 
ATOM   1166 O  O   . THR B 2 120 ? 1.50652   -5.88867  -12.40394 1.000 74.55000  ? 120 THR B O   1 
ATOM   1167 C  CB  . THR B 2 120 ? 1.46793   -3.06760  -12.98180 1.000 75.86000  ? 120 THR B CB  1 
ATOM   1168 O  OG1 . THR B 2 120 ? 1.91794   -1.70995  -13.05582 1.000 81.86000  ? 120 THR B OG1 1 
ATOM   1169 C  CG2 . THR B 2 120 ? -0.03395  -3.11139  -13.22148 1.000 81.86000  ? 120 THR B CG2 1 
ATOM   1170 N  N   . PRO B 2 121 ? 0.59733   -5.39813  -10.39913 1.000 86.08000  ? 121 PRO B N   1 
ATOM   1171 C  CA  . PRO B 2 121 ? 0.13606   -6.75516  -10.09325 1.000 73.37000  ? 121 PRO B CA  1 
ATOM   1172 C  C   . PRO B 2 121 ? -1.00849  -7.25420  -10.97750 1.000 79.68000  ? 121 PRO B C   1 
ATOM   1173 O  O   . PRO B 2 121 ? -1.08095  -8.45155  -11.25204 1.000 98.31000  ? 121 PRO B O   1 
ATOM   1174 C  CB  . PRO B 2 121 ? -0.31150  -6.65225  -8.63515  1.000 64.44000  ? 121 PRO B CB  1 
ATOM   1175 C  CG  . PRO B 2 121 ? -0.73825  -5.24181  -8.48573  1.000 71.17000  ? 121 PRO B CG  1 
ATOM   1176 C  CD  . PRO B 2 121 ? 0.17517   -4.43110  -9.36264  1.000 78.04000  ? 121 PRO B CD  1 
ATOM   1177 N  N   . TYR B 2 122 ? -1.90965  -6.36352  -11.37979 1.000 69.78000  ? 122 TYR B N   1 
ATOM   1178 C  CA  . TYR B 2 122 ? -3.06362  -6.78797  -12.16230 1.000 71.26000  ? 122 TYR B CA  1 
ATOM   1179 C  C   . TYR B 2 122 ? -3.67686  -5.65666  -12.96866 1.000 77.46000  ? 122 TYR B C   1 
ATOM   1180 O  O   . TYR B 2 122 ? -3.42135  -4.47845  -12.71693 1.000 94.33000  ? 122 TYR B O   1 
ATOM   1181 C  CB  . TYR B 2 122 ? -4.12193  -7.41299  -11.24977 1.000 78.66000  ? 122 TYR B CB  1 
ATOM   1182 C  CG  . TYR B 2 122 ? -4.74414  -6.46323  -10.24939 1.000 94.08000  ? 122 TYR B CG  1 
ATOM   1183 C  CD1 . TYR B 2 122 ? -6.01847  -5.95036  -10.45004 1.000 83.91000  ? 122 TYR B CD1 1 
ATOM   1184 C  CD2 . TYR B 2 122 ? -4.06233  -6.09008  -9.09800  1.000 78.91000  ? 122 TYR B CD2 1 
ATOM   1185 C  CE1 . TYR B 2 122 ? -6.59437  -5.09292  -9.53418  1.000 73.58000  ? 122 TYR B CE1 1 
ATOM   1186 C  CE2 . TYR B 2 122 ? -4.62713  -5.22996  -8.18028  1.000 69.47000  ? 122 TYR B CE2 1 
ATOM   1187 C  CZ  . TYR B 2 122 ? -5.89338  -4.73398  -8.40258  1.000 81.78000  ? 122 TYR B CZ  1 
ATOM   1188 O  OH  . TYR B 2 122 ? -6.46037  -3.87710  -7.48855  1.000 92.08000  ? 122 TYR B OH  1 
ATOM   1189 N  N   . GLU B 2 123 ? -4.49161  -6.02878  -13.94559 1.000 87.38000  ? 123 GLU B N   1 
ATOM   1190 C  CA  . GLU B 2 123 ? -5.11558  -5.04597  -14.80834 1.000 111.33000 ? 123 GLU B CA  1 
ATOM   1191 C  C   . GLU B 2 123 ? -6.62952  -5.06250  -14.63105 1.000 109.13000 ? 123 GLU B C   1 
ATOM   1192 O  O   . GLU B 2 123 ? -7.19223  -4.14643  -14.03555 1.000 100.06000 ? 123 GLU B O   1 
ATOM   1193 C  CB  . GLU B 2 123 ? -4.72391  -5.30221  -16.25810 1.000 109.16000 ? 123 GLU B CB  1 
ATOM   1194 C  CG  . GLU B 2 123 ? -5.24440  -4.26669  -17.21531 1.000 124.16000 ? 123 GLU B CG  1 
ATOM   1195 C  CD  . GLU B 2 123 ? -4.75454  -4.49335  -18.62574 1.000 130.93000 ? 123 GLU B CD  1 
ATOM   1196 O  OE1 . GLU B 2 123 ? -5.03994  -5.56581  -19.19791 1.000 125.66000 ? 123 GLU B OE1 1 
ATOM   1197 O  OE2 . GLU B 2 123 ? -4.07830  -3.59597  -19.16456 1.000 136.13000 ? 123 GLU B OE2 1 
ATOM   1198 N  N   . ILE B 2 124 ? -7.28115  -6.10486  -15.14085 1.000 110.47000 ? 124 ILE B N   1 
ATOM   1199 C  CA  . ILE B 2 124 ? -8.70387  -6.33742  -14.88063 1.000 117.75000 ? 124 ILE B CA  1 
ATOM   1200 C  C   . ILE B 2 124 ? -9.05720  -7.81521  -14.99257 1.000 128.12000 ? 124 ILE B C   1 
ATOM   1201 O  O   . ILE B 2 124 ? -8.23772  -8.68390  -14.69835 1.000 129.43000 ? 124 ILE B O   1 
ATOM   1202 C  CB  . ILE B 2 124 ? -9.61039  -5.54169  -15.84102 1.000 117.55000 ? 124 ILE B CB  1 
ATOM   1203 C  CG1 . ILE B 2 124 ? -8.88816  -5.27286  -17.16310 1.000 115.35000 ? 124 ILE B CG1 1 
ATOM   1204 C  CG2 . ILE B 2 124 ? -10.08348 -4.25194  -15.19337 1.000 112.32000 ? 124 ILE B CG2 1 
ATOM   1205 C  CD1 . ILE B 2 124 ? -9.69550  -4.46346  -18.14934 1.000 115.66000 ? 124 ILE B CD1 1 
HETATM 1206 O  O   . HOH C 3 .   ? 20.87040  -20.87506 22.32454  1.000 89.56000  ? 101 HOH A O   1 
HETATM 1207 O  O   . HOH D 3 .   ? -4.00784  1.54606   -15.82245 1.000 86.32000  ? 201 HOH B O   1 
HETATM 1208 O  O   . HOH D 3 .   ? -12.20778 2.01262   -9.25979  1.000 68.74000  ? 202 HOH B O   1 
HETATM 1209 O  O   . HOH D 3 .   ? -1.76622  -5.74651  5.17377   1.000 70.87000  ? 203 HOH B O   1 
HETATM 1210 O  O   . HOH D 3 .   ? -14.78452 0.86567   -8.44438  1.000 66.12000  ? 204 HOH B O   1 
HETATM 1211 O  O   . HOH D 3 .   ? 4.32731   -15.21633 -3.39452  1.000 54.92000  ? 205 HOH B O   1 
HETATM 1212 O  O   . HOH D 3 .   ? 0.21767   -16.65664 -1.61589  1.000 76.73000  ? 206 HOH B O   1 
HETATM 1213 O  O   . HOH D 3 .   ? 2.13039   -15.91376 -2.65733  1.000 67.91000  ? 207 HOH B O   1 
HETATM 1214 O  O   . HOH D 3 .   ? -9.30472  4.17671   -11.14719 1.000 75.84000  ? 209 HOH B O   1 
# 
